data_8DCJ
# 
_entry.id   8DCJ 
# 
_audit_conform.dict_name       mmcif_pdbx.dic 
_audit_conform.dict_version    5.380 
_audit_conform.dict_location   http://mmcif.pdb.org/dictionaries/ascii/mmcif_pdbx.dic 
# 
loop_
_database_2.database_id 
_database_2.database_code 
_database_2.pdbx_database_accession 
_database_2.pdbx_DOI 
PDB   8DCJ         pdb_00008dcj 10.2210/pdb8dcj/pdb 
WWPDB D_1000266431 ?            ?                   
# 
_pdbx_database_related.db_name        PDB 
_pdbx_database_related.details        'A:T instead of G:C sticky ends' 
_pdbx_database_related.db_id          5W6W 
_pdbx_database_related.content_type   unspecified 
# 
_pdbx_database_status.status_code                     REL 
_pdbx_database_status.status_code_sf                  REL 
_pdbx_database_status.status_code_mr                  ? 
_pdbx_database_status.entry_id                        8DCJ 
_pdbx_database_status.recvd_initial_deposition_date   2022-06-16 
_pdbx_database_status.SG_entry                        N 
_pdbx_database_status.deposit_site                    RCSB 
_pdbx_database_status.process_site                    RCSB 
_pdbx_database_status.status_code_cs                  ? 
_pdbx_database_status.status_code_nmr_data            ? 
_pdbx_database_status.methods_development_category    ? 
_pdbx_database_status.pdb_format_compatible           Y 
# 
loop_
_audit_author.name 
_audit_author.pdbx_ordinal 
_audit_author.identifier_ORCID 
'Lu, B.'        1 0000-0001-6424-2197 
'Vecchioni, S.' 2 0000-0001-8243-650X 
'Ohayon, Y.P.'  3 0000-0001-7500-4282 
'Seeman, N.C.'  4 0000-0002-9680-4649 
'Mao, C.'       5 0000-0001-7516-8666 
'Sha, R.'       6 0000-0002-0807-734X 
# 
_citation.abstract                  ? 
_citation.abstract_id_CAS           ? 
_citation.book_id_ISBN              ? 
_citation.book_publisher            ? 
_citation.book_publisher_city       ? 
_citation.book_title                ? 
_citation.coordinate_linkage        ? 
_citation.country                   GE 
_citation.database_id_Medline       ? 
_citation.details                   ? 
_citation.id                        primary 
_citation.journal_abbrev            Angew.Chem.Int.Ed.Engl. 
_citation.journal_id_ASTM           ACIEAY 
_citation.journal_id_CSD            0179 
_citation.journal_id_ISSN           1521-3773 
_citation.journal_full              ? 
_citation.journal_issue             ? 
_citation.journal_volume            62 
_citation.language                  ? 
_citation.page_first                e202213451 
_citation.page_last                 e202213451 
_citation.title                     'Programmable 3D Hexagonal Geometry of DNA Tensegrity Triangles.' 
_citation.year                      2023 
_citation.database_id_CSD           ? 
_citation.pdbx_database_id_DOI      10.1002/anie.202213451 
_citation.pdbx_database_id_PubMed   36520622 
_citation.pdbx_database_id_patent   ? 
_citation.unpublished_flag          ? 
# 
loop_
_citation_author.citation_id 
_citation_author.name 
_citation_author.ordinal 
_citation_author.identifier_ORCID 
primary 'Lu, B.'        1 ?                   
primary 'Woloszyn, K.'  2 ?                   
primary 'Ohayon, Y.P.'  3 ?                   
primary 'Yang, B.'      4 ?                   
primary 'Zhang, C.'     5 ?                   
primary 'Mao, C.'       6 ?                   
primary 'Seeman, N.C.'  7 ?                   
primary 'Vecchioni, S.' 8 ?                   
primary 'Sha, R.'       9 0000-0002-0807-734X 
# 
_cell.angle_alpha                  90.000 
_cell.angle_alpha_esd              ? 
_cell.angle_beta                   90.000 
_cell.angle_beta_esd               ? 
_cell.angle_gamma                  120.000 
_cell.angle_gamma_esd              ? 
_cell.entry_id                     8DCJ 
_cell.details                      ? 
_cell.formula_units_Z              ? 
_cell.length_a                     105.527 
_cell.length_a_esd                 ? 
_cell.length_b                     105.527 
_cell.length_b_esd                 ? 
_cell.length_c                     96.025 
_cell.length_c_esd                 ? 
_cell.volume                       926066.409 
_cell.volume_esd                   ? 
_cell.Z_PDB                        9 
_cell.reciprocal_angle_alpha       ? 
_cell.reciprocal_angle_beta        ? 
_cell.reciprocal_angle_gamma       ? 
_cell.reciprocal_angle_alpha_esd   ? 
_cell.reciprocal_angle_beta_esd    ? 
_cell.reciprocal_angle_gamma_esd   ? 
_cell.reciprocal_length_a          ? 
_cell.reciprocal_length_b          ? 
_cell.reciprocal_length_c          ? 
_cell.reciprocal_length_a_esd      ? 
_cell.reciprocal_length_b_esd      ? 
_cell.reciprocal_length_c_esd      ? 
_cell.pdbx_unique_axis             ? 
_cell.pdbx_esd_method              ? 
# 
_symmetry.entry_id                         8DCJ 
_symmetry.cell_setting                     ? 
_symmetry.Int_Tables_number                146 
_symmetry.space_group_name_Hall            'R 3' 
_symmetry.space_group_name_H-M             'H 3' 
_symmetry.pdbx_full_space_group_name_H-M   ? 
# 
loop_
_entity.id 
_entity.type 
_entity.src_method 
_entity.pdbx_description 
_entity.formula_weight 
_entity.pdbx_number_of_molecules 
_entity.pdbx_ec 
_entity.pdbx_mutation 
_entity.pdbx_fragment 
_entity.details 
1 polymer syn 
;DNA (5'-D(*AP*AP*GP*CP*AP*GP*CP*CP*TP*GP*TP*AP*CP*GP*GP*AP*CP*AP*TP*CP*A)-3')
;
6441.188 1 ? ? ? ? 
2 polymer syn 
;DNA (5'-D(P*CP*CP*GP*TP*AP*CP*A)-3')
;
2082.400 1 ? ? ? ? 
3 polymer syn 
;DNA (5'-D(P*GP*GP*CP*TP*GP*CP*T)-3')
;
2129.409 1 ? ? ? ? 
4 polymer syn 
;DNA (5'-D(*TP*TP*GP*AP*TP*GP*T)-3')
;
2143.432 1 ? ? ? ? 
# 
loop_
_entity_poly.entity_id 
_entity_poly.type 
_entity_poly.nstd_linkage 
_entity_poly.nstd_monomer 
_entity_poly.pdbx_seq_one_letter_code 
_entity_poly.pdbx_seq_one_letter_code_can 
_entity_poly.pdbx_strand_id 
_entity_poly.pdbx_target_identifier 
1 polydeoxyribonucleotide no no 
;(DA)(DA)(DG)(DC)(DA)(DG)(DC)(DC)(DT)(DG)(DT)(DA)(DC)(DG)(DG)(DA)(DC)(DA)(DT)(DC)
(DA)
;
AAGCAGCCTGTACGGACATCA A ? 
2 polydeoxyribonucleotide no no '(DC)(DC)(DG)(DT)(DA)(DC)(DA)'                                                          CCGTACA B 
? 
3 polydeoxyribonucleotide no no '(DG)(DG)(DC)(DT)(DG)(DC)(DT)'                                                          GGCTGCT C 
? 
4 polydeoxyribonucleotide no no '(DT)(DT)(DG)(DA)(DT)(DG)(DT)'                                                          TTGATGT D 
? 
# 
loop_
_entity_poly_seq.entity_id 
_entity_poly_seq.num 
_entity_poly_seq.mon_id 
_entity_poly_seq.hetero 
1 1  DA n 
1 2  DA n 
1 3  DG n 
1 4  DC n 
1 5  DA n 
1 6  DG n 
1 7  DC n 
1 8  DC n 
1 9  DT n 
1 10 DG n 
1 11 DT n 
1 12 DA n 
1 13 DC n 
1 14 DG n 
1 15 DG n 
1 16 DA n 
1 17 DC n 
1 18 DA n 
1 19 DT n 
1 20 DC n 
1 21 DA n 
2 1  DC n 
2 2  DC n 
2 3  DG n 
2 4  DT n 
2 5  DA n 
2 6  DC n 
2 7  DA n 
3 1  DG n 
3 2  DG n 
3 3  DC n 
3 4  DT n 
3 5  DG n 
3 6  DC n 
3 7  DT n 
4 1  DT n 
4 2  DT n 
4 3  DG n 
4 4  DA n 
4 5  DT n 
4 6  DG n 
4 7  DT n 
# 
loop_
_pdbx_entity_src_syn.entity_id 
_pdbx_entity_src_syn.pdbx_src_id 
_pdbx_entity_src_syn.pdbx_alt_source_flag 
_pdbx_entity_src_syn.pdbx_beg_seq_num 
_pdbx_entity_src_syn.pdbx_end_seq_num 
_pdbx_entity_src_syn.organism_scientific 
_pdbx_entity_src_syn.organism_common_name 
_pdbx_entity_src_syn.ncbi_taxonomy_id 
_pdbx_entity_src_syn.details 
1 1 sample 1 21 'synthetic construct' ? 32630 ? 
2 1 sample 1 7  'synthetic construct' ? 32630 ? 
3 1 sample 1 7  'synthetic construct' ? 32630 ? 
4 1 sample 1 7  'synthetic construct' ? 32630 ? 
# 
loop_
_struct_ref.id 
_struct_ref.db_name 
_struct_ref.db_code 
_struct_ref.pdbx_db_accession 
_struct_ref.pdbx_db_isoform 
_struct_ref.entity_id 
_struct_ref.pdbx_seq_one_letter_code 
_struct_ref.pdbx_align_begin 
1 PDB 8DCJ 8DCJ ? 1 ? 1 
2 PDB 8DCJ 8DCJ ? 2 ? 1 
3 PDB 8DCJ 8DCJ ? 3 ? 1 
4 PDB 8DCJ 8DCJ ? 4 ? 1 
# 
loop_
_struct_ref_seq.align_id 
_struct_ref_seq.ref_id 
_struct_ref_seq.pdbx_PDB_id_code 
_struct_ref_seq.pdbx_strand_id 
_struct_ref_seq.seq_align_beg 
_struct_ref_seq.pdbx_seq_align_beg_ins_code 
_struct_ref_seq.seq_align_end 
_struct_ref_seq.pdbx_seq_align_end_ins_code 
_struct_ref_seq.pdbx_db_accession 
_struct_ref_seq.db_align_beg 
_struct_ref_seq.pdbx_db_align_beg_ins_code 
_struct_ref_seq.db_align_end 
_struct_ref_seq.pdbx_db_align_end_ins_code 
_struct_ref_seq.pdbx_auth_seq_align_beg 
_struct_ref_seq.pdbx_auth_seq_align_end 
1 1 8DCJ A 1 ? 21 ? 8DCJ 1 ? 21 ? 1 21 
2 2 8DCJ B 1 ? 7  ? 8DCJ 1 ? 7  ? 1 7  
3 3 8DCJ C 1 ? 7  ? 8DCJ 8 ? 14 ? 8 14 
4 4 8DCJ D 1 ? 7  ? 8DCJ 1 ? 7  ? 1 7  
# 
loop_
_chem_comp.id 
_chem_comp.type 
_chem_comp.mon_nstd_flag 
_chem_comp.name 
_chem_comp.pdbx_synonyms 
_chem_comp.formula 
_chem_comp.formula_weight 
DA 'DNA linking' y "2'-DEOXYADENOSINE-5'-MONOPHOSPHATE" ? 'C10 H14 N5 O6 P' 331.222 
DC 'DNA linking' y "2'-DEOXYCYTIDINE-5'-MONOPHOSPHATE"  ? 'C9 H14 N3 O7 P'  307.197 
DG 'DNA linking' y "2'-DEOXYGUANOSINE-5'-MONOPHOSPHATE" ? 'C10 H14 N5 O7 P' 347.221 
DT 'DNA linking' y "THYMIDINE-5'-MONOPHOSPHATE"         ? 'C10 H15 N2 O8 P' 322.208 
# 
_exptl.absorpt_coefficient_mu     ? 
_exptl.absorpt_correction_T_max   ? 
_exptl.absorpt_correction_T_min   ? 
_exptl.absorpt_correction_type    ? 
_exptl.absorpt_process_details    ? 
_exptl.entry_id                   8DCJ 
_exptl.crystals_number            1 
_exptl.details                    ? 
_exptl.method                     'X-RAY DIFFRACTION' 
_exptl.method_details             ? 
# 
_exptl_crystal.colour                       ? 
_exptl_crystal.density_diffrn               ? 
_exptl_crystal.density_Matthews             8.04 
_exptl_crystal.density_method               ? 
_exptl_crystal.density_percent_sol          84.70 
_exptl_crystal.description                  ? 
_exptl_crystal.F_000                        ? 
_exptl_crystal.id                           1 
_exptl_crystal.preparation                  ? 
_exptl_crystal.size_max                     ? 
_exptl_crystal.size_mid                     ? 
_exptl_crystal.size_min                     ? 
_exptl_crystal.size_rad                     ? 
_exptl_crystal.colour_lustre                ? 
_exptl_crystal.colour_modifier              ? 
_exptl_crystal.colour_primary               ? 
_exptl_crystal.density_meas                 ? 
_exptl_crystal.density_meas_esd             ? 
_exptl_crystal.density_meas_gt              ? 
_exptl_crystal.density_meas_lt              ? 
_exptl_crystal.density_meas_temp            ? 
_exptl_crystal.density_meas_temp_esd        ? 
_exptl_crystal.density_meas_temp_gt         ? 
_exptl_crystal.density_meas_temp_lt         ? 
_exptl_crystal.pdbx_crystal_image_url       ? 
_exptl_crystal.pdbx_crystal_image_format    ? 
_exptl_crystal.pdbx_mosaicity               ? 
_exptl_crystal.pdbx_mosaicity_esd           ? 
_exptl_crystal.pdbx_mosaic_method           ? 
_exptl_crystal.pdbx_mosaic_block_size       ? 
_exptl_crystal.pdbx_mosaic_block_size_esd   ? 
# 
_exptl_crystal_grow.apparatus       ? 
_exptl_crystal_grow.atmosphere      ? 
_exptl_crystal_grow.crystal_id      1 
_exptl_crystal_grow.details         ? 
_exptl_crystal_grow.method          'VAPOR DIFFUSION, HANGING DROP' 
_exptl_crystal_grow.method_ref      ? 
_exptl_crystal_grow.pH              9.5 
_exptl_crystal_grow.pressure        ? 
_exptl_crystal_grow.pressure_esd    ? 
_exptl_crystal_grow.seeding         ? 
_exptl_crystal_grow.seeding_ref     ? 
_exptl_crystal_grow.temp            293 
_exptl_crystal_grow.temp_details    '338-293 at 0.4/hr' 
_exptl_crystal_grow.temp_esd        ? 
_exptl_crystal_grow.time            ? 
_exptl_crystal_grow.pdbx_details    '1.75 M ammonium sulfate, 120 mM Tris, 120 mM Acetic Acid, 6 mM EDTA' 
_exptl_crystal_grow.pdbx_pH_range   ? 
# 
_diffrn.ambient_environment              ? 
_diffrn.ambient_temp                     100 
_diffrn.ambient_temp_details             ? 
_diffrn.ambient_temp_esd                 ? 
_diffrn.crystal_id                       1 
_diffrn.crystal_support                  ? 
_diffrn.crystal_treatment                ? 
_diffrn.details                          ? 
_diffrn.id                               1 
_diffrn.ambient_pressure                 ? 
_diffrn.ambient_pressure_esd             ? 
_diffrn.ambient_pressure_gt              ? 
_diffrn.ambient_pressure_lt              ? 
_diffrn.ambient_temp_gt                  ? 
_diffrn.ambient_temp_lt                  ? 
_diffrn.pdbx_serial_crystal_experiment   N 
# 
_diffrn_detector.details                      ? 
_diffrn_detector.detector                     PIXEL 
_diffrn_detector.diffrn_id                    1 
_diffrn_detector.type                         'DECTRIS EIGER2 X 9M' 
_diffrn_detector.area_resol_mean              ? 
_diffrn_detector.dtime                        ? 
_diffrn_detector.pdbx_frames_total            ? 
_diffrn_detector.pdbx_collection_time_total   ? 
_diffrn_detector.pdbx_collection_date         2021-02-21 
_diffrn_detector.pdbx_frequency               ? 
# 
_diffrn_radiation.collimation                      ? 
_diffrn_radiation.diffrn_id                        1 
_diffrn_radiation.filter_edge                      ? 
_diffrn_radiation.inhomogeneity                    ? 
_diffrn_radiation.monochromator                    ? 
_diffrn_radiation.polarisn_norm                    ? 
_diffrn_radiation.polarisn_ratio                   ? 
_diffrn_radiation.probe                            ? 
_diffrn_radiation.type                             ? 
_diffrn_radiation.xray_symbol                      ? 
_diffrn_radiation.wavelength_id                    1 
_diffrn_radiation.pdbx_monochromatic_or_laue_m_l   M 
_diffrn_radiation.pdbx_wavelength_list             ? 
_diffrn_radiation.pdbx_wavelength                  ? 
_diffrn_radiation.pdbx_diffrn_protocol             'SINGLE WAVELENGTH' 
_diffrn_radiation.pdbx_analyzer                    ? 
_diffrn_radiation.pdbx_scattering_type             x-ray 
# 
_diffrn_radiation_wavelength.id           1 
_diffrn_radiation_wavelength.wavelength   1.00743 
_diffrn_radiation_wavelength.wt           1.0 
# 
_diffrn_source.current                     ? 
_diffrn_source.details                     ? 
_diffrn_source.diffrn_id                   1 
_diffrn_source.power                       ? 
_diffrn_source.size                        ? 
_diffrn_source.source                      SYNCHROTRON 
_diffrn_source.target                      ? 
_diffrn_source.type                        'APS BEAMLINE 17-ID' 
_diffrn_source.voltage                     ? 
_diffrn_source.take-off_angle              ? 
_diffrn_source.pdbx_wavelength_list        1.00743 
_diffrn_source.pdbx_wavelength             ? 
_diffrn_source.pdbx_synchrotron_beamline   17-ID 
_diffrn_source.pdbx_synchrotron_site       APS 
# 
_reflns.B_iso_Wilson_estimate                          172.34 
_reflns.entry_id                                       8DCJ 
_reflns.data_reduction_details                         ? 
_reflns.data_reduction_method                          ? 
_reflns.d_resolution_high                              3.33 
_reflns.d_resolution_low                               66.20 
_reflns.details                                        ? 
_reflns.limit_h_max                                    ? 
_reflns.limit_h_min                                    ? 
_reflns.limit_k_max                                    ? 
_reflns.limit_k_min                                    ? 
_reflns.limit_l_max                                    ? 
_reflns.limit_l_min                                    ? 
_reflns.number_all                                     ? 
_reflns.number_obs                                     3608 
_reflns.observed_criterion                             ? 
_reflns.observed_criterion_F_max                       ? 
_reflns.observed_criterion_F_min                       ? 
_reflns.observed_criterion_I_max                       ? 
_reflns.observed_criterion_I_min                       ? 
_reflns.observed_criterion_sigma_F                     ? 
_reflns.observed_criterion_sigma_I                     ? 
_reflns.percent_possible_obs                           83.2 
_reflns.R_free_details                                 ? 
_reflns.Rmerge_F_all                                   ? 
_reflns.Rmerge_F_obs                                   ? 
_reflns.Friedel_coverage                               ? 
_reflns.number_gt                                      ? 
_reflns.threshold_expression                           ? 
_reflns.pdbx_redundancy                                10.7 
_reflns.pdbx_Rmerge_I_obs                              ? 
_reflns.pdbx_Rmerge_I_all                              ? 
_reflns.pdbx_Rsym_value                                ? 
_reflns.pdbx_netI_over_av_sigmaI                       ? 
_reflns.pdbx_netI_over_sigmaI                          13.3 
_reflns.pdbx_res_netI_over_av_sigmaI_2                 ? 
_reflns.pdbx_res_netI_over_sigmaI_2                    ? 
_reflns.pdbx_chi_squared                               ? 
_reflns.pdbx_scaling_rejects                           ? 
_reflns.pdbx_d_res_high_opt                            ? 
_reflns.pdbx_d_res_low_opt                             ? 
_reflns.pdbx_d_res_opt_method                          ? 
_reflns.phase_calculation_details                      ? 
_reflns.pdbx_Rrim_I_all                                ? 
_reflns.pdbx_Rpim_I_all                                ? 
_reflns.pdbx_d_opt                                     ? 
_reflns.pdbx_number_measured_all                       ? 
_reflns.pdbx_diffrn_id                                 1 
_reflns.pdbx_ordinal                                   1 
_reflns.pdbx_CC_half                                   1.000 
_reflns.pdbx_CC_star                                   ? 
_reflns.pdbx_R_split                                   ? 
_reflns.pdbx_aniso_diffraction_limit_axis_1_ortho[1]   ? 
_reflns.pdbx_aniso_diffraction_limit_axis_1_ortho[2]   ? 
_reflns.pdbx_aniso_diffraction_limit_axis_1_ortho[3]   ? 
_reflns.pdbx_aniso_diffraction_limit_axis_2_ortho[1]   ? 
_reflns.pdbx_aniso_diffraction_limit_axis_2_ortho[2]   ? 
_reflns.pdbx_aniso_diffraction_limit_axis_2_ortho[3]   ? 
_reflns.pdbx_aniso_diffraction_limit_axis_3_ortho[1]   ? 
_reflns.pdbx_aniso_diffraction_limit_axis_3_ortho[2]   ? 
_reflns.pdbx_aniso_diffraction_limit_axis_3_ortho[3]   ? 
_reflns.pdbx_aniso_diffraction_limit_1                 ? 
_reflns.pdbx_aniso_diffraction_limit_2                 ? 
_reflns.pdbx_aniso_diffraction_limit_3                 ? 
_reflns.pdbx_aniso_B_tensor_eigenvector_1_ortho[1]     ? 
_reflns.pdbx_aniso_B_tensor_eigenvector_1_ortho[2]     ? 
_reflns.pdbx_aniso_B_tensor_eigenvector_1_ortho[3]     ? 
_reflns.pdbx_aniso_B_tensor_eigenvector_2_ortho[1]     ? 
_reflns.pdbx_aniso_B_tensor_eigenvector_2_ortho[2]     ? 
_reflns.pdbx_aniso_B_tensor_eigenvector_2_ortho[3]     ? 
_reflns.pdbx_aniso_B_tensor_eigenvector_3_ortho[1]     ? 
_reflns.pdbx_aniso_B_tensor_eigenvector_3_ortho[2]     ? 
_reflns.pdbx_aniso_B_tensor_eigenvector_3_ortho[3]     ? 
_reflns.pdbx_aniso_B_tensor_eigenvalue_1               ? 
_reflns.pdbx_aniso_B_tensor_eigenvalue_2               ? 
_reflns.pdbx_aniso_B_tensor_eigenvalue_3               ? 
_reflns.pdbx_orthogonalization_convention              ? 
_reflns.pdbx_percent_possible_ellipsoidal              ? 
_reflns.pdbx_percent_possible_spherical                ? 
_reflns.pdbx_percent_possible_ellipsoidal_anomalous    ? 
_reflns.pdbx_percent_possible_spherical_anomalous      ? 
_reflns.pdbx_redundancy_anomalous                      ? 
_reflns.pdbx_CC_half_anomalous                         ? 
_reflns.pdbx_absDiff_over_sigma_anomalous              ? 
_reflns.pdbx_percent_possible_anomalous                ? 
_reflns.pdbx_observed_signal_threshold                 ? 
_reflns.pdbx_signal_type                               ? 
_reflns.pdbx_signal_details                            ? 
_reflns.pdbx_signal_software_id                        ? 
_reflns.pdbx_CC_split_method                           ? 
# 
_reflns_shell.d_res_high                                    3.33 
_reflns_shell.d_res_low                                     3.66 
_reflns_shell.meanI_over_sigI_all                           ? 
_reflns_shell.meanI_over_sigI_obs                           ? 
_reflns_shell.number_measured_all                           ? 
_reflns_shell.number_measured_obs                           ? 
_reflns_shell.number_possible                               ? 
_reflns_shell.number_unique_all                             ? 
_reflns_shell.number_unique_obs                             194 
_reflns_shell.percent_possible_all                          ? 
_reflns_shell.percent_possible_obs                          ? 
_reflns_shell.Rmerge_F_all                                  ? 
_reflns_shell.Rmerge_F_obs                                  ? 
_reflns_shell.Rmerge_I_all                                  ? 
_reflns_shell.Rmerge_I_obs                                  ? 
_reflns_shell.meanI_over_sigI_gt                            ? 
_reflns_shell.meanI_over_uI_all                             ? 
_reflns_shell.meanI_over_uI_gt                              ? 
_reflns_shell.number_measured_gt                            ? 
_reflns_shell.number_unique_gt                              ? 
_reflns_shell.percent_possible_gt                           ? 
_reflns_shell.Rmerge_F_gt                                   ? 
_reflns_shell.Rmerge_I_gt                                   ? 
_reflns_shell.pdbx_redundancy                               ? 
_reflns_shell.pdbx_Rsym_value                               ? 
_reflns_shell.pdbx_chi_squared                              ? 
_reflns_shell.pdbx_netI_over_sigmaI_all                     ? 
_reflns_shell.pdbx_netI_over_sigmaI_obs                     ? 
_reflns_shell.pdbx_Rrim_I_all                               ? 
_reflns_shell.pdbx_Rpim_I_all                               ? 
_reflns_shell.pdbx_rejects                                  ? 
_reflns_shell.pdbx_ordinal                                  1 
_reflns_shell.pdbx_diffrn_id                                1 
_reflns_shell.pdbx_CC_half                                  0.340 
_reflns_shell.pdbx_CC_star                                  ? 
_reflns_shell.pdbx_R_split                                  ? 
_reflns_shell.pdbx_percent_possible_ellipsoidal             ? 
_reflns_shell.pdbx_percent_possible_spherical               ? 
_reflns_shell.pdbx_percent_possible_ellipsoidal_anomalous   ? 
_reflns_shell.pdbx_percent_possible_spherical_anomalous     ? 
_reflns_shell.pdbx_redundancy_anomalous                     ? 
_reflns_shell.pdbx_CC_half_anomalous                        ? 
_reflns_shell.pdbx_absDiff_over_sigma_anomalous             ? 
_reflns_shell.pdbx_percent_possible_anomalous               ? 
# 
_refine.aniso_B[1][1]                            ? 
_refine.aniso_B[1][2]                            ? 
_refine.aniso_B[1][3]                            ? 
_refine.aniso_B[2][2]                            ? 
_refine.aniso_B[2][3]                            ? 
_refine.aniso_B[3][3]                            ? 
_refine.B_iso_max                                ? 
_refine.B_iso_mean                               148.31 
_refine.B_iso_min                                ? 
_refine.correlation_coeff_Fo_to_Fc               ? 
_refine.correlation_coeff_Fo_to_Fc_free          ? 
_refine.details                                  ? 
_refine.diff_density_max                         ? 
_refine.diff_density_max_esd                     ? 
_refine.diff_density_min                         ? 
_refine.diff_density_min_esd                     ? 
_refine.diff_density_rms                         ? 
_refine.diff_density_rms_esd                     ? 
_refine.entry_id                                 8DCJ 
_refine.pdbx_refine_id                           'X-RAY DIFFRACTION' 
_refine.ls_abs_structure_details                 ? 
_refine.ls_abs_structure_Flack                   ? 
_refine.ls_abs_structure_Flack_esd               ? 
_refine.ls_abs_structure_Rogers                  ? 
_refine.ls_abs_structure_Rogers_esd              ? 
_refine.ls_d_res_high                            3.33 
_refine.ls_d_res_low                             33.10 
_refine.ls_extinction_coef                       ? 
_refine.ls_extinction_coef_esd                   ? 
_refine.ls_extinction_expression                 ? 
_refine.ls_extinction_method                     ? 
_refine.ls_goodness_of_fit_all                   ? 
_refine.ls_goodness_of_fit_all_esd               ? 
_refine.ls_goodness_of_fit_obs                   ? 
_refine.ls_goodness_of_fit_obs_esd               ? 
_refine.ls_hydrogen_treatment                    ? 
_refine.ls_matrix_type                           ? 
_refine.ls_number_constraints                    ? 
_refine.ls_number_parameters                     ? 
_refine.ls_number_reflns_all                     ? 
_refine.ls_number_reflns_obs                     3467 
_refine.ls_number_reflns_R_free                  206 
_refine.ls_number_reflns_R_work                  3261 
_refine.ls_number_restraints                     ? 
_refine.ls_percent_reflns_obs                    59.30 
_refine.ls_percent_reflns_R_free                 5.94 
_refine.ls_R_factor_all                          ? 
_refine.ls_R_factor_obs                          0.2097 
_refine.ls_R_factor_R_free                       0.2299 
_refine.ls_R_factor_R_free_error                 ? 
_refine.ls_R_factor_R_free_error_details         ? 
_refine.ls_R_factor_R_work                       0.2083 
_refine.ls_R_Fsqd_factor_obs                     ? 
_refine.ls_R_I_factor_obs                        ? 
_refine.ls_redundancy_reflns_all                 ? 
_refine.ls_redundancy_reflns_obs                 ? 
_refine.ls_restrained_S_all                      ? 
_refine.ls_restrained_S_obs                      ? 
_refine.ls_shift_over_esd_max                    ? 
_refine.ls_shift_over_esd_mean                   ? 
_refine.ls_structure_factor_coef                 ? 
_refine.ls_weighting_details                     ? 
_refine.ls_weighting_scheme                      ? 
_refine.ls_wR_factor_all                         ? 
_refine.ls_wR_factor_obs                         ? 
_refine.ls_wR_factor_R_free                      ? 
_refine.ls_wR_factor_R_work                      ? 
_refine.occupancy_max                            ? 
_refine.occupancy_min                            ? 
_refine.solvent_model_details                    'FLAT BULK SOLVENT MODEL' 
_refine.solvent_model_param_bsol                 ? 
_refine.solvent_model_param_ksol                 ? 
_refine.pdbx_R_complete                          ? 
_refine.ls_R_factor_gt                           ? 
_refine.ls_goodness_of_fit_gt                    ? 
_refine.ls_goodness_of_fit_ref                   ? 
_refine.ls_shift_over_su_max                     ? 
_refine.ls_shift_over_su_max_lt                  ? 
_refine.ls_shift_over_su_mean                    ? 
_refine.ls_shift_over_su_mean_lt                 ? 
_refine.pdbx_ls_sigma_I                          ? 
_refine.pdbx_ls_sigma_F                          1.96 
_refine.pdbx_ls_sigma_Fsqd                       ? 
_refine.pdbx_data_cutoff_high_absF               ? 
_refine.pdbx_data_cutoff_high_rms_absF           ? 
_refine.pdbx_data_cutoff_low_absF                ? 
_refine.pdbx_isotropic_thermal_model             ? 
_refine.pdbx_ls_cross_valid_method               'FREE R-VALUE' 
_refine.pdbx_method_to_determine_struct          'MOLECULAR REPLACEMENT' 
_refine.pdbx_starting_model                      5W6W 
_refine.pdbx_stereochemistry_target_values       'GeoStd + Monomer Library + CDL v1.2' 
_refine.pdbx_R_Free_selection_details            ? 
_refine.pdbx_stereochem_target_val_spec_case     ? 
_refine.pdbx_overall_ESU_R                       ? 
_refine.pdbx_overall_ESU_R_Free                  ? 
_refine.pdbx_solvent_vdw_probe_radii             1.1100 
_refine.pdbx_solvent_ion_probe_radii             ? 
_refine.pdbx_solvent_shrinkage_radii             0.9000 
_refine.pdbx_real_space_R                        ? 
_refine.pdbx_density_correlation                 ? 
_refine.pdbx_pd_number_of_powder_patterns        ? 
_refine.pdbx_pd_number_of_points                 ? 
_refine.pdbx_pd_meas_number_of_points            ? 
_refine.pdbx_pd_proc_ls_prof_R_factor            ? 
_refine.pdbx_pd_proc_ls_prof_wR_factor           ? 
_refine.pdbx_pd_Marquardt_correlation_coeff      ? 
_refine.pdbx_pd_Fsqrd_R_factor                   ? 
_refine.pdbx_pd_ls_matrix_band_width             ? 
_refine.pdbx_overall_phase_error                 41.5255 
_refine.pdbx_overall_SU_R_free_Cruickshank_DPI   ? 
_refine.pdbx_overall_SU_R_free_Blow_DPI          ? 
_refine.pdbx_overall_SU_R_Blow_DPI               ? 
_refine.pdbx_TLS_residual_ADP_flag               ? 
_refine.pdbx_diffrn_id                           1 
_refine.overall_SU_B                             ? 
_refine.overall_SU_ML                            0.3913 
_refine.overall_SU_R_Cruickshank_DPI             ? 
_refine.overall_SU_R_free                        ? 
_refine.overall_FOM_free_R_set                   ? 
_refine.overall_FOM_work_R_set                   ? 
_refine.pdbx_average_fsc_overall                 ? 
_refine.pdbx_average_fsc_work                    ? 
_refine.pdbx_average_fsc_free                    ? 
# 
_refine_hist.pdbx_refine_id                   'X-RAY DIFFRACTION' 
_refine_hist.cycle_id                         LAST 
_refine_hist.details                          ? 
_refine_hist.d_res_high                       3.33 
_refine_hist.d_res_low                        33.10 
_refine_hist.number_atoms_solvent             0 
_refine_hist.number_atoms_total               855 
_refine_hist.number_reflns_all                ? 
_refine_hist.number_reflns_obs                ? 
_refine_hist.number_reflns_R_free             ? 
_refine_hist.number_reflns_R_work             ? 
_refine_hist.R_factor_all                     ? 
_refine_hist.R_factor_obs                     ? 
_refine_hist.R_factor_R_free                  ? 
_refine_hist.R_factor_R_work                  ? 
_refine_hist.pdbx_number_residues_total       ? 
_refine_hist.pdbx_B_iso_mean_ligand           ? 
_refine_hist.pdbx_B_iso_mean_solvent          ? 
_refine_hist.pdbx_number_atoms_protein        0 
_refine_hist.pdbx_number_atoms_nucleic_acid   855 
_refine_hist.pdbx_number_atoms_ligand         0 
_refine_hist.pdbx_number_atoms_lipid          ? 
_refine_hist.pdbx_number_atoms_carb           ? 
_refine_hist.pdbx_pseudo_atom_details         ? 
# 
loop_
_refine_ls_restr.pdbx_refine_id 
_refine_ls_restr.criterion 
_refine_ls_restr.dev_ideal 
_refine_ls_restr.dev_ideal_target 
_refine_ls_restr.number 
_refine_ls_restr.rejects 
_refine_ls_restr.type 
_refine_ls_restr.weight 
_refine_ls_restr.pdbx_restraint_function 
'X-RAY DIFFRACTION' ? 0.0095  ? 956  ? f_bond_d           ? ? 
'X-RAY DIFFRACTION' ? 1.0835  ? 1467 ? f_angle_d          ? ? 
'X-RAY DIFFRACTION' ? 0.0573  ? 166  ? f_chiral_restr     ? ? 
'X-RAY DIFFRACTION' ? 0.0057  ? 42   ? f_plane_restr      ? ? 
'X-RAY DIFFRACTION' ? 38.3251 ? 406  ? f_dihedral_angle_d ? ? 
# 
_refine_ls_shell.pdbx_refine_id                   'X-RAY DIFFRACTION' 
_refine_ls_shell.d_res_high                       3.33 
_refine_ls_shell.d_res_low                        33.10 
_refine_ls_shell.number_reflns_all                ? 
_refine_ls_shell.number_reflns_obs                ? 
_refine_ls_shell.number_reflns_R_free             206 
_refine_ls_shell.number_reflns_R_work             3261 
_refine_ls_shell.percent_reflns_obs               59.30 
_refine_ls_shell.percent_reflns_R_free            ? 
_refine_ls_shell.R_factor_all                     ? 
_refine_ls_shell.R_factor_obs                     ? 
_refine_ls_shell.R_factor_R_free                  0.2299 
_refine_ls_shell.R_factor_R_free_error            ? 
_refine_ls_shell.R_factor_R_work                  0.2083 
_refine_ls_shell.redundancy_reflns_all            ? 
_refine_ls_shell.redundancy_reflns_obs            ? 
_refine_ls_shell.wR_factor_all                    ? 
_refine_ls_shell.wR_factor_obs                    ? 
_refine_ls_shell.wR_factor_R_free                 ? 
_refine_ls_shell.wR_factor_R_work                 ? 
_refine_ls_shell.pdbx_R_complete                  ? 
_refine_ls_shell.pdbx_total_number_of_bins_used   ? 
_refine_ls_shell.pdbx_phase_error                 ? 
_refine_ls_shell.pdbx_fsc_work                    ? 
_refine_ls_shell.pdbx_fsc_free                    ? 
# 
_struct.entry_id                     8DCJ 
_struct.title                        '[A:T] Self-Assembled 3D DNA Rhombohedral Tensegrity Triangle' 
_struct.pdbx_model_details           ? 
_struct.pdbx_formula_weight          ? 
_struct.pdbx_formula_weight_method   ? 
_struct.pdbx_model_type_details      ? 
_struct.pdbx_CASP_flag               N 
# 
_struct_keywords.entry_id        8DCJ 
_struct_keywords.text            'tensegrity triangle, synthetic construct, self-assembly, DNA' 
_struct_keywords.pdbx_keywords   DNA 
# 
loop_
_struct_asym.id 
_struct_asym.pdbx_blank_PDB_chainid_flag 
_struct_asym.pdbx_modified 
_struct_asym.entity_id 
_struct_asym.details 
A N N 1 ? 
B N N 2 ? 
C N N 3 ? 
D N N 4 ? 
# 
loop_
_struct_conn.id 
_struct_conn.conn_type_id 
_struct_conn.pdbx_leaving_atom_flag 
_struct_conn.pdbx_PDB_id 
_struct_conn.ptnr1_label_asym_id 
_struct_conn.ptnr1_label_comp_id 
_struct_conn.ptnr1_label_seq_id 
_struct_conn.ptnr1_label_atom_id 
_struct_conn.pdbx_ptnr1_label_alt_id 
_struct_conn.pdbx_ptnr1_PDB_ins_code 
_struct_conn.pdbx_ptnr1_standard_comp_id 
_struct_conn.ptnr1_symmetry 
_struct_conn.ptnr2_label_asym_id 
_struct_conn.ptnr2_label_comp_id 
_struct_conn.ptnr2_label_seq_id 
_struct_conn.ptnr2_label_atom_id 
_struct_conn.pdbx_ptnr2_label_alt_id 
_struct_conn.pdbx_ptnr2_PDB_ins_code 
_struct_conn.ptnr1_auth_asym_id 
_struct_conn.ptnr1_auth_comp_id 
_struct_conn.ptnr1_auth_seq_id 
_struct_conn.ptnr2_auth_asym_id 
_struct_conn.ptnr2_auth_comp_id 
_struct_conn.ptnr2_auth_seq_id 
_struct_conn.ptnr2_symmetry 
_struct_conn.pdbx_ptnr3_label_atom_id 
_struct_conn.pdbx_ptnr3_label_seq_id 
_struct_conn.pdbx_ptnr3_label_comp_id 
_struct_conn.pdbx_ptnr3_label_asym_id 
_struct_conn.pdbx_ptnr3_label_alt_id 
_struct_conn.pdbx_ptnr3_PDB_ins_code 
_struct_conn.details 
_struct_conn.pdbx_dist_value 
_struct_conn.pdbx_value_order 
_struct_conn.pdbx_role 
hydrog1  hydrog ? ? A DA 2  N1 ? ? ? 1_555 C DT 7 N3 ? ? A DA 2  C DT 14 1_555 ? ? ? ? ? ? WATSON-CRICK ? ? ? 
hydrog2  hydrog ? ? A DA 2  N6 ? ? ? 1_555 C DT 7 O4 ? ? A DA 2  C DT 14 1_555 ? ? ? ? ? ? WATSON-CRICK ? ? ? 
hydrog3  hydrog ? ? A DG 3  N1 ? ? ? 1_555 C DC 6 N3 ? ? A DG 3  C DC 13 1_555 ? ? ? ? ? ? WATSON-CRICK ? ? ? 
hydrog4  hydrog ? ? A DG 3  N2 ? ? ? 1_555 C DC 6 O2 ? ? A DG 3  C DC 13 1_555 ? ? ? ? ? ? WATSON-CRICK ? ? ? 
hydrog5  hydrog ? ? A DG 3  O6 ? ? ? 1_555 C DC 6 N4 ? ? A DG 3  C DC 13 1_555 ? ? ? ? ? ? WATSON-CRICK ? ? ? 
hydrog6  hydrog ? ? A DC 4  N4 ? ? ? 1_555 C DG 5 O6 ? ? A DC 4  C DG 12 1_555 ? ? ? ? ? ? 'DC-DG PAIR' ? ? ? 
hydrog7  hydrog ? ? A DA 5  N1 ? ? ? 1_555 C DT 4 N3 ? ? A DA 5  C DT 11 1_555 ? ? ? ? ? ? WATSON-CRICK ? ? ? 
hydrog8  hydrog ? ? A DA 5  N6 ? ? ? 1_555 C DT 4 O4 ? ? A DA 5  C DT 11 1_555 ? ? ? ? ? ? WATSON-CRICK ? ? ? 
hydrog9  hydrog ? ? A DG 6  N1 ? ? ? 1_555 C DC 3 N3 ? ? A DG 6  C DC 10 1_555 ? ? ? ? ? ? WATSON-CRICK ? ? ? 
hydrog10 hydrog ? ? A DG 6  N2 ? ? ? 1_555 C DC 3 O2 ? ? A DG 6  C DC 10 1_555 ? ? ? ? ? ? WATSON-CRICK ? ? ? 
hydrog11 hydrog ? ? A DG 6  O6 ? ? ? 1_555 C DC 3 N4 ? ? A DG 6  C DC 10 1_555 ? ? ? ? ? ? WATSON-CRICK ? ? ? 
hydrog12 hydrog ? ? A DC 7  N3 ? ? ? 1_555 C DG 2 N1 ? ? A DC 7  C DG 9  1_555 ? ? ? ? ? ? WATSON-CRICK ? ? ? 
hydrog13 hydrog ? ? A DC 7  N4 ? ? ? 1_555 C DG 2 O6 ? ? A DC 7  C DG 9  1_555 ? ? ? ? ? ? WATSON-CRICK ? ? ? 
hydrog14 hydrog ? ? A DC 7  O2 ? ? ? 1_555 C DG 2 N2 ? ? A DC 7  C DG 9  1_555 ? ? ? ? ? ? WATSON-CRICK ? ? ? 
hydrog15 hydrog ? ? A DC 8  N3 ? ? ? 1_555 C DG 1 N1 ? ? A DC 8  C DG 8  1_555 ? ? ? ? ? ? WATSON-CRICK ? ? ? 
hydrog16 hydrog ? ? A DC 8  N4 ? ? ? 1_555 C DG 1 O6 ? ? A DC 8  C DG 8  1_555 ? ? ? ? ? ? WATSON-CRICK ? ? ? 
hydrog17 hydrog ? ? A DC 8  O2 ? ? ? 1_555 C DG 1 N2 ? ? A DC 8  C DG 8  1_555 ? ? ? ? ? ? WATSON-CRICK ? ? ? 
hydrog18 hydrog ? ? A DT 9  N3 ? ? ? 1_555 B DA 7 N1 ? ? A DT 9  B DA 7  1_555 ? ? ? ? ? ? WATSON-CRICK ? ? ? 
hydrog19 hydrog ? ? A DT 9  O4 ? ? ? 1_555 B DA 7 N6 ? ? A DT 9  B DA 7  1_555 ? ? ? ? ? ? WATSON-CRICK ? ? ? 
hydrog20 hydrog ? ? A DG 10 N1 ? ? ? 1_555 B DC 6 N3 ? ? A DG 10 B DC 6  1_555 ? ? ? ? ? ? WATSON-CRICK ? ? ? 
hydrog21 hydrog ? ? A DG 10 N2 ? ? ? 1_555 B DC 6 O2 ? ? A DG 10 B DC 6  1_555 ? ? ? ? ? ? WATSON-CRICK ? ? ? 
hydrog22 hydrog ? ? A DG 10 O6 ? ? ? 1_555 B DC 6 N4 ? ? A DG 10 B DC 6  1_555 ? ? ? ? ? ? WATSON-CRICK ? ? ? 
hydrog23 hydrog ? ? A DT 11 N3 ? ? ? 1_555 B DA 5 N1 ? ? A DT 11 B DA 5  1_555 ? ? ? ? ? ? WATSON-CRICK ? ? ? 
hydrog24 hydrog ? ? A DT 11 O4 ? ? ? 1_555 B DA 5 N6 ? ? A DT 11 B DA 5  1_555 ? ? ? ? ? ? WATSON-CRICK ? ? ? 
hydrog25 hydrog ? ? A DA 12 N1 ? ? ? 1_555 B DT 4 N3 ? ? A DA 12 B DT 4  1_555 ? ? ? ? ? ? WATSON-CRICK ? ? ? 
hydrog26 hydrog ? ? A DA 12 N6 ? ? ? 1_555 B DT 4 O4 ? ? A DA 12 B DT 4  1_555 ? ? ? ? ? ? WATSON-CRICK ? ? ? 
hydrog27 hydrog ? ? A DC 13 N3 ? ? ? 1_555 B DG 3 N1 ? ? A DC 13 B DG 3  1_555 ? ? ? ? ? ? WATSON-CRICK ? ? ? 
hydrog28 hydrog ? ? A DC 13 N4 ? ? ? 1_555 B DG 3 O6 ? ? A DC 13 B DG 3  1_555 ? ? ? ? ? ? WATSON-CRICK ? ? ? 
hydrog29 hydrog ? ? A DC 13 O2 ? ? ? 1_555 B DG 3 N2 ? ? A DC 13 B DG 3  1_555 ? ? ? ? ? ? WATSON-CRICK ? ? ? 
hydrog30 hydrog ? ? A DG 14 N1 ? ? ? 1_555 B DC 2 N3 ? ? A DG 14 B DC 2  1_555 ? ? ? ? ? ? WATSON-CRICK ? ? ? 
hydrog31 hydrog ? ? A DG 14 N2 ? ? ? 1_555 B DC 2 O2 ? ? A DG 14 B DC 2  1_555 ? ? ? ? ? ? WATSON-CRICK ? ? ? 
hydrog32 hydrog ? ? A DG 14 O6 ? ? ? 1_555 B DC 2 N4 ? ? A DG 14 B DC 2  1_555 ? ? ? ? ? ? WATSON-CRICK ? ? ? 
hydrog33 hydrog ? ? A DG 15 N1 ? ? ? 1_555 B DC 1 N3 ? ? A DG 15 B DC 1  1_555 ? ? ? ? ? ? WATSON-CRICK ? ? ? 
hydrog34 hydrog ? ? A DG 15 N2 ? ? ? 1_555 B DC 1 O2 ? ? A DG 15 B DC 1  1_555 ? ? ? ? ? ? WATSON-CRICK ? ? ? 
hydrog35 hydrog ? ? A DG 15 O6 ? ? ? 1_555 B DC 1 N4 ? ? A DG 15 B DC 1  1_555 ? ? ? ? ? ? WATSON-CRICK ? ? ? 
hydrog36 hydrog ? ? A DA 16 N1 ? ? ? 1_555 D DG 6 N1 ? ? A DA 16 D DG 6  1_555 ? ? ? ? ? ? TYPE_8_PAIR  ? ? ? 
hydrog37 hydrog ? ? A DA 16 N6 ? ? ? 1_555 D DG 6 O6 ? ? A DA 16 D DG 6  1_555 ? ? ? ? ? ? TYPE_8_PAIR  ? ? ? 
hydrog38 hydrog ? ? A DC 17 N3 ? ? ? 1_555 D DG 6 N1 ? ? A DC 17 D DG 6  1_555 ? ? ? ? ? ? WATSON-CRICK ? ? ? 
hydrog39 hydrog ? ? A DC 17 N4 ? ? ? 1_555 D DG 6 O6 ? ? A DC 17 D DG 6  1_555 ? ? ? ? ? ? WATSON-CRICK ? ? ? 
hydrog40 hydrog ? ? A DC 17 O2 ? ? ? 1_555 D DG 6 N2 ? ? A DC 17 D DG 6  1_555 ? ? ? ? ? ? WATSON-CRICK ? ? ? 
hydrog41 hydrog ? ? A DA 18 N1 ? ? ? 1_555 D DT 5 N3 ? ? A DA 18 D DT 5  1_555 ? ? ? ? ? ? WATSON-CRICK ? ? ? 
hydrog42 hydrog ? ? A DA 18 N6 ? ? ? 1_555 D DT 5 O4 ? ? A DA 18 D DT 5  1_555 ? ? ? ? ? ? WATSON-CRICK ? ? ? 
hydrog43 hydrog ? ? A DT 19 N3 ? ? ? 1_555 D DA 4 N1 ? ? A DT 19 D DA 4  1_555 ? ? ? ? ? ? WATSON-CRICK ? ? ? 
hydrog44 hydrog ? ? A DT 19 O4 ? ? ? 1_555 D DA 4 N6 ? ? A DT 19 D DA 4  1_555 ? ? ? ? ? ? WATSON-CRICK ? ? ? 
hydrog45 hydrog ? ? A DC 20 N3 ? ? ? 1_555 D DG 3 N1 ? ? A DC 20 D DG 3  1_555 ? ? ? ? ? ? WATSON-CRICK ? ? ? 
hydrog46 hydrog ? ? A DC 20 N4 ? ? ? 1_555 D DG 3 O6 ? ? A DC 20 D DG 3  1_555 ? ? ? ? ? ? WATSON-CRICK ? ? ? 
hydrog47 hydrog ? ? A DC 20 O2 ? ? ? 1_555 D DG 3 N2 ? ? A DC 20 D DG 3  1_555 ? ? ? ? ? ? WATSON-CRICK ? ? ? 
hydrog48 hydrog ? ? A DA 21 N1 ? ? ? 1_555 D DT 2 N3 ? ? A DA 21 D DT 2  1_555 ? ? ? ? ? ? WATSON-CRICK ? ? ? 
hydrog49 hydrog ? ? A DA 21 N6 ? ? ? 1_555 D DT 2 O4 ? ? A DA 21 D DT 2  1_555 ? ? ? ? ? ? WATSON-CRICK ? ? ? 
# 
_struct_conn_type.id          hydrog 
_struct_conn_type.criteria    ? 
_struct_conn_type.reference   ? 
# 
_atom_sites.entry_id                    8DCJ 
_atom_sites.Cartn_transf_matrix[1][1]   ? 
_atom_sites.Cartn_transf_matrix[1][2]   ? 
_atom_sites.Cartn_transf_matrix[1][3]   ? 
_atom_sites.Cartn_transf_matrix[2][1]   ? 
_atom_sites.Cartn_transf_matrix[2][2]   ? 
_atom_sites.Cartn_transf_matrix[2][3]   ? 
_atom_sites.Cartn_transf_matrix[3][1]   ? 
_atom_sites.Cartn_transf_matrix[3][2]   ? 
_atom_sites.Cartn_transf_matrix[3][3]   ? 
_atom_sites.Cartn_transf_vector[1]      ? 
_atom_sites.Cartn_transf_vector[2]      ? 
_atom_sites.Cartn_transf_vector[3]      ? 
_atom_sites.fract_transf_matrix[1][1]   0.01041050 
_atom_sites.fract_transf_matrix[1][2]   0.00326944 
_atom_sites.fract_transf_matrix[1][3]   0.00081157 
_atom_sites.fract_transf_matrix[2][1]   0.00779078 
_atom_sites.fract_transf_matrix[2][2]   -0.00717760 
_atom_sites.fract_transf_matrix[2][3]   0.00274101 
_atom_sites.fract_transf_matrix[3][1]   0.00148514 
_atom_sites.fract_transf_matrix[3][2]   -0.00223097 
_atom_sites.fract_transf_matrix[3][3]   -0.01006323 
_atom_sites.fract_transf_vector[1]      -0.149663 
_atom_sites.fract_transf_vector[2]      -0.018449 
_atom_sites.fract_transf_vector[3]      0.237857 
_atom_sites.solution_primary            ? 
_atom_sites.solution_secondary          ? 
_atom_sites.solution_hydrogens          ? 
_atom_sites.special_details             ? 
# 
loop_
_atom_type.symbol 
_atom_type.scat_dispersion_real 
_atom_type.scat_dispersion_imag 
_atom_type.scat_Cromer_Mann_a1 
_atom_type.scat_Cromer_Mann_a2 
_atom_type.scat_Cromer_Mann_a3 
_atom_type.scat_Cromer_Mann_a4 
_atom_type.scat_Cromer_Mann_b1 
_atom_type.scat_Cromer_Mann_b2 
_atom_type.scat_Cromer_Mann_b3 
_atom_type.scat_Cromer_Mann_b4 
_atom_type.scat_Cromer_Mann_c 
_atom_type.scat_source 
_atom_type.scat_dispersion_source 
C ? ? 3.54356 2.42580 ? ? 25.62398 1.50364  ? ? 0.0 
;2-Gaussian fit: Grosse-Kunstleve RW, Sauter NK, Adams PD: Newsletter of the IUCr Commission on Crystallographic Computing 2004, 3, 22-31.
;
? 
N ? ? 6.96715 ?       ? ? 11.43723 ?        ? ? 0.0 
;1-Gaussian fit: Grosse-Kunstleve RW, Sauter NK, Adams PD: Newsletter of the IUCr Commission on Crystallographic Computing 2004, 3, 22-31.
;
? 
O ? ? 7.96527 ?       ? ? 9.05267  ?        ? ? 0.0 
;1-Gaussian fit: Grosse-Kunstleve RW, Sauter NK, Adams PD: Newsletter of the IUCr Commission on Crystallographic Computing 2004, 3, 22-31.
;
? 
P ? ? 9.51135 5.44231 ? ? 1.42069  35.72801 ? ? 0.0 
;2-Gaussian fit: Grosse-Kunstleve RW, Sauter NK, Adams PD: Newsletter of the IUCr Commission on Crystallographic Computing 2004, 3, 22-31.
;
? 
# 
loop_
_atom_site.group_PDB 
_atom_site.id 
_atom_site.type_symbol 
_atom_site.label_atom_id 
_atom_site.label_alt_id 
_atom_site.label_comp_id 
_atom_site.label_asym_id 
_atom_site.label_entity_id 
_atom_site.label_seq_id 
_atom_site.pdbx_PDB_ins_code 
_atom_site.Cartn_x 
_atom_site.Cartn_y 
_atom_site.Cartn_z 
_atom_site.occupancy 
_atom_site.B_iso_or_equiv 
_atom_site.pdbx_formal_charge 
_atom_site.auth_seq_id 
_atom_site.auth_comp_id 
_atom_site.auth_asym_id 
_atom_site.auth_atom_id 
_atom_site.pdbx_PDB_model_num 
ATOM 1   O "O5'" . DA A 1 1  ? -14.46320 18.55143  -20.27941 1.000 284.10000 ? 1  DA A "O5'" 1 
ATOM 2   C "C5'" . DA A 1 1  ? -14.29214 19.96136  -20.47554 1.000 193.01000 ? 1  DA A "C5'" 1 
ATOM 3   C "C4'" . DA A 1 1  ? -15.61341 20.70965  -20.29660 1.000 153.23000 ? 1  DA A "C4'" 1 
ATOM 4   O "O4'" . DA A 1 1  ? -16.53919 20.28646  -21.31713 1.000 158.74000 ? 1  DA A "O4'" 1 
ATOM 5   C "C3'" . DA A 1 1  ? -16.30682 20.48400  -18.95321 1.000 168.16000 ? 1  DA A "C3'" 1 
ATOM 6   O "O3'" . DA A 1 1  ? -16.03894 21.58736  -18.08624 1.000 184.42000 ? 1  DA A "O3'" 1 
ATOM 7   C "C2'" . DA A 1 1  ? -17.80398 20.38586  -19.28709 1.000 155.00000 ? 1  DA A "C2'" 1 
ATOM 8   C "C1'" . DA A 1 1  ? -17.84180 20.13866  -20.79657 1.000 153.80000 ? 1  DA A "C1'" 1 
ATOM 9   N N9    . DA A 1 1  ? -18.37312 18.82350  -21.22419 1.000 20.00000  ? 1  DA A N9    1 
ATOM 10  C C8    . DA A 1 1  ? -17.78061 17.92936  -22.12515 1.000 20.00000  ? 1  DA A C8    1 
ATOM 11  N N7    . DA A 1 1  ? -18.49833 16.82338  -22.35110 1.000 20.00000  ? 1  DA A N7    1 
ATOM 12  C C5    . DA A 1 1  ? -19.65163 16.99512  -21.55607 1.000 20.00000  ? 1  DA A C5    1 
ATOM 13  C C6    . DA A 1 1  ? -20.82822 16.17749  -21.35803 1.000 20.00000  ? 1  DA A C6    1 
ATOM 14  N N6    . DA A 1 1  ? -21.00409 14.98527  -21.97426 1.000 20.00000  ? 1  DA A N6    1 
ATOM 15  N N1    . DA A 1 1  ? -21.80445 16.64245  -20.49782 1.000 20.00000  ? 1  DA A N1    1 
ATOM 16  C C2    . DA A 1 1  ? -21.61145 17.84321  -19.88312 1.000 20.00000  ? 1  DA A C2    1 
ATOM 17  N N3    . DA A 1 1  ? -20.55721 18.71231  -19.98930 1.000 20.00000  ? 1  DA A N3    1 
ATOM 18  C C4    . DA A 1 1  ? -19.60088 18.22889  -20.85103 1.000 20.00000  ? 1  DA A C4    1 
ATOM 19  P P     . DA A 1 2  ? -16.11526 21.42641  -16.48504 1.000 178.53000 ? 2  DA A P     1 
ATOM 20  O OP1   . DA A 1 2  ? -15.17623 22.42305  -15.90481 1.000 269.29000 ? 2  DA A OP1   1 
ATOM 21  O OP2   . DA A 1 2  ? -15.92826 19.98836  -16.17202 1.000 148.61000 ? 2  DA A OP2   1 
ATOM 22  O "O5'" . DA A 1 2  ? -17.62982 21.84495  -16.13369 1.000 169.75000 ? 2  DA A "O5'" 1 
ATOM 23  C "C5'" . DA A 1 2  ? -18.12445 21.73018  -14.79986 1.000 184.97000 ? 2  DA A "C5'" 1 
ATOM 24  C "C4'" . DA A 1 2  ? -18.88738 20.42714  -14.61190 1.000 178.11000 ? 2  DA A "C4'" 1 
ATOM 25  O "O4'" . DA A 1 2  ? -18.91297 19.68059  -15.86747 1.000 126.25000 ? 2  DA A "O4'" 1 
ATOM 26  C "C3'" . DA A 1 2  ? -18.29940 19.46946  -13.55082 1.000 153.90000 ? 2  DA A "C3'" 1 
ATOM 27  O "O3'" . DA A 1 2  ? -19.29379 19.16613  -12.51003 1.000 130.54000 ? 2  DA A "O3'" 1 
ATOM 28  C "C2'" . DA A 1 2  ? -17.88585 18.23098  -14.37094 1.000 189.46000 ? 2  DA A "C2'" 1 
ATOM 29  C "C1'" . DA A 1 2  ? -18.85417 18.31702  -15.54577 1.000 185.25000 ? 2  DA A "C1'" 1 
ATOM 30  N N9    . DA A 1 2  ? -18.49710 17.50413  -16.71862 1.000 176.28000 ? 2  DA A N9    1 
ATOM 31  C C8    . DA A 1 2  ? -17.41125 17.64100  -17.53836 1.000 194.26000 ? 2  DA A C8    1 
ATOM 32  N N7    . DA A 1 2  ? -17.35952 16.75043  -18.50645 1.000 144.82000 ? 2  DA A N7    1 
ATOM 33  C C5    . DA A 1 2  ? -18.48350 15.96794  -18.29934 1.000 127.41000 ? 2  DA A C5    1 
ATOM 34  C C6    . DA A 1 2  ? -19.00382 14.84524  -18.98164 1.000 125.62000 ? 2  DA A C6    1 
ATOM 35  N N6    . DA A 1 2  ? -18.42591 14.30283  -20.06289 1.000 139.50000 ? 2  DA A N6    1 
ATOM 36  N N1    . DA A 1 2  ? -20.14950 14.30270  -18.50903 1.000 128.11000 ? 2  DA A N1    1 
ATOM 37  C C2    . DA A 1 2  ? -20.72848 14.85018  -17.43170 1.000 129.37000 ? 2  DA A C2    1 
ATOM 38  N N3    . DA A 1 2  ? -20.33189 15.89732  -16.70855 1.000 150.96000 ? 2  DA A N3    1 
ATOM 39  C C4    . DA A 1 2  ? -19.19383 16.41653  -17.20056 1.000 153.23000 ? 2  DA A C4    1 
ATOM 40  P P     . DG A 1 3  ? -19.86436 17.66956  -12.31463 1.000 184.82000 ? 3  DG A P     1 
ATOM 41  O OP1   . DG A 1 3  ? -18.75708 16.79388  -11.86276 1.000 140.88000 ? 3  DG A OP1   1 
ATOM 42  O OP2   . DG A 1 3  ? -20.70244 17.36640  -13.49647 1.000 289.31000 ? 3  DG A OP2   1 
ATOM 43  O "O5'" . DG A 1 3  ? -20.91591 17.76814  -11.11587 1.000 201.55000 ? 3  DG A "O5'" 1 
ATOM 44  C "C5'" . DG A 1 3  ? -22.18661 17.08802  -11.22176 1.000 207.60000 ? 3  DG A "C5'" 1 
ATOM 45  C "C4'" . DG A 1 3  ? -22.02658 15.56382  -11.28090 1.000 199.39000 ? 3  DG A "C4'" 1 
ATOM 46  O "O4'" . DG A 1 3  ? -21.60734 15.14927  -12.60562 1.000 172.38000 ? 3  DG A "O4'" 1 
ATOM 47  C "C3'" . DG A 1 3  ? -21.00292 14.97398  -10.31302 1.000 183.29000 ? 3  DG A "C3'" 1 
ATOM 48  O "O3'" . DG A 1 3  ? -21.67437 14.39429  -9.14307  1.000 211.40000 ? 3  DG A "O3'" 1 
ATOM 49  C "C2'" . DG A 1 3  ? -20.21843 13.93891  -11.15073 1.000 166.15000 ? 3  DG A "C2'" 1 
ATOM 50  C "C1'" . DG A 1 3  ? -20.91833 13.92864  -12.50942 1.000 163.96000 ? 3  DG A "C1'" 1 
ATOM 51  N N9    . DG A 1 3  ? -19.97097 13.81596  -13.62495 1.000 154.65000 ? 3  DG A N9    1 
ATOM 52  C C8    . DG A 1 3  ? -18.89877 14.63822  -13.87571 1.000 132.93000 ? 3  DG A C8    1 
ATOM 53  N N7    . DG A 1 3  ? -18.20479 14.29173  -14.92501 1.000 121.13000 ? 3  DG A N7    1 
ATOM 54  C C5    . DG A 1 3  ? -18.85033 13.15815  -15.40533 1.000 151.27000 ? 3  DG A C5    1 
ATOM 55  C C6    . DG A 1 3  ? -18.54867 12.34136  -16.53121 1.000 139.54000 ? 3  DG A C6    1 
ATOM 56  O O6    . DG A 1 3  ? -17.62054 12.46702  -17.34790 1.000 107.50000 ? 3  DG A O6    1 
ATOM 57  N N1    . DG A 1 3  ? -19.45287 11.28722  -16.66210 1.000 132.28000 ? 3  DG A N1    1 
ATOM 58  C C2    . DG A 1 3  ? -20.51646 11.05290  -15.81524 1.000 130.49000 ? 3  DG A C2    1 
ATOM 59  N N2    . DG A 1 3  ? -21.28114 9.98426   -16.09879 1.000 97.73000  ? 3  DG A N2    1 
ATOM 60  N N3    . DG A 1 3  ? -20.81033 11.81258  -14.75693 1.000 158.11000 ? 3  DG A N3    1 
ATOM 61  C C4    . DG A 1 3  ? -19.94155 12.84817  -14.61754 1.000 166.50000 ? 3  DG A C4    1 
ATOM 62  P P     . DC A 1 4  ? -21.87673 12.80235  -8.96930  1.000 205.48000 ? 4  DC A P     1 
ATOM 63  O OP1   . DC A 1 4  ? -22.61767 12.33888  -10.17202 1.000 204.39000 ? 4  DC A OP1   1 
ATOM 64  O OP2   . DC A 1 4  ? -22.49278 12.55999  -7.64085  1.000 151.12000 ? 4  DC A OP2   1 
ATOM 65  O "O5'" . DC A 1 4  ? -20.37348 12.23615  -8.87142  1.000 185.67000 ? 4  DC A "O5'" 1 
ATOM 66  C "C5'" . DC A 1 4  ? -20.11546 10.85247  -8.71472  1.000 179.36000 ? 4  DC A "C5'" 1 
ATOM 67  C "C4'" . DC A 1 4  ? -20.80753 10.03519  -9.78850  1.000 181.63000 ? 4  DC A "C4'" 1 
ATOM 68  O "O4'" . DC A 1 4  ? -20.55800 10.59318  -11.10359 1.000 128.94000 ? 4  DC A "O4'" 1 
ATOM 69  C "C3'" . DC A 1 4  ? -20.32995 8.61501   -9.90182  1.000 194.32000 ? 4  DC A "C3'" 1 
ATOM 70  O "O3'" . DC A 1 4  ? -20.88984 7.82667   -8.82726  1.000 202.05000 ? 4  DC A "O3'" 1 
ATOM 71  C "C2'" . DC A 1 4  ? -20.84505 8.23727   -11.29017 1.000 183.83000 ? 4  DC A "C2'" 1 
ATOM 72  C "C1'" . DC A 1 4  ? -20.67284 9.55236   -12.06817 1.000 150.40000 ? 4  DC A "C1'" 1 
ATOM 73  N N1    . DC A 1 4  ? -19.46904 9.60464   -13.01880 1.000 151.78000 ? 4  DC A N1    1 
ATOM 74  C C2    . DC A 1 4  ? -19.30104 8.62117   -14.02336 1.000 148.21000 ? 4  DC A C2    1 
ATOM 75  O O2    . DC A 1 4  ? -20.11920 7.69300   -14.12085 1.000 156.05000 ? 4  DC A O2    1 
ATOM 76  N N3    . DC A 1 4  ? -18.23307 8.71661   -14.86417 1.000 140.03000 ? 4  DC A N3    1 
ATOM 77  C C4    . DC A 1 4  ? -17.36666 9.72770   -14.74216 1.000 140.83000 ? 4  DC A C4    1 
ATOM 78  N N4    . DC A 1 4  ? -16.33202 9.77372   -15.59328 1.000 148.14000 ? 4  DC A N4    1 
ATOM 79  C C5    . DC A 1 4  ? -17.51951 10.73205  -13.73806 1.000 118.75000 ? 4  DC A C5    1 
ATOM 80  C C6    . DC A 1 4  ? -18.57145 10.63418  -12.91014 1.000 134.99000 ? 4  DC A C6    1 
ATOM 81  P P     . DA A 1 5  ? -22.19095 6.89934   -9.01957  1.000 207.42000 ? 5  DA A P     1 
ATOM 82  O OP1   . DA A 1 5  ? -23.24799 7.62610   -9.76420  1.000 239.85000 ? 5  DA A OP1   1 
ATOM 83  O OP2   . DA A 1 5  ? -22.52259 6.39294   -7.66874  1.000 185.55000 ? 5  DA A OP2   1 
ATOM 84  O "O5'" . DA A 1 5  ? -21.63995 5.65206   -9.85185  1.000 157.50000 ? 5  DA A "O5'" 1 
ATOM 85  C "C5'" . DA A 1 5  ? -22.49954 4.93435   -10.71350 1.000 157.22000 ? 5  DA A "C5'" 1 
ATOM 86  C "C4'" . DA A 1 5  ? -21.70972 3.92411   -11.51978 1.000 166.26000 ? 5  DA A "C4'" 1 
ATOM 87  O "O4'" . DA A 1 5  ? -20.76268 4.62206   -12.37460 1.000 159.00000 ? 5  DA A "O4'" 1 
ATOM 88  C "C3'" . DA A 1 5  ? -20.89232 2.94211   -10.68400 1.000 190.30000 ? 5  DA A "C3'" 1 
ATOM 89  O "O3'" . DA A 1 5  ? -21.00233 1.63245   -11.22619 1.000 210.22000 ? 5  DA A "O3'" 1 
ATOM 90  C "C2'" . DA A 1 5  ? -19.46859 3.48609   -10.78848 1.000 185.69000 ? 5  DA A "C2'" 1 
ATOM 91  C "C1'" . DA A 1 5  ? -19.46376 4.11144   -12.17485 1.000 191.67000 ? 5  DA A "C1'" 1 
ATOM 92  N N9    . DA A 1 5  ? -18.50960 5.21215   -12.29518 1.000 196.52000 ? 5  DA A N9    1 
ATOM 93  C C8    . DA A 1 5  ? -18.42942 6.30892   -11.49128 1.000 191.47000 ? 5  DA A C8    1 
ATOM 94  N N7    . DA A 1 5  ? -17.47733 7.14706   -11.81875 1.000 180.37000 ? 5  DA A N7    1 
ATOM 95  C C5    . DA A 1 5  ? -16.86904 6.54800   -12.90764 1.000 184.79000 ? 5  DA A C5    1 
ATOM 96  C C6    . DA A 1 5  ? -15.77717 6.93236   -13.71503 1.000 153.30000 ? 5  DA A C6    1 
ATOM 97  N N6    . DA A 1 5  ? -15.08675 8.06448   -13.52693 1.000 163.40000 ? 5  DA A N6    1 
ATOM 98  N N1    . DA A 1 5  ? -15.42218 6.10481   -14.72592 1.000 109.90000 ? 5  DA A N1    1 
ATOM 99  C C2    . DA A 1 5  ? -16.12079 4.97482   -14.91098 1.000 127.79000 ? 5  DA A C2    1 
ATOM 100 N N3    . DA A 1 5  ? -17.16060 4.50561   -14.21352 1.000 136.59000 ? 5  DA A N3    1 
ATOM 101 C C4    . DA A 1 5  ? -17.49357 5.35223   -13.22058 1.000 186.51000 ? 5  DA A C4    1 
ATOM 102 P P     . DG A 1 6  ? -20.06192 0.44459   -10.68778 1.000 218.01000 ? 6  DG A P     1 
ATOM 103 O OP1   . DG A 1 6  ? -20.78359 -0.82594  -10.91538 1.000 203.30000 ? 6  DG A OP1   1 
ATOM 104 O OP2   . DG A 1 6  ? -19.57662 0.77662   -9.32881  1.000 158.24000 ? 6  DG A OP2   1 
ATOM 105 O "O5'" . DG A 1 6  ? -18.81250 0.47855   -11.67584 1.000 192.31000 ? 6  DG A "O5'" 1 
ATOM 106 C "C5'" . DG A 1 6  ? -18.91125 -0.11691  -12.95771 1.000 153.24000 ? 6  DG A "C5'" 1 
ATOM 107 C "C4'" . DG A 1 6  ? -17.53098 -0.40393  -13.49882 1.000 184.04000 ? 6  DG A "C4'" 1 
ATOM 108 O "O4'" . DG A 1 6  ? -16.86835 0.85567   -13.79044 1.000 202.71000 ? 6  DG A "O4'" 1 
ATOM 109 C "C3'" . DG A 1 6  ? -16.62067 -1.15486  -12.52168 1.000 209.60000 ? 6  DG A "C3'" 1 
ATOM 110 O "O3'" . DG A 1 6  ? -15.96941 -2.24344  -13.17172 1.000 218.52000 ? 6  DG A "O3'" 1 
ATOM 111 C "C2'" . DG A 1 6  ? -15.62635 -0.09209  -12.06268 1.000 175.37000 ? 6  DG A "C2'" 1 
ATOM 112 C "C1'" . DG A 1 6  ? -15.56553 0.82774   -13.26804 1.000 197.93000 ? 6  DG A "C1'" 1 
ATOM 113 N N9    . DG A 1 6  ? -15.16472 2.17981   -12.90844 1.000 180.67000 ? 6  DG A N9    1 
ATOM 114 C C8    . DG A 1 6  ? -15.77057 3.00385   -11.99360 1.000 159.99000 ? 6  DG A C8    1 
ATOM 115 N N7    . DG A 1 6  ? -15.17159 4.15378   -11.85532 1.000 158.86000 ? 6  DG A N7    1 
ATOM 116 C C5    . DG A 1 6  ? -14.09351 4.08212   -12.72766 1.000 145.87000 ? 6  DG A C5    1 
ATOM 117 C C6    . DG A 1 6  ? -13.08369 5.03203   -13.01151 1.000 114.08000 ? 6  DG A C6    1 
ATOM 118 O O6    . DG A 1 6  ? -12.94149 6.17074   -12.53957 1.000 112.09000 ? 6  DG A O6    1 
ATOM 119 N N1    . DG A 1 6  ? -12.17690 4.55249   -13.96328 1.000 101.62000 ? 6  DG A N1    1 
ATOM 120 C C2    . DG A 1 6  ? -12.24253 3.30881   -14.55807 1.000 119.01000 ? 6  DG A C2    1 
ATOM 121 N N2    . DG A 1 6  ? -11.27908 3.01152   -15.45081 1.000 123.69000 ? 6  DG A N2    1 
ATOM 122 N N3    . DG A 1 6  ? -13.18771 2.41806   -14.29825 1.000 133.42000 ? 6  DG A N3    1 
ATOM 123 C C4    . DG A 1 6  ? -14.07472 2.86995   -13.38035 1.000 160.87000 ? 6  DG A C4    1 
ATOM 124 P P     . DC A 1 7  ? -14.84058 -3.08882  -12.39566 1.000 190.92000 ? 7  DC A P     1 
ATOM 125 O OP1   . DC A 1 7  ? -14.74363 -4.41618  -13.04421 1.000 176.11000 ? 7  DC A OP1   1 
ATOM 126 O OP2   . DC A 1 7  ? -15.10887 -2.99286  -10.94134 1.000 172.55000 ? 7  DC A OP2   1 
ATOM 127 O "O5'" . DC A 1 7  ? -13.49192 -2.28853  -12.69726 1.000 161.99000 ? 7  DC A "O5'" 1 
ATOM 128 C "C5'" . DC A 1 7  ? -13.17985 -1.92217  -14.02774 1.000 155.44000 ? 7  DC A "C5'" 1 
ATOM 129 C "C4'" . DC A 1 7  ? -11.83107 -1.24047  -14.09255 1.000 150.56000 ? 7  DC A "C4'" 1 
ATOM 130 O "O4'" . DC A 1 7  ? -11.94089 0.13457   -13.63736 1.000 153.20000 ? 7  DC A "O4'" 1 
ATOM 131 C "C3'" . DC A 1 7  ? -10.73985 -1.87533  -13.22220 1.000 155.60000 ? 7  DC A "C3'" 1 
ATOM 132 O "O3'" . DC A 1 7  ? -9.55115  -1.95832  -13.96872 1.000 165.31000 ? 7  DC A "O3'" 1 
ATOM 133 C "C2'" . DC A 1 7  ? -10.59060 -0.87236  -12.07908 1.000 142.71000 ? 7  DC A "C2'" 1 
ATOM 134 C "C1'" . DC A 1 7  ? -10.81172 0.40405   -12.85188 1.000 150.29000 ? 7  DC A "C1'" 1 
ATOM 135 N N1    . DC A 1 7  ? -11.02616 1.63078   -12.01538 1.000 139.63000 ? 7  DC A N1    1 
ATOM 136 C C2    . DC A 1 7  ? -10.08242 2.65165   -12.09440 1.000 123.93000 ? 7  DC A C2    1 
ATOM 137 O O2    . DC A 1 7  ? -9.11563  2.49603   -12.85190 1.000 103.67000 ? 7  DC A O2    1 
ATOM 138 N N3    . DC A 1 7  ? -10.24731 3.77006   -11.34596 1.000 131.17000 ? 7  DC A N3    1 
ATOM 139 C C4    . DC A 1 7  ? -11.31136 3.88386   -10.54335 1.000 141.59000 ? 7  DC A C4    1 
ATOM 140 N N4    . DC A 1 7  ? -11.43579 5.01341   -9.83311  1.000 184.02000 ? 7  DC A N4    1 
ATOM 141 C C5    . DC A 1 7  ? -12.29533 2.84770   -10.44747 1.000 131.18000 ? 7  DC A C5    1 
ATOM 142 C C6    . DC A 1 7  ? -12.11259 1.74516   -11.19418 1.000 144.99000 ? 7  DC A C6    1 
ATOM 143 P P     . DC A 1 8  ? -8.45343  -3.06767  -13.60754 1.000 197.81000 ? 8  DC A P     1 
ATOM 144 O OP1   . DC A 1 8  ? -8.78673  -4.27290  -14.39857 1.000 187.23000 ? 8  DC A OP1   1 
ATOM 145 O OP2   . DC A 1 8  ? -8.37491  -3.14607  -12.13112 1.000 194.72000 ? 8  DC A OP2   1 
ATOM 146 O "O5'" . DC A 1 8  ? -7.08430  -2.44403  -14.14842 1.000 137.90000 ? 8  DC A "O5'" 1 
ATOM 147 C "C5'" . DC A 1 8  ? -6.15378  -1.89096  -13.24028 1.000 130.63000 ? 8  DC A "C5'" 1 
ATOM 148 C "C4'" . DC A 1 8  ? -5.33104  -0.81333  -13.91452 1.000 135.85000 ? 8  DC A "C4'" 1 
ATOM 149 O "O4'" . DC A 1 8  ? -6.08734  0.41817   -13.95145 1.000 150.94000 ? 8  DC A "O4'" 1 
ATOM 150 C "C3'" . DC A 1 8  ? -3.99564  -0.51229  -13.24293 1.000 157.52000 ? 8  DC A "C3'" 1 
ATOM 151 O "O3'" . DC A 1 8  ? -2.94553  -1.02406  -14.07686 1.000 179.17000 ? 8  DC A "O3'" 1 
ATOM 152 C "C2'" . DC A 1 8  ? -3.95223  1.01588   -13.11043 1.000 150.08000 ? 8  DC A "C2'" 1 
ATOM 153 C "C1'" . DC A 1 8  ? -5.40407  1.44579   -13.27494 1.000 172.24000 ? 8  DC A "C1'" 1 
ATOM 154 N N1    . DC A 1 8  ? -6.15588  1.77375   -11.99950 1.000 160.30000 ? 8  DC A N1    1 
ATOM 155 C C2    . DC A 1 8  ? -5.91357  2.98475   -11.32963 1.000 145.33000 ? 8  DC A C2    1 
ATOM 156 O O2    . DC A 1 8  ? -5.04233  3.75757   -11.75100 1.000 156.71000 ? 8  DC A O2    1 
ATOM 157 N N3    . DC A 1 8  ? -6.63083  3.26896   -10.20862 1.000 121.97000 ? 8  DC A N3    1 
ATOM 158 C C4    . DC A 1 8  ? -7.56271  2.41964   -9.76648  1.000 125.58000 ? 8  DC A C4    1 
ATOM 159 N N4    . DC A 1 8  ? -8.24255  2.75623   -8.65894  1.000 143.26000 ? 8  DC A N4    1 
ATOM 160 C C5    . DC A 1 8  ? -7.83483  1.19053   -10.43866 1.000 116.84000 ? 8  DC A C5    1 
ATOM 161 C C6    . DC A 1 8  ? -7.12274  0.91494   -11.54216 1.000 124.95000 ? 8  DC A C6    1 
ATOM 162 P P     . DT A 1 9  ? -1.46469  -0.39413  -14.08326 1.000 198.58000 ? 9  DT A P     1 
ATOM 163 O OP1   . DT A 1 9  ? -1.49043  0.87520   -14.84708 1.000 172.93000 ? 9  DT A OP1   1 
ATOM 164 O OP2   . DT A 1 9  ? -0.55469  -1.47030  -14.52902 1.000 222.38000 ? 9  DT A OP2   1 
ATOM 165 O "O5'" . DT A 1 9  ? -1.11744  -0.15107  -12.54492 1.000 180.68000 ? 9  DT A "O5'" 1 
ATOM 166 C "C5'" . DT A 1 9  ? 0.23076   0.08255   -12.15730 1.000 180.86000 ? 9  DT A "C5'" 1 
ATOM 167 C "C4'" . DT A 1 9  ? 0.74212   1.37777   -12.76094 1.000 165.34000 ? 9  DT A "C4'" 1 
ATOM 168 O "O4'" . DT A 1 9  ? -0.32704  2.35650   -12.83442 1.000 180.57000 ? 9  DT A "O4'" 1 
ATOM 169 C "C3'" . DT A 1 9  ? 1.89712   2.01898   -12.01298 1.000 163.38000 ? 9  DT A "C3'" 1 
ATOM 170 O "O3'" . DT A 1 9  ? 3.00780   2.12060   -12.90072 1.000 162.83000 ? 9  DT A "O3'" 1 
ATOM 171 C "C2'" . DT A 1 9  ? 1.37544   3.40137   -11.55715 1.000 154.03000 ? 9  DT A "C2'" 1 
ATOM 172 C "C1'" . DT A 1 9  ? -0.11748  3.39732   -11.91118 1.000 157.67000 ? 9  DT A "C1'" 1 
ATOM 173 N N1    . DT A 1 9  ? -1.09123  3.20632   -10.74358 1.000 149.13000 ? 9  DT A N1    1 
ATOM 174 C C2    . DT A 1 9  ? -1.25097  4.18995   -9.78391  1.000 145.19000 ? 9  DT A C2    1 
ATOM 175 O O2    . DT A 1 9  ? -0.61937  5.23088   -9.77273  1.000 185.64000 ? 9  DT A O2    1 
ATOM 176 N N3    . DT A 1 9  ? -2.18018  3.88131   -8.81124  1.000 125.80000 ? 9  DT A N3    1 
ATOM 177 C C4    . DT A 1 9  ? -2.95490  2.74675   -8.71526  1.000 113.67000 ? 9  DT A C4    1 
ATOM 178 O O4    . DT A 1 9  ? -3.76037  2.56426   -7.80781  1.000 90.93000  ? 9  DT A O4    1 
ATOM 179 C C5    . DT A 1 9  ? -2.75074  1.78111   -9.75423  1.000 132.64000 ? 9  DT A C5    1 
ATOM 180 C C7    . DT A 1 9  ? -3.53191  0.50094   -9.75292  1.000 137.14000 ? 9  DT A C7    1 
ATOM 181 C C6    . DT A 1 9  ? -1.85607  2.06149   -10.70563 1.000 156.04000 ? 9  DT A C6    1 
ATOM 182 P P     . DG A 1 10 ? 4.48113   2.44903   -12.35410 1.000 191.71000 ? 10 DG A P     1 
ATOM 183 O OP1   . DG A 1 10 ? 4.61456   3.92252   -12.46732 1.000 152.50000 ? 10 DG A OP1   1 
ATOM 184 O OP2   . DG A 1 10 ? 5.43745   1.59240   -13.09212 1.000 297.00000 ? 10 DG A OP2   1 
ATOM 185 O "O5'" . DG A 1 10 ? 4.47171   1.91923   -10.83322 1.000 156.36000 ? 10 DG A "O5'" 1 
ATOM 186 C "C5'" . DG A 1 10 ? 5.50554   2.31677   -9.91629  1.000 176.54000 ? 10 DG A "C5'" 1 
ATOM 187 C "C4'" . DG A 1 10 ? 5.38433   3.79680   -9.61610  1.000 138.14000 ? 10 DG A "C4'" 1 
ATOM 188 O "O4'" . DG A 1 10 ? 4.00262   4.16873   -9.71739  1.000 144.24000 ? 10 DG A "O4'" 1 
ATOM 189 C "C3'" . DG A 1 10 ? 5.88304   4.24282   -8.24893  1.000 146.06000 ? 10 DG A "C3'" 1 
ATOM 190 O "O3'" . DG A 1 10 ? 6.91614   5.16614   -8.41401  1.000 172.29000 ? 10 DG A "O3'" 1 
ATOM 191 C "C2'" . DG A 1 10 ? 4.68751   4.89568   -7.55875  1.000 139.15000 ? 10 DG A "C2'" 1 
ATOM 192 C "C1'" . DG A 1 10 ? 3.52131   4.64604   -8.49291  1.000 149.29000 ? 10 DG A "C1'" 1 
ATOM 193 N N9    . DG A 1 10 ? 2.49245   3.74078   -7.97667  1.000 122.62000 ? 10 DG A N9    1 
ATOM 194 C C8    . DG A 1 10 ? 2.04248   2.56433   -8.52806  1.000 116.67000 ? 10 DG A C8    1 
ATOM 195 N N7    . DG A 1 10 ? 1.06961   2.01261   -7.84868  1.000 106.70000 ? 10 DG A N7    1 
ATOM 196 C C5    . DG A 1 10 ? 0.86609   2.88393   -6.78650  1.000 116.45000 ? 10 DG A C5    1 
ATOM 197 C C6    . DG A 1 10 ? -0.05204  2.82483   -5.70767  1.000 120.27000 ? 10 DG A C6    1 
ATOM 198 O O6    . DG A 1 10 ? -0.89987  1.95513   -5.46995  1.000 148.06000 ? 10 DG A O6    1 
ATOM 199 N N1    . DG A 1 10 ? 0.08505   3.92246   -4.85454  1.000 117.36000 ? 10 DG A N1    1 
ATOM 200 C C2    . DG A 1 10 ? 0.99644   4.93740   -5.03732  1.000 122.45000 ? 10 DG A C2    1 
ATOM 201 N N2    . DG A 1 10 ? 1.01286   5.91519   -4.13130  1.000 145.65000 ? 10 DG A N2    1 
ATOM 202 N N3    . DG A 1 10 ? 1.85032   4.99492   -6.03469  1.000 91.94000  ? 10 DG A N3    1 
ATOM 203 C C4    . DG A 1 10 ? 1.73261   3.94814   -6.86248  1.000 108.08000 ? 10 DG A C4    1 
ATOM 204 P P     . DT A 1 11 ? 8.35174   4.65344   -8.89678  1.000 164.55000 ? 11 DT A P     1 
ATOM 205 O OP1   . DT A 1 11 ? 8.51416   5.03588   -10.31660 1.000 187.35000 ? 11 DT A OP1   1 
ATOM 206 O OP2   . DT A 1 11 ? 8.43859   3.23025   -8.49031  1.000 115.33000 ? 11 DT A OP2   1 
ATOM 207 O "O5'" . DT A 1 11 ? 9.37498   5.49475   -8.00766  1.000 232.94000 ? 11 DT A "O5'" 1 
ATOM 208 C "C5'" . DT A 1 11 ? 9.76735   5.00174   -6.74728  1.000 219.10000 ? 11 DT A "C5'" 1 
ATOM 209 C "C4'" . DT A 1 11 ? 8.93268   5.60366   -5.63340  1.000 180.76000 ? 11 DT A "C4'" 1 
ATOM 210 O "O4'" . DT A 1 11 ? 7.53700   5.15042   -5.73363  1.000 125.77000 ? 11 DT A "O4'" 1 
ATOM 211 C "C3'" . DT A 1 11 ? 9.40014   5.20126   -4.22747  1.000 138.10000 ? 11 DT A "C3'" 1 
ATOM 212 O "O3'" . DT A 1 11 ? 9.46215   6.34596   -3.35468  1.000 142.14000 ? 11 DT A "O3'" 1 
ATOM 213 C "C2'" . DT A 1 11 ? 8.31269   4.21911   -3.79032  1.000 139.61000 ? 11 DT A "C2'" 1 
ATOM 214 C "C1'" . DT A 1 11 ? 7.10817   4.87293   -4.42784  1.000 152.47000 ? 11 DT A "C1'" 1 
ATOM 215 N N1    . DT A 1 11 ? 5.85930   4.03325   -4.38487  1.000 154.19000 ? 11 DT A N1    1 
ATOM 216 C C2    . DT A 1 11 ? 4.91111   4.31882   -3.42748  1.000 122.36000 ? 11 DT A C2    1 
ATOM 217 O O2    . DT A 1 11 ? 5.01737   5.24094   -2.64251  1.000 188.68000 ? 11 DT A O2    1 
ATOM 218 N N3    . DT A 1 11 ? 3.81795   3.49554   -3.43089  1.000 85.58000  ? 11 DT A N3    1 
ATOM 219 C C4    . DT A 1 11 ? 3.58756   2.42466   -4.26703  1.000 90.85000  ? 11 DT A C4    1 
ATOM 220 O O4    . DT A 1 11 ? 2.56930   1.73933   -4.19287  1.000 78.70000  ? 11 DT A O4    1 
ATOM 221 C C5    . DT A 1 11 ? 4.62956   2.16715   -5.23567  1.000 116.20000 ? 11 DT A C5    1 
ATOM 222 C C7    . DT A 1 11 ? 4.49359   1.02976   -6.19911  1.000 117.64000 ? 11 DT A C7    1 
ATOM 223 C C6    . DT A 1 11 ? 5.71440   2.95866   -5.22789  1.000 138.73000 ? 11 DT A C6    1 
ATOM 224 P P     . DA A 1 12 ? 8.90819   6.19775   -1.85299  1.000 134.08000 ? 12 DA A P     1 
ATOM 225 O OP1   . DA A 1 12 ? 9.58750   5.03937   -1.23306  1.000 132.94000 ? 12 DA A OP1   1 
ATOM 226 O OP2   . DA A 1 12 ? 7.44029   6.36609   -1.91177  1.000 202.39000 ? 12 DA A OP2   1 
ATOM 227 O "O5'" . DA A 1 12 ? 9.39942   7.47505   -1.03817  1.000 222.62000 ? 12 DA A "O5'" 1 
ATOM 228 C "C5'" . DA A 1 12 ? 9.79018   7.32319   0.35364   1.000 158.90000 ? 12 DA A "C5'" 1 
ATOM 229 C "C4'" . DA A 1 12 ? 8.60790   7.03762   1.30196   1.000 143.36000 ? 12 DA A "C4'" 1 
ATOM 230 O "O4'" . DA A 1 12 ? 7.52358   6.37588   0.60696   1.000 118.36000 ? 12 DA A "O4'" 1 
ATOM 231 C "C3'" . DA A 1 12 ? 8.95830   6.14490   2.49163   1.000 127.36000 ? 12 DA A "C3'" 1 
ATOM 232 O "O3'" . DA A 1 12 ? 9.11732   6.92928   3.70296   1.000 129.35000 ? 12 DA A "O3'" 1 
ATOM 233 C "C2'" . DA A 1 12 ? 7.81734   5.11851   2.59482   1.000 120.75000 ? 12 DA A "C2'" 1 
ATOM 234 C "C1'" . DA A 1 12 ? 6.86624   5.45093   1.44766   1.000 96.58000  ? 12 DA A "C1'" 1 
ATOM 235 N N9    . DA A 1 12 ? 6.48924   4.27329   0.64377   1.000 134.88000 ? 12 DA A N9    1 
ATOM 236 C C8    . DA A 1 12 ? 7.13566   3.79993   -0.46218  1.000 164.47000 ? 12 DA A C8    1 
ATOM 237 N N7    . DA A 1 12 ? 6.59462   2.73008   -0.98751  1.000 124.03000 ? 12 DA A N7    1 
ATOM 238 C C5    . DA A 1 12 ? 5.51378   2.46983   -0.17178  1.000 113.07000 ? 12 DA A C5    1 
ATOM 239 C C6    . DA A 1 12 ? 4.53615   1.46034   -0.20322  1.000 105.19000 ? 12 DA A C6    1 
ATOM 240 N N6    . DA A 1 12 ? 4.50910   0.49732   -1.13138  1.000 115.43000 ? 12 DA A N6    1 
ATOM 241 N N1    . DA A 1 12 ? 3.58629   1.47762   0.75634   1.000 119.22000 ? 12 DA A N1    1 
ATOM 242 C C2    . DA A 1 12 ? 3.62275   2.44934   1.68389   1.000 152.19000 ? 12 DA A C2    1 
ATOM 243 N N3    . DA A 1 12 ? 4.49553   3.45525   1.81580   1.000 174.59000 ? 12 DA A N3    1 
ATOM 244 C C4    . DA A 1 12 ? 5.42573   3.40836   0.84574   1.000 152.04000 ? 12 DA A C4    1 
ATOM 245 P P     . DC A 1 13 ? 7.85326   7.51066   4.51902   1.000 156.03000 ? 13 DC A P     1 
ATOM 246 O OP1   . DC A 1 13 ? 6.84179   8.04090   3.58256   1.000 166.38000 ? 13 DC A OP1   1 
ATOM 247 O OP2   . DC A 1 13 ? 8.40080   8.39075   5.57167   1.000 156.23000 ? 13 DC A OP2   1 
ATOM 248 O "O5'" . DC A 1 13 ? 7.23524   6.24489   5.26645   1.000 157.91000 ? 13 DC A "O5'" 1 
ATOM 249 C "C5'" . DC A 1 13 ? 5.82524   6.03970   5.27172   1.000 132.19000 ? 13 DC A "C5'" 1 
ATOM 250 C "C4'" . DC A 1 13 ? 5.48393   4.82461   6.10324   1.000 122.98000 ? 13 DC A "C4'" 1 
ATOM 251 O "O4'" . DC A 1 13 ? 5.27476   3.67378   5.24214   1.000 156.89000 ? 13 DC A "O4'" 1 
ATOM 252 C "C3'" . DC A 1 13 ? 6.57872   4.42093   7.08543   1.000 101.50000 ? 13 DC A "C3'" 1 
ATOM 253 O "O3'" . DC A 1 13 ? 5.99747   4.03850   8.31763   1.000 123.77000 ? 13 DC A "O3'" 1 
ATOM 254 C "C2'" . DC A 1 13 ? 7.25986   3.24669   6.38369   1.000 146.04000 ? 13 DC A "C2'" 1 
ATOM 255 C "C1'" . DC A 1 13 ? 6.07740   2.60162   5.69136   1.000 133.65000 ? 13 DC A "C1'" 1 
ATOM 256 N N1    . DC A 1 13 ? 6.43851   1.77301   4.51526   1.000 122.89000 ? 13 DC A N1    1 
ATOM 257 C C2    . DC A 1 13 ? 5.65582   0.67171   4.20451   1.000 123.06000 ? 13 DC A C2    1 
ATOM 258 O O2    . DC A 1 13 ? 4.69555   0.40892   4.93267   1.000 157.50000 ? 13 DC A O2    1 
ATOM 259 N N3    . DC A 1 13 ? 5.97275   -0.07828  3.12319   1.000 135.29000 ? 13 DC A N3    1 
ATOM 260 C C4    . DC A 1 13 ? 7.01966   0.25410   2.36495   1.000 156.38000 ? 13 DC A C4    1 
ATOM 261 N N4    . DC A 1 13 ? 7.29701   -0.51657  1.30801   1.000 225.91000 ? 13 DC A N4    1 
ATOM 262 C C5    . DC A 1 13 ? 7.83650   1.37913   2.66932   1.000 122.35000 ? 13 DC A C5    1 
ATOM 263 C C6    . DC A 1 13 ? 7.51148   2.10265   3.74540   1.000 122.14000 ? 13 DC A C6    1 
ATOM 264 P P     . DG A 1 14 ? 5.97961   5.07518   9.54552   1.000 138.21000 ? 14 DG A P     1 
ATOM 265 O OP1   . DG A 1 14 ? 6.16006   6.43272   8.98483   1.000 146.83000 ? 14 DG A OP1   1 
ATOM 266 O OP2   . DG A 1 14 ? 6.90858   4.58262   10.58801  1.000 149.28000 ? 14 DG A OP2   1 
ATOM 267 O "O5'" . DG A 1 14 ? 4.50492   4.94159   10.13574  1.000 155.36000 ? 14 DG A "O5'" 1 
ATOM 268 C "C5'" . DG A 1 14 ? 4.32447   4.36248   11.40593  1.000 181.02000 ? 14 DG A "C5'" 1 
ATOM 269 C "C4'" . DG A 1 14 ? 3.57000   3.05172   11.30688  1.000 168.31000 ? 14 DG A "C4'" 1 
ATOM 270 O "O4'" . DG A 1 14 ? 3.95586   2.32721   10.10586  1.000 146.29000 ? 14 DG A "O4'" 1 
ATOM 271 C "C3'" . DG A 1 14 ? 3.78495   2.11087   12.47745  1.000 121.51000 ? 14 DG A "C3'" 1 
ATOM 272 O "O3'" . DG A 1 14 ? 2.50769   1.62917   12.92338  1.000 123.96000 ? 14 DG A "O3'" 1 
ATOM 273 C "C2'" . DG A 1 14 ? 4.71340   1.02122   11.90965  1.000 134.48000 ? 14 DG A "C2'" 1 
ATOM 274 C "C1'" . DG A 1 14 ? 4.39331   1.01732   10.42093  1.000 122.20000 ? 14 DG A "C1'" 1 
ATOM 275 N N9    . DG A 1 14 ? 5.54514   0.73437   9.55114   1.000 124.49000 ? 14 DG A N9    1 
ATOM 276 C C8    . DG A 1 14 ? 6.70574   1.46394   9.47668   1.000 144.65000 ? 14 DG A C8    1 
ATOM 277 N N7    . DG A 1 14 ? 7.55017   1.02130   8.59052   1.000 145.03000 ? 14 DG A N7    1 
ATOM 278 C C5    . DG A 1 14 ? 6.91069   -0.06443  8.01873   1.000 116.48000 ? 14 DG A C5    1 
ATOM 279 C C6    . DG A 1 14 ? 7.35204   -0.93649  6.99982   1.000 105.42000 ? 14 DG A C6    1 
ATOM 280 O O6    . DG A 1 14 ? 8.41701   -0.90834  6.37711   1.000 109.13000 ? 14 DG A O6    1 
ATOM 281 N N1    . DG A 1 14 ? 6.40730   -1.91342  6.70593   1.000 98.38000  ? 14 DG A N1    1 
ATOM 282 C C2    . DG A 1 14 ? 5.18640   -2.03759  7.32469   1.000 108.64000 ? 14 DG A C2    1 
ATOM 283 N N2    . DG A 1 14 ? 4.41086   -3.05208  6.90177   1.000 135.94000 ? 14 DG A N2    1 
ATOM 284 N N3    . DG A 1 14 ? 4.75442   -1.22416  8.29341   1.000 125.45000 ? 14 DG A N3    1 
ATOM 285 C C4    . DG A 1 14 ? 5.66863   -0.25989  8.58776   1.000 115.95000 ? 14 DG A C4    1 
ATOM 286 P P     . DG A 1 15 ? 2.30494   0.15750   13.53043  1.000 154.46000 ? 15 DG A P     1 
ATOM 287 O OP1   . DG A 1 15 ? 1.05163   0.20773   14.31207  1.000 173.17000 ? 15 DG A OP1   1 
ATOM 288 O OP2   . DG A 1 15 ? 3.53498   -0.29264  14.22011  1.000 154.94000 ? 15 DG A OP2   1 
ATOM 289 O "O5'" . DG A 1 15 ? 2.02120   -0.73417  12.23646  1.000 127.46000 ? 15 DG A "O5'" 1 
ATOM 290 C "C5'" . DG A 1 15 ? 0.83483   -1.52110  12.15979  1.000 157.07000 ? 15 DG A "C5'" 1 
ATOM 291 C "C4'" . DG A 1 15 ? 1.19160   -2.98620  12.22972  1.000 164.27000 ? 15 DG A "C4'" 1 
ATOM 292 O "O4'" . DG A 1 15 ? 2.36739   -3.18524  11.40831  1.000 136.80000 ? 15 DG A "O4'" 1 
ATOM 293 C "C3'" . DG A 1 15 ? 1.53364   -3.47159  13.63930  1.000 170.10000 ? 15 DG A "C3'" 1 
ATOM 294 O "O3'" . DG A 1 15 ? 0.66315   -4.56625  14.10557  1.000 156.86000 ? 15 DG A "O3'" 1 
ATOM 295 C "C2'" . DG A 1 15 ? 3.01056   -3.85925  13.60096  1.000 189.85000 ? 15 DG A "C2'" 1 
ATOM 296 C "C1'" . DG A 1 15 ? 3.37908   -3.85763  12.11503  1.000 143.06000 ? 15 DG A "C1'" 1 
ATOM 297 N N9    . DG A 1 15 ? 4.65702   -3.19858  11.86341  1.000 137.21000 ? 15 DG A N9    1 
ATOM 298 C C8    . DG A 1 15 ? 5.14899   -2.11567  12.53416  1.000 148.47000 ? 15 DG A C8    1 
ATOM 299 N N7    . DG A 1 15 ? 6.32003   -1.73420  12.12435  1.000 145.29000 ? 15 DG A N7    1 
ATOM 300 C C5    . DG A 1 15 ? 6.63917   -2.62857  11.12186  1.000 115.23000 ? 15 DG A C5    1 
ATOM 301 C C6    . DG A 1 15 ? 7.79376   -2.70667  10.31669  1.000 115.04000 ? 15 DG A C6    1 
ATOM 302 O O6    . DG A 1 15 ? 8.78660   -1.97088  10.34080  1.000 186.92000 ? 15 DG A O6    1 
ATOM 303 N N1    . DG A 1 15 ? 7.73228   -3.76218  9.41920   1.000 119.85000 ? 15 DG A N1    1 
ATOM 304 C C2    . DG A 1 15 ? 6.68082   -4.64016  9.30374   1.000 121.97000 ? 15 DG A C2    1 
ATOM 305 N N2    . DG A 1 15 ? 6.81146   -5.60003  8.37024   1.000 137.78000 ? 15 DG A N2    1 
ATOM 306 N N3    . DG A 1 15 ? 5.57929   -4.58142  10.05778  1.000 125.64000 ? 15 DG A N3    1 
ATOM 307 C C4    . DG A 1 15 ? 5.62913   -3.55035  10.94136  1.000 130.04000 ? 15 DG A C4    1 
ATOM 308 P P     . DA A 1 16 ? 0.24970   -5.83878  13.19635  1.000 152.90000 ? 16 DA A P     1 
ATOM 309 O OP1   . DA A 1 16 ? -0.82953  -5.42661  12.27528  1.000 153.00000 ? 16 DA A OP1   1 
ATOM 310 O OP2   . DA A 1 16 ? 0.02002   -6.98136  14.10899  1.000 161.69000 ? 16 DA A OP2   1 
ATOM 311 O "O5'" . DA A 1 16 ? 1.55296   -6.22089  12.36207  1.000 180.18000 ? 16 DA A "O5'" 1 
ATOM 312 C "C5'" . DA A 1 16 ? 1.41844   -6.71315  11.03879  1.000 168.93000 ? 16 DA A "C5'" 1 
ATOM 313 C "C4'" . DA A 1 16 ? 2.32898   -7.90369  10.80373  1.000 188.31000 ? 16 DA A "C4'" 1 
ATOM 314 O "O4'" . DA A 1 16 ? 3.70016   -7.45998  10.66738  1.000 167.95000 ? 16 DA A "O4'" 1 
ATOM 315 C "C3'" . DA A 1 16 ? 2.30332   -8.96618  11.89235  1.000 178.31000 ? 16 DA A "C3'" 1 
ATOM 316 O "O3'" . DA A 1 16 ? 2.11712   -10.24249 11.29162  1.000 185.19000 ? 16 DA A "O3'" 1 
ATOM 317 C "C2'" . DA A 1 16 ? 3.66359   -8.83594  12.59351  1.000 146.66000 ? 16 DA A "C2'" 1 
ATOM 318 C "C1'" . DA A 1 16 ? 4.55090   -8.14202  11.56234  1.000 162.10000 ? 16 DA A "C1'" 1 
ATOM 319 N N9    . DA A 1 16 ? 5.43816   -7.14189  12.15163  1.000 172.65000 ? 16 DA A N9    1 
ATOM 320 C C8    . DA A 1 16 ? 5.12666   -6.27639  13.15346  1.000 178.80000 ? 16 DA A C8    1 
ATOM 321 N N7    . DA A 1 16 ? 6.09579   -5.45565  13.47666  1.000 119.90000 ? 16 DA A N7    1 
ATOM 322 C C5    . DA A 1 16 ? 7.12739   -5.81259  12.63333  1.000 135.76000 ? 16 DA A C5    1 
ATOM 323 C C6    . DA A 1 16 ? 8.44044   -5.32520  12.48757  1.000 156.13000 ? 16 DA A C6    1 
ATOM 324 N N6    . DA A 1 16 ? 8.94448   -4.32959  13.22708  1.000 220.72000 ? 16 DA A N6    1 
ATOM 325 N N1    . DA A 1 16 ? 9.21792   -5.90513  11.55445  1.000 123.48000 ? 16 DA A N1    1 
ATOM 326 C C2    . DA A 1 16 ? 8.70786   -6.90341  10.81924  1.000 144.42000 ? 16 DA A C2    1 
ATOM 327 N N3    . DA A 1 16 ? 7.49012   -7.44823  10.86556  1.000 145.88000 ? 16 DA A N3    1 
ATOM 328 C C4    . DA A 1 16 ? 6.73953   -6.84822  11.79787  1.000 140.14000 ? 16 DA A C4    1 
ATOM 329 P P     . DC A 1 17 ? 2.21836   -11.59115 12.15647  1.000 157.67000 ? 17 DC A P     1 
ATOM 330 O OP1   . DC A 1 17 ? 1.31878   -12.58645 11.52877  1.000 176.99000 ? 17 DC A OP1   1 
ATOM 331 O OP2   . DC A 1 17 ? 2.03468   -11.24726 13.58496  1.000 123.08000 ? 17 DC A OP2   1 
ATOM 332 O "O5'" . DC A 1 17 ? 3.72365   -12.05471 11.91265  1.000 148.65000 ? 17 DC A "O5'" 1 
ATOM 333 C "C5'" . DC A 1 17 ? 4.31708   -11.80909 10.65404  1.000 165.26000 ? 17 DC A "C5'" 1 
ATOM 334 C "C4'" . DC A 1 17 ? 5.79419   -12.10691 10.69346  1.000 174.60000 ? 17 DC A "C4'" 1 
ATOM 335 O "O4'" . DC A 1 17 ? 6.53087   -10.92402 11.10178  1.000 181.53000 ? 17 DC A "O4'" 1 
ATOM 336 C "C3'" . DC A 1 17 ? 6.19885   -13.21015 11.67334  1.000 144.27000 ? 17 DC A "C3'" 1 
ATOM 337 O "O3'" . DC A 1 17 ? 7.11435   -14.06797 11.04218  1.000 164.31000 ? 17 DC A "O3'" 1 
ATOM 338 C "C2'" . DC A 1 17 ? 6.86791   -12.42928 12.80378  1.000 130.31000 ? 17 DC A "C2'" 1 
ATOM 339 C "C1'" . DC A 1 17 ? 7.52768   -11.33631 11.99444  1.000 133.73000 ? 17 DC A "C1'" 1 
ATOM 340 N N1    . DC A 1 17 ? 8.01674   -10.16330 12.77903  1.000 167.39000 ? 17 DC A N1    1 
ATOM 341 C C2    . DC A 1 17 ? 9.34116   -9.76084  12.61917  1.000 189.83000 ? 17 DC A C2    1 
ATOM 342 O O2    . DC A 1 17 ? 10.05640  -10.39738 11.84050  1.000 172.82000 ? 17 DC A O2    1 
ATOM 343 N N3    . DC A 1 17 ? 9.80467   -8.69507  13.31682  1.000 168.28000 ? 17 DC A N3    1 
ATOM 344 C C4    . DC A 1 17 ? 8.98703   -8.04716  14.14966  1.000 138.09000 ? 17 DC A C4    1 
ATOM 345 N N4    . DC A 1 17 ? 9.47942   -7.00047  14.82217  1.000 181.15000 ? 17 DC A N4    1 
ATOM 346 C C5    . DC A 1 17 ? 7.62508   -8.44728  14.33130  1.000 113.28000 ? 17 DC A C5    1 
ATOM 347 C C6    . DC A 1 17 ? 7.18399   -9.49757  13.62577  1.000 143.43000 ? 17 DC A C6    1 
ATOM 348 P P     . DA A 1 18 ? 7.26562   -15.58538 11.53296  1.000 174.57000 ? 18 DA A P     1 
ATOM 349 O OP1   . DA A 1 18 ? 6.31648   -16.40206 10.74490  1.000 110.06000 ? 18 DA A OP1   1 
ATOM 350 O OP2   . DA A 1 18 ? 7.18065   -15.58634 13.00877  1.000 140.04000 ? 18 DA A OP2   1 
ATOM 351 O "O5'" . DA A 1 18 ? 8.76900   -15.96199 11.13322  1.000 136.58000 ? 18 DA A "O5'" 1 
ATOM 352 C "C5'" . DA A 1 18 ? 9.23148   -15.73330 9.80561   1.000 120.61000 ? 18 DA A "C5'" 1 
ATOM 353 C "C4'" . DA A 1 18 ? 10.66503  -15.22265 9.80373   1.000 136.36000 ? 18 DA A "C4'" 1 
ATOM 354 O "O4'" . DA A 1 18 ? 10.73321  -13.94295 10.49588  1.000 134.42000 ? 18 DA A "O4'" 1 
ATOM 355 C "C3'" . DA A 1 18 ? 11.67910  -16.12498 10.50606  1.000 169.84000 ? 18 DA A "C3'" 1 
ATOM 356 O "O3'" . DA A 1 18 ? 12.92193  -16.06256 9.83324   1.000 183.84000 ? 18 DA A "O3'" 1 
ATOM 357 C "C2'" . DA A 1 18 ? 11.77776  -15.49017 11.88394  1.000 165.42000 ? 18 DA A "C2'" 1 
ATOM 358 C "C1'" . DA A 1 18 ? 11.70749  -14.02233 11.51638  1.000 148.71000 ? 18 DA A "C1'" 1 
ATOM 359 N N9    . DA A 1 18 ? 11.30693  -13.16641 12.62776  1.000 133.13000 ? 18 DA A N9    1 
ATOM 360 C C8    . DA A 1 18 ? 10.13936  -13.23039 13.33738  1.000 123.36000 ? 18 DA A C8    1 
ATOM 361 N N7    . DA A 1 18 ? 10.05077  -12.33462 14.29222  1.000 117.39000 ? 18 DA A N7    1 
ATOM 362 C C5    . DA A 1 18 ? 11.24723  -11.63905 14.20920  1.000 132.71000 ? 18 DA A C5    1 
ATOM 363 C C6    . DA A 1 18 ? 11.76339  -10.55503 14.94233  1.000 153.61000 ? 18 DA A C6    1 
ATOM 364 N N6    . DA A 1 18 ? 11.10717  -9.97707  15.95216  1.000 177.59000 ? 18 DA A N6    1 
ATOM 365 N N1    . DA A 1 18 ? 12.98450  -10.09212 14.60050  1.000 143.69000 ? 18 DA A N1    1 
ATOM 366 C C2    . DA A 1 18 ? 13.63512  -10.67473 13.58583  1.000 149.36000 ? 18 DA A C2    1 
ATOM 367 N N3    . DA A 1 18 ? 13.25202  -11.69778 12.82112  1.000 129.56000 ? 18 DA A N3    1 
ATOM 368 C C4    . DA A 1 18 ? 12.03436  -12.13648 13.18765  1.000 125.52000 ? 18 DA A C4    1 
ATOM 369 P P     . DT A 1 19 ? 14.04984  -17.16780 10.12331  1.000 185.71000 ? 19 DT A P     1 
ATOM 370 O OP1   . DT A 1 19 ? 13.91019  -18.21241 9.08613   1.000 122.34000 ? 19 DT A OP1   1 
ATOM 371 O OP2   . DT A 1 19 ? 13.97790  -17.54704 11.55023  1.000 120.70000 ? 19 DT A OP2   1 
ATOM 372 O "O5'" . DT A 1 19 ? 15.42524  -16.38025 9.90552   1.000 188.04000 ? 19 DT A "O5'" 1 
ATOM 373 C "C5'" . DT A 1 19 ? 15.47691  -14.97222 10.10805  1.000 163.35000 ? 19 DT A "C5'" 1 
ATOM 374 C "C4'" . DT A 1 19 ? 16.46721  -14.60811 11.20342  1.000 198.66000 ? 19 DT A "C4'" 1 
ATOM 375 O "O4'" . DT A 1 19 ? 15.79751  -13.79302 12.18799  1.000 133.50000 ? 19 DT A "O4'" 1 
ATOM 376 C "C3'" . DT A 1 19 ? 17.06381  -15.79796 11.96494  1.000 212.26000 ? 19 DT A "C3'" 1 
ATOM 377 O "O3'" . DT A 1 19 ? 18.49583  -15.94470 11.69550  1.000 211.41000 ? 19 DT A "O3'" 1 
ATOM 378 C "C2'" . DT A 1 19 ? 16.74798  -15.52942 13.44326  1.000 149.58000 ? 19 DT A "C2'" 1 
ATOM 379 C "C1'" . DT A 1 19 ? 16.32325  -14.06653 13.45785  1.000 126.46000 ? 19 DT A "C1'" 1 
ATOM 380 N N1    . DT A 1 19 ? 15.27069  -13.78232 14.45064  1.000 120.19000 ? 19 DT A N1    1 
ATOM 381 C C2    . DT A 1 19 ? 15.40850  -12.70064 15.28617  1.000 144.64000 ? 19 DT A C2    1 
ATOM 382 O O2    . DT A 1 19 ? 16.36790  -11.95052 15.25514  1.000 153.29000 ? 19 DT A O2    1 
ATOM 383 N N3    . DT A 1 19 ? 14.37519  -12.52726 16.16688  1.000 136.89000 ? 19 DT A N3    1 
ATOM 384 C C4    . DT A 1 19 ? 13.24421  -13.31214 16.28935  1.000 122.23000 ? 19 DT A C4    1 
ATOM 385 O O4    . DT A 1 19 ? 12.36944  -13.07491 17.11308  1.000 123.04000 ? 19 DT A O4    1 
ATOM 386 C C5    . DT A 1 19 ? 13.16508  -14.43050 15.37996  1.000 131.50000 ? 19 DT A C5    1 
ATOM 387 C C7    . DT A 1 19 ? 11.98536  -15.35409 15.42071  1.000 164.39000 ? 19 DT A C7    1 
ATOM 388 C C6    . DT A 1 19 ? 14.16942  -14.60831 14.51490  1.000 103.74000 ? 19 DT A C6    1 
ATOM 389 P P     . DC A 1 20 ? 19.61556  -14.95468 12.30895  1.000 159.83000 ? 20 DC A P     1 
ATOM 390 O OP1   . DC A 1 20 ? 19.20341  -13.54290 12.13871  1.000 144.09000 ? 20 DC A OP1   1 
ATOM 391 O OP2   . DC A 1 20 ? 20.90379  -15.39357 11.72697  1.000 145.81000 ? 20 DC A OP2   1 
ATOM 392 O "O5'" . DC A 1 20 ? 19.67493  -15.32089 13.86474  1.000 121.93000 ? 20 DC A "O5'" 1 
ATOM 393 C "C5'" . DC A 1 20 ? 20.86506  -15.07613 14.61107  1.000 184.75000 ? 20 DC A "C5'" 1 
ATOM 394 C "C4'" . DC A 1 20 ? 21.12449  -13.58467 14.76994  1.000 150.75000 ? 20 DC A "C4'" 1 
ATOM 395 O "O4'" . DC A 1 20 ? 19.88494  -12.89547 15.05973  1.000 127.31000 ? 20 DC A "O4'" 1 
ATOM 396 C "C3'" . DC A 1 20 ? 22.04380  -13.22229 15.91843  1.000 163.40000 ? 20 DC A "C3'" 1 
ATOM 397 O "O3'" . DC A 1 20 ? 22.66240  -11.97204 15.66789  1.000 153.43000 ? 20 DC A "O3'" 1 
ATOM 398 C "C2'" . DC A 1 20 ? 21.07541  -13.14686 17.09562  1.000 126.71000 ? 20 DC A "C2'" 1 
ATOM 399 C "C1'" . DC A 1 20 ? 19.80477  -12.60442 16.44506  1.000 137.10000 ? 20 DC A "C1'" 1 
ATOM 400 N N1    . DC A 1 20 ? 18.56361  -13.22812 16.96317  1.000 135.49000 ? 20 DC A N1    1 
ATOM 401 C C2    . DC A 1 20 ? 17.83225  -12.59880 17.97541  1.000 122.05000 ? 20 DC A C2    1 
ATOM 402 O O2    . DC A 1 20 ? 18.23777  -11.52627 18.44322  1.000 139.20000 ? 20 DC A O2    1 
ATOM 403 N N3    . DC A 1 20 ? 16.69311  -13.19235 18.42243  1.000 112.22000 ? 20 DC A N3    1 
ATOM 404 C C4    . DC A 1 20 ? 16.29065  -14.35391 17.89701  1.000 121.78000 ? 20 DC A C4    1 
ATOM 405 N N4    . DC A 1 20 ? 15.16425  -14.90294 18.36398  1.000 140.52000 ? 20 DC A N4    1 
ATOM 406 C C5    . DC A 1 20 ? 17.02489  -15.00354 16.86567  1.000 123.57000 ? 20 DC A C5    1 
ATOM 407 C C6    . DC A 1 20 ? 18.13851  -14.41082 16.43400  1.000 126.32000 ? 20 DC A C6    1 
ATOM 408 P P     . DA A 1 21 ? 24.10970  -11.65427 16.28615  1.000 189.39000 ? 21 DA A P     1 
ATOM 409 O OP1   . DA A 1 21 ? 24.72098  -10.55753 15.50548  1.000 185.95000 ? 21 DA A OP1   1 
ATOM 410 O OP2   . DA A 1 21 ? 24.82854  -12.94032 16.43326  1.000 198.60000 ? 21 DA A OP2   1 
ATOM 411 O "O5'" . DA A 1 21 ? 23.77727  -11.10602 17.74541  1.000 133.95000 ? 21 DA A "O5'" 1 
ATOM 412 C "C5'" . DA A 1 21 ? 23.85244  -11.97505 18.85743  1.000 129.19000 ? 21 DA A "C5'" 1 
ATOM 413 C "C4'" . DA A 1 21 ? 23.00144  -11.45413 19.99511  1.000 136.39000 ? 21 DA A "C4'" 1 
ATOM 414 O "O4'" . DA A 1 21 ? 21.67503  -12.04954 19.93076  1.000 135.63000 ? 21 DA A "O4'" 1 
ATOM 415 C "C3'" . DA A 1 21 ? 23.53115  -11.78373 21.39376  1.000 169.66000 ? 21 DA A "C3'" 1 
ATOM 416 O "O3'" . DA A 1 21 ? 23.30571  -10.67793 22.26062  1.000 173.84000 ? 21 DA A "O3'" 1 
ATOM 417 C "C2'" . DA A 1 21 ? 22.67447  -12.98081 21.79090  1.000 149.34000 ? 21 DA A "C2'" 1 
ATOM 418 C "C1'" . DA A 1 21 ? 21.35386  -12.53163 21.21262  1.000 153.05000 ? 21 DA A "C1'" 1 
ATOM 419 N N9    . DA A 1 21 ? 20.33658  -13.57059 21.10870  1.000 138.02000 ? 21 DA A N9    1 
ATOM 420 C C8    . DA A 1 21 ? 20.34443  -14.67948 20.30874  1.000 104.81000 ? 21 DA A C8    1 
ATOM 421 N N7    . DA A 1 21 ? 19.26890  -15.42347 20.43558  1.000 120.31000 ? 21 DA A N7    1 
ATOM 422 C C5    . DA A 1 21 ? 18.50812  -14.74653 21.37680  1.000 149.87000 ? 21 DA A C5    1 
ATOM 423 C C6    . DA A 1 21 ? 17.25288  -15.00791 21.95389  1.000 159.14000 ? 21 DA A C6    1 
ATOM 424 N N6    . DA A 1 21 ? 16.51761  -16.07187 21.64598  1.000 138.87000 ? 21 DA A N6    1 
ATOM 425 N N1    . DA A 1 21 ? 16.78404  -14.12602 22.86867  1.000 157.67000 ? 21 DA A N1    1 
ATOM 426 C C2    . DA A 1 21 ? 17.53125  -13.06758 23.17585  1.000 140.51000 ? 21 DA A C2    1 
ATOM 427 N N3    . DA A 1 21 ? 18.71780  -12.71644 22.69875  1.000 152.01000 ? 21 DA A N3    1 
ATOM 428 C C4    . DA A 1 21 ? 19.15339  -13.60700 21.79590  1.000 159.43000 ? 21 DA A C4    1 
ATOM 429 P P     . DC B 2 1  ? 12.50144  -3.82732  1.92430   1.000 101.46000 ? 1  DC B P     1 
ATOM 430 O OP1   . DC B 2 1  ? 13.29370  -2.81792  1.18556   1.000 75.91000  ? 1  DC B OP1   1 
ATOM 431 O OP2   . DC B 2 1  ? 11.05840  -3.58729  2.10290   1.000 76.21000  ? 1  DC B OP2   1 
ATOM 432 O "O5'" . DC B 2 1  ? 12.64953  -5.26473  1.23330   1.000 132.26000 ? 1  DC B "O5'" 1 
ATOM 433 C "C5'" . DC B 2 1  ? 13.29937  -6.33326  1.91156   1.000 162.90000 ? 1  DC B "C5'" 1 
ATOM 434 C "C4'" . DC B 2 1  ? 12.46517  -6.84740  3.06552   1.000 179.42000 ? 1  DC B "C4'" 1 
ATOM 435 O "O4'" . DC B 2 1  ? 12.44680  -5.89553  4.15030   1.000 117.36000 ? 1  DC B "O4'" 1 
ATOM 436 C "C3'" . DC B 2 1  ? 11.00362  -7.14110  2.74581   1.000 157.40000 ? 1  DC B "C3'" 1 
ATOM 437 O "O3'" . DC B 2 1  ? 10.75546  -8.49426  2.99228   1.000 182.45000 ? 1  DC B "O3'" 1 
ATOM 438 C "C2'" . DC B 2 1  ? 10.21197  -6.23840  3.71318   1.000 117.27000 ? 1  DC B "C2'" 1 
ATOM 439 C "C1'" . DC B 2 1  ? 11.22371  -6.04454  4.82051   1.000 93.70000  ? 1  DC B "C1'" 1 
ATOM 440 N N1    . DC B 2 1  ? 11.00984  -4.84844  5.68978   1.000 91.64000  ? 1  DC B N1    1 
ATOM 441 C C2    . DC B 2 1  ? 9.95489   -4.82450  6.62236   1.000 96.41000  ? 1  DC B C2    1 
ATOM 442 O O2    . DC B 2 1  ? 9.18095   -5.79169  6.70148   1.000 115.31000 ? 1  DC B O2    1 
ATOM 443 N N3    . DC B 2 1  ? 9.80954   -3.72631  7.41437   1.000 119.06000 ? 1  DC B N3    1 
ATOM 444 C C4    . DC B 2 1  ? 10.66347  -2.70154  7.30661   1.000 170.21000 ? 1  DC B C4    1 
ATOM 445 N N4    . DC B 2 1  ? 10.47981  -1.64116  8.10425   1.000 210.71000 ? 1  DC B N4    1 
ATOM 446 C C5    . DC B 2 1  ? 11.74293  -2.71730  6.37476   1.000 171.61000 ? 1  DC B C5    1 
ATOM 447 C C6    . DC B 2 1  ? 11.88124  -3.79904  5.60138   1.000 121.68000 ? 1  DC B C6    1 
ATOM 448 P P     . DC B 2 2  ? 9.52037   -9.20054  2.26704   1.000 121.36000 ? 2  DC B P     1 
ATOM 449 O OP1   . DC B 2 2  ? 8.62986   -9.69163  3.34711   1.000 98.10000  ? 2  DC B OP1   1 
ATOM 450 O OP2   . DC B 2 2  ? 10.05395  -10.14117 1.25028   1.000 144.88000 ? 2  DC B OP2   1 
ATOM 451 O "O5'" . DC B 2 2  ? 8.82384   -7.98455  1.49518   1.000 135.38000 ? 2  DC B "O5'" 1 
ATOM 452 C "C5'" . DC B 2 2  ? 7.72071   -8.22114  0.66392   1.000 166.10000 ? 2  DC B "C5'" 1 
ATOM 453 C "C4'" . DC B 2 2  ? 6.46540   -8.42049  1.48452   1.000 160.76000 ? 2  DC B "C4'" 1 
ATOM 454 O "O4'" . DC B 2 2  ? 6.49598   -7.55369  2.65219   1.000 133.63000 ? 2  DC B "O4'" 1 
ATOM 455 C "C3'" . DC B 2 2  ? 5.20323   -8.03919  0.76279   1.000 172.86000 ? 2  DC B "C3'" 1 
ATOM 456 O "O3'" . DC B 2 2  ? 4.10981   -8.67983  1.36065   1.000 139.35000 ? 2  DC B "O3'" 1 
ATOM 457 C "C2'" . DC B 2 2  ? 5.17366   -6.53837  0.99934   1.000 209.10000 ? 2  DC B "C2'" 1 
ATOM 458 C "C1'" . DC B 2 2  ? 5.63853   -6.44206  2.44458   1.000 165.43000 ? 2  DC B "C1'" 1 
ATOM 459 N N1    . DC B 2 2  ? 6.41431   -5.20542  2.73951   1.000 152.22000 ? 2  DC B N1    1 
ATOM 460 C C2    . DC B 2 2  ? 6.09892   -4.42197  3.86566   1.000 132.76000 ? 2  DC B C2    1 
ATOM 461 O O2    . DC B 2 2  ? 5.15898   -4.75553  4.60051   1.000 136.72000 ? 2  DC B O2    1 
ATOM 462 N N3    . DC B 2 2  ? 6.83443   -3.30822  4.11623   1.000 113.56000 ? 2  DC B N3    1 
ATOM 463 C C4    . DC B 2 2  ? 7.83921   -2.97932  3.30432   1.000 119.34000 ? 2  DC B C4    1 
ATOM 464 N N4    . DC B 2 2  ? 8.54254   -1.88039  3.59691   1.000 110.83000 ? 2  DC B N4    1 
ATOM 465 C C5    . DC B 2 2  ? 8.17197   -3.76401  2.16026   1.000 107.12000 ? 2  DC B C5    1 
ATOM 466 C C6    . DC B 2 2  ? 7.44684   -4.85675  1.92145   1.000 125.31000 ? 2  DC B C6    1 
ATOM 467 P P     . DG B 2 3  ? 2.88857   -9.18701  0.45422   1.000 131.95000 ? 3  DG B P     1 
ATOM 468 O OP1   . DG B 2 3  ? 2.76544   -10.65181 0.63182   1.000 197.98000 ? 3  DG B OP1   1 
ATOM 469 O OP2   . DG B 2 3  ? 3.07134   -8.61367  -0.89876  1.000 132.67000 ? 3  DG B OP2   1 
ATOM 470 O "O5'" . DG B 2 3  ? 1.62950   -8.49886  1.14188   1.000 118.91000 ? 3  DG B "O5'" 1 
ATOM 471 C "C5'" . DG B 2 3  ? 1.59170   -8.40101  2.55316   1.000 107.54000 ? 3  DG B "C5'" 1 
ATOM 472 C "C4'" . DG B 2 3  ? 0.41854   -7.56249  3.02165   1.000 136.98000 ? 3  DG B "C4'" 1 
ATOM 473 O "O4'" . DG B 2 3  ? 0.83845   -6.19451  3.19693   1.000 132.85000 ? 3  DG B "O4'" 1 
ATOM 474 C "C3'" . DG B 2 3  ? -0.77150  -7.50263  2.07980   1.000 139.87000 ? 3  DG B "C3'" 1 
ATOM 475 O "O3'" . DG B 2 3  ? -1.97863  -7.31843  2.85020   1.000 179.83000 ? 3  DG B "O3'" 1 
ATOM 476 C "C2'" . DG B 2 3  ? -0.44071  -6.30053  1.19509   1.000 147.53000 ? 3  DG B "C2'" 1 
ATOM 477 C "C1'" . DG B 2 3  ? 0.39054   -5.40753  2.11485   1.000 178.73000 ? 3  DG B "C1'" 1 
ATOM 478 N N9    . DG B 2 3  ? 1.55793   -4.84680  1.46469   1.000 167.55000 ? 3  DG B N9    1 
ATOM 479 C C8    . DG B 2 3  ? 2.17115   -5.30088  0.32572   1.000 131.00000 ? 3  DG B C8    1 
ATOM 480 N N7    . DG B 2 3  ? 3.19821   -4.58199  -0.02852  1.000 110.31000 ? 3  DG B N7    1 
ATOM 481 C C5    . DG B 2 3  ? 3.28938   -3.61534  0.96044   1.000 147.40000 ? 3  DG B C5    1 
ATOM 482 C C6    . DG B 2 3  ? 4.21418   -2.56488  1.12014   1.000 127.63000 ? 3  DG B C6    1 
ATOM 483 O O6    . DG B 2 3  ? 5.18142   -2.27420  0.40418   1.000 121.05000 ? 3  DG B O6    1 
ATOM 484 N N1    . DG B 2 3  ? 3.93201   -1.80868  2.25345   1.000 121.32000 ? 3  DG B N1    1 
ATOM 485 C C2    . DG B 2 3  ? 2.88902   -2.04487  3.11853   1.000 119.80000 ? 3  DG B C2    1 
ATOM 486 N N2    . DG B 2 3  ? 2.76817   -1.21349  4.15776   1.000 129.78000 ? 3  DG B N2    1 
ATOM 487 N N3    . DG B 2 3  ? 2.01924   -3.02350  2.97432   1.000 104.89000 ? 3  DG B N3    1 
ATOM 488 C C4    . DG B 2 3  ? 2.28124   -3.76631  1.87956   1.000 159.61000 ? 3  DG B C4    1 
ATOM 489 P P     . DT B 2 4  ? -3.16375  -6.32876  2.38160   1.000 175.45000 ? 4  DT B P     1 
ATOM 490 O OP1   . DT B 2 4  ? -4.31868  -6.65366  3.24916   1.000 159.64000 ? 4  DT B OP1   1 
ATOM 491 O OP2   . DT B 2 4  ? -3.35765  -6.37950  0.91605   1.000 139.74000 ? 4  DT B OP2   1 
ATOM 492 O "O5'" . DT B 2 4  ? -2.65598  -4.86871  2.79747   1.000 206.39000 ? 4  DT B "O5'" 1 
ATOM 493 C "C5'" . DT B 2 4  ? -2.98179  -4.35097  4.08274   1.000 147.77000 ? 4  DT B "C5'" 1 
ATOM 494 C "C4'" . DT B 2 4  ? -2.76367  -2.85268  4.13063   1.000 182.69000 ? 4  DT B "C4'" 1 
ATOM 495 O "O4'" . DT B 2 4  ? -1.49138  -2.53663  3.51728   1.000 215.11000 ? 4  DT B "O4'" 1 
ATOM 496 C "C3'" . DT B 2 4  ? -3.81950  -2.02306  3.39164   1.000 168.58000 ? 4  DT B "C3'" 1 
ATOM 497 O "O3'" . DT B 2 4  ? -4.44064  -1.10017  4.29457   1.000 173.64000 ? 4  DT B "O3'" 1 
ATOM 498 C "C2'" . DT B 2 4  ? -3.03172  -1.31307  2.28584   1.000 137.09000 ? 4  DT B "C2'" 1 
ATOM 499 C "C1'" . DT B 2 4  ? -1.60925  -1.32915  2.81895   1.000 144.23000 ? 4  DT B "C1'" 1 
ATOM 500 N N1    . DT B 2 4  ? -0.57188  -1.30751  1.74567   1.000 137.78000 ? 4  DT B N1    1 
ATOM 501 C C2    . DT B 2 4  ? 0.40883   -0.33916  1.76665   1.000 157.65000 ? 4  DT B C2    1 
ATOM 502 O O2    . DT B 2 4  ? 0.47894   0.51848   2.62592   1.000 173.78000 ? 4  DT B O2    1 
ATOM 503 N N3    . DT B 2 4  ? 1.31188   -0.41395  0.73526   1.000 152.59000 ? 4  DT B N3    1 
ATOM 504 C C4    . DT B 2 4  ? 1.32660   -1.34208  -0.28929  1.000 132.59000 ? 4  DT B C4    1 
ATOM 505 O O4    . DT B 2 4  ? 2.17522   -1.33306  -1.17448  1.000 127.51000 ? 4  DT B O4    1 
ATOM 506 C C5    . DT B 2 4  ? 0.27129   -2.32467  -0.24684  1.000 121.09000 ? 4  DT B C5    1 
ATOM 507 C C7    . DT B 2 4  ? 0.18219   -3.37525  -1.30836  1.000 99.49000  ? 4  DT B C7    1 
ATOM 508 C C6    . DT B 2 4  ? -0.61432  -2.26103  0.75500   1.000 113.56000 ? 4  DT B C6    1 
ATOM 509 P P     . DA B 2 5  ? -5.41414  0.05833   3.75017   1.000 197.11000 ? 5  DA B P     1 
ATOM 510 O OP1   . DA B 2 5  ? -6.35878  0.40148   4.83478   1.000 186.05000 ? 5  DA B OP1   1 
ATOM 511 O OP2   . DA B 2 5  ? -5.92972  -0.33239  2.41949   1.000 211.65000 ? 5  DA B OP2   1 
ATOM 512 O "O5'" . DA B 2 5  ? -4.43821  1.29960   3.56288   1.000 187.99000 ? 5  DA B "O5'" 1 
ATOM 513 C "C5'" . DA B 2 5  ? -3.53826  1.63630   4.60120   1.000 192.70000 ? 5  DA B "C5'" 1 
ATOM 514 C "C4'" . DA B 2 5  ? -2.87890  2.97382   4.33727   1.000 149.92000 ? 5  DA B "C4'" 1 
ATOM 515 O "O4'" . DA B 2 5  ? -1.82166  2.81196   3.35960   1.000 150.86000 ? 5  DA B "O4'" 1 
ATOM 516 C "C3'" . DA B 2 5  ? -3.79870  4.04329   3.77824   1.000 135.77000 ? 5  DA B "C3'" 1 
ATOM 517 O "O3'" . DA B 2 5  ? -3.36215  5.32116   4.20472   1.000 158.70000 ? 5  DA B "O3'" 1 
ATOM 518 C "C2'" . DA B 2 5  ? -3.63202  3.86830   2.27624   1.000 158.48000 ? 5  DA B "C2'" 1 
ATOM 519 C "C1'" . DA B 2 5  ? -2.16344  3.46543   2.15441   1.000 140.71000 ? 5  DA B "C1'" 1 
ATOM 520 N N9    . DA B 2 5  ? -1.90542  2.53479   1.06020   1.000 146.56000 ? 5  DA B N9    1 
ATOM 521 C C8    . DA B 2 5  ? -2.60963  1.40469   0.77273   1.000 134.24000 ? 5  DA B C8    1 
ATOM 522 N N7    . DA B 2 5  ? -2.15087  0.73527   -0.25584  1.000 135.26000 ? 5  DA B N7    1 
ATOM 523 C C5    . DA B 2 5  ? -1.06660  1.48295   -0.68082  1.000 139.04000 ? 5  DA B C5    1 
ATOM 524 C C6    . DA B 2 5  ? -0.15325  1.31112   -1.74109  1.000 151.42000 ? 5  DA B C6    1 
ATOM 525 N N6    . DA B 2 5  ? -0.20296  0.28175   -2.59355  1.000 156.56000 ? 5  DA B N6    1 
ATOM 526 N N1    . DA B 2 5  ? 0.81397   2.24054   -1.89174  1.000 173.68000 ? 5  DA B N1    1 
ATOM 527 C C2    . DA B 2 5  ? 0.85806   3.26922   -1.03568  1.000 183.96000 ? 5  DA B C2    1 
ATOM 528 N N3    . DA B 2 5  ? 0.05600   3.53830   -0.00269  1.000 131.55000 ? 5  DA B N3    1 
ATOM 529 C C4    . DA B 2 5  ? -0.89502  2.59699   0.12141   1.000 131.09000 ? 5  DA B C4    1 
ATOM 530 P P     . DC B 2 6  ? -4.40466  6.53757   4.30404   1.000 159.54000 ? 6  DC B P     1 
ATOM 531 O OP1   . DC B 2 6  ? -4.21266  7.20031   5.61438   1.000 166.56000 ? 6  DC B OP1   1 
ATOM 532 O OP2   . DC B 2 6  ? -5.73055  6.02282   3.90201   1.000 131.79000 ? 6  DC B OP2   1 
ATOM 533 O "O5'" . DC B 2 6  ? -3.92388  7.53395   3.16067   1.000 149.63000 ? 6  DC B "O5'" 1 
ATOM 534 C "C5'" . DC B 2 6  ? -2.59614  7.99968   3.16656   1.000 115.67000 ? 6  DC B "C5'" 1 
ATOM 535 C "C4'" . DC B 2 6  ? -2.08523  8.18397   1.75306   1.000 129.41000 ? 6  DC B "C4'" 1 
ATOM 536 O "O4'" . DC B 2 6  ? -2.07858  6.92689   1.04977   1.000 112.60000 ? 6  DC B "O4'" 1 
ATOM 537 C "C3'" . DC B 2 6  ? -2.90402  9.14018   0.87921   1.000 126.04000 ? 6  DC B "C3'" 1 
ATOM 538 O "O3'" . DC B 2 6  ? -2.11538  10.26710  0.59694   1.000 100.12000 ? 6  DC B "O3'" 1 
ATOM 539 C "C2'" . DC B 2 6  ? -3.21222  8.32064   -0.39623  1.000 94.93000  ? 6  DC B "C2'" 1 
ATOM 540 C "C1'" . DC B 2 6  ? -2.15892  7.23003   -0.31027  1.000 109.77000 ? 6  DC B "C1'" 1 
ATOM 541 N N1    . DC B 2 6  ? -2.44510  5.97918   -1.06107  1.000 97.79000  ? 6  DC B N1    1 
ATOM 542 C C2    . DC B 2 6  ? -1.64355  5.65919   -2.14367  1.000 110.05000 ? 6  DC B C2    1 
ATOM 543 O O2    . DC B 2 6  ? -0.76145  6.45279   -2.45751  1.000 175.39000 ? 6  DC B O2    1 
ATOM 544 N N3    . DC B 2 6  ? -1.86896  4.50854   -2.82522  1.000 107.38000 ? 6  DC B N3    1 
ATOM 545 C C4    . DC B 2 6  ? -2.85270  3.69289   -2.43290  1.000 117.11000 ? 6  DC B C4    1 
ATOM 546 N N4    . DC B 2 6  ? -3.05002  2.56416   -3.12633  1.000 109.37000 ? 6  DC B N4    1 
ATOM 547 C C5    . DC B 2 6  ? -3.67743  4.00074   -1.30950  1.000 145.35000 ? 6  DC B C5    1 
ATOM 548 C C6    . DC B 2 6  ? -3.43847  5.14608   -0.66141  1.000 116.13000 ? 6  DC B C6    1 
ATOM 549 P P     . DA B 2 7  ? -2.76310  11.73230  0.54246   1.000 114.31000 ? 7  DA B P     1 
ATOM 550 O OP1   . DA B 2 7  ? -2.09011  12.56360  1.56353   1.000 123.66000 ? 7  DA B OP1   1 
ATOM 551 O OP2   . DA B 2 7  ? -4.23654  11.59764  0.53446   1.000 86.35000  ? 7  DA B OP2   1 
ATOM 552 O "O5'" . DA B 2 7  ? -2.30514  12.25362  -0.88600  1.000 128.00000 ? 7  DA B "O5'" 1 
ATOM 553 C "C5'" . DA B 2 7  ? -1.17403  11.66447  -1.48970  1.000 133.42000 ? 7  DA B "C5'" 1 
ATOM 554 C "C4'" . DA B 2 7  ? -1.46392  11.31683  -2.93033  1.000 96.37000  ? 7  DA B "C4'" 1 
ATOM 555 O "O4'" . DA B 2 7  ? -1.82204  9.91276   -3.06343  1.000 90.22000  ? 7  DA B "O4'" 1 
ATOM 556 C "C3'" . DA B 2 7  ? -2.63878  12.08599  -3.56668  1.000 106.35000 ? 7  DA B "C3'" 1 
ATOM 557 O "O3'" . DA B 2 7  ? -2.26879  12.47259  -4.86490  1.000 74.11000  ? 7  DA B "O3'" 1 
ATOM 558 C "C2'" . DA B 2 7  ? -3.72178  11.02026  -3.64154  1.000 119.58000 ? 7  DA B "C2'" 1 
ATOM 559 C "C1'" . DA B 2 7  ? -2.82089  9.89094   -4.03894  1.000 103.10000 ? 7  DA B "C1'" 1 
ATOM 560 N N9    . DA B 2 7  ? -3.43597  8.58272   -4.18533  1.000 88.23000  ? 7  DA B N9    1 
ATOM 561 C C8    . DA B 2 7  ? -4.46519  8.03138   -3.47273  1.000 107.84000 ? 7  DA B C8    1 
ATOM 562 N N7    . DA B 2 7  ? -4.80267  6.82890   -3.89241  1.000 145.39000 ? 7  DA B N7    1 
ATOM 563 C C5    . DA B 2 7  ? -3.94262  6.59942   -4.95946  1.000 124.41000 ? 7  DA B C5    1 
ATOM 564 C C6    . DA B 2 7  ? -3.77638  5.51332   -5.84070  1.000 149.42000 ? 7  DA B C6    1 
ATOM 565 N N6    . DA B 2 7  ? -4.50898  4.40437   -5.77870  1.000 167.08000 ? 7  DA B N6    1 
ATOM 566 N N1    . DA B 2 7  ? -2.81881  5.61744   -6.79507  1.000 147.94000 ? 7  DA B N1    1 
ATOM 567 C C2    . DA B 2 7  ? -2.09001  6.72918   -6.85125  1.000 155.93000 ? 7  DA B C2    1 
ATOM 568 N N3    . DA B 2 7  ? -2.15642  7.80718   -6.08432  1.000 116.26000 ? 7  DA B N3    1 
ATOM 569 C C4    . DA B 2 7  ? -3.11071  7.67426   -5.14993  1.000 108.19000 ? 7  DA B C4    1 
ATOM 570 P P     . DG C 3 1  ? -7.40363  14.23036  -5.68946  1.000 155.46000 ? 8  DG C P     1 
ATOM 571 O OP1   . DG C 3 1  ? -7.54086  12.99497  -4.88466  1.000 80.75000  ? 8  DG C OP1   1 
ATOM 572 O OP2   . DG C 3 1  ? -7.44250  15.55213  -5.02614  1.000 119.53000 ? 8  DG C OP2   1 
ATOM 573 O "O5'" . DG C 3 1  ? -6.02855  14.13810  -6.49120  1.000 126.17000 ? 8  DG C "O5'" 1 
ATOM 574 C "C5'" . DG C 3 1  ? -5.98894  13.45167  -7.72575  1.000 134.86000 ? 8  DG C "C5'" 1 
ATOM 575 C "C4'" . DG C 3 1  ? -4.81620  12.49088  -7.78124  1.000 126.25000 ? 8  DG C "C4'" 1 
ATOM 576 O "O4'" . DG C 3 1  ? -4.92880  11.49875  -6.72276  1.000 107.18000 ? 8  DG C "O4'" 1 
ATOM 577 C "C3'" . DG C 3 1  ? -4.72801  11.66582  -9.05113  1.000 130.68000 ? 8  DG C "C3'" 1 
ATOM 578 O "O3'" . DG C 3 1  ? -4.12193  12.42157  -10.10318 1.000 142.84000 ? 8  DG C "O3'" 1 
ATOM 579 C "C2'" . DG C 3 1  ? -3.84021  10.52199  -8.58545  1.000 150.20000 ? 8  DG C "C2'" 1 
ATOM 580 C "C1'" . DG C 3 1  ? -4.41002  10.25605  -7.18750  1.000 119.50000 ? 8  DG C "C1'" 1 
ATOM 581 N N9    . DG C 3 1  ? -5.48687  9.26364   -7.16726  1.000 125.81000 ? 8  DG C N9    1 
ATOM 582 C C8    . DG C 3 1  ? -6.66544  9.34305   -6.45902  1.000 162.87000 ? 8  DG C C8    1 
ATOM 583 N N7    . DG C 3 1  ? -7.45060  8.31788   -6.63524  1.000 139.05000 ? 8  DG C N7    1 
ATOM 584 C C5    . DG C 3 1  ? -6.74930  7.49885   -7.51559  1.000 145.09000 ? 8  DG C C5    1 
ATOM 585 C C6    . DG C 3 1  ? -7.10225  6.24661   -8.06719  1.000 142.80000 ? 8  DG C C6    1 
ATOM 586 O O6    . DG C 3 1  ? -8.13026  5.58522   -7.88457  1.000 157.88000 ? 8  DG C O6    1 
ATOM 587 N N1    . DG C 3 1  ? -6.10924  5.75630   -8.91304  1.000 131.83000 ? 8  DG C N1    1 
ATOM 588 C C2    . DG C 3 1  ? -4.92691  6.39053   -9.19263  1.000 121.15000 ? 8  DG C C2    1 
ATOM 589 N N2    . DG C 3 1  ? -4.09721  5.75765   -10.04054 1.000 162.20000 ? 8  DG C N2    1 
ATOM 590 N N3    . DG C 3 1  ? -4.58231  7.56559   -8.68437  1.000 88.17000  ? 8  DG C N3    1 
ATOM 591 C C4    . DG C 3 1  ? -5.54101  8.06291   -7.85258  1.000 112.41000 ? 8  DG C C4    1 
ATOM 592 P P     . DG C 3 2  ? -5.03576  13.11302  -11.23197 1.000 165.58000 ? 9  DG C P     1 
ATOM 593 O OP1   . DG C 3 2  ? -4.46033  14.44682  -11.51049 1.000 166.50000 ? 9  DG C OP1   1 
ATOM 594 O OP2   . DG C 3 2  ? -6.44828  12.97530  -10.82136 1.000 164.88000 ? 9  DG C OP2   1 
ATOM 595 O "O5'" . DG C 3 2  ? -4.84830  12.18780  -12.51770 1.000 125.31000 ? 9  DG C "O5'" 1 
ATOM 596 C "C5'" . DG C 3 2  ? -3.56300  11.98852  -13.05638 1.000 147.57000 ? 9  DG C "C5'" 1 
ATOM 597 C "C4'" . DG C 3 2  ? -3.35913  10.52911  -13.39757 1.000 169.17000 ? 9  DG C "C4'" 1 
ATOM 598 O "O4'" . DG C 3 2  ? -3.69569  9.72279   -12.24840 1.000 170.47000 ? 9  DG C "O4'" 1 
ATOM 599 C "C3'" . DG C 3 2  ? -4.24365  10.00622  -14.51301 1.000 146.96000 ? 9  DG C "C3'" 1 
ATOM 600 O "O3'" . DG C 3 2  ? -3.61628  10.21967  -15.75261 1.000 174.43000 ? 9  DG C "O3'" 1 
ATOM 601 C "C2'" . DG C 3 2  ? -4.32448  8.52378   -14.19070 1.000 153.27000 ? 9  DG C "C2'" 1 
ATOM 602 C "C1'" . DG C 3 2  ? -4.34690  8.54170   -12.66754 1.000 147.91000 ? 9  DG C "C1'" 1 
ATOM 603 N N9    . DG C 3 2  ? -5.68352  8.53257   -12.11362 1.000 161.96000 ? 9  DG C N9    1 
ATOM 604 C C8    . DG C 3 2  ? -6.27042  9.50446   -11.34066 1.000 152.56000 ? 9  DG C C8    1 
ATOM 605 N N7    . DG C 3 2  ? -7.48740  9.21099   -10.97861 1.000 142.14000 ? 9  DG C N7    1 
ATOM 606 C C5    . DG C 3 2  ? -7.71755  7.96408   -11.55307 1.000 148.22000 ? 9  DG C C5    1 
ATOM 607 C C6    . DG C 3 2  ? -8.86488  7.13884   -11.51384 1.000 130.83000 ? 9  DG C C6    1 
ATOM 608 O O6    . DG C 3 2  ? -9.94551  7.32846   -10.93984 1.000 125.56000 ? 9  DG C O6    1 
ATOM 609 N N1    . DG C 3 2  ? -8.66337  5.96220   -12.22924 1.000 137.10000 ? 9  DG C N1    1 
ATOM 610 C C2    . DG C 3 2  ? -7.51062  5.63597   -12.89625 1.000 143.75000 ? 9  DG C C2    1 
ATOM 611 N N2    . DG C 3 2  ? -7.50521  4.46547   -13.53338 1.000 179.68000 ? 9  DG C N2    1 
ATOM 612 N N3    . DG C 3 2  ? -6.43816  6.39826   -12.94067 1.000 115.78000 ? 9  DG C N3    1 
ATOM 613 C C4    . DG C 3 2  ? -6.61396  7.54552   -12.24820 1.000 147.11000 ? 9  DG C C4    1 
ATOM 614 P P     . DC C 3 3  ? -4.46664  10.79584  -16.98104 1.000 173.70000 ? 10 DC C P     1 
ATOM 615 O OP1   . DC C 3 3  ? -3.80944  10.34974  -18.23081 1.000 216.37000 ? 10 DC C OP1   1 
ATOM 616 O OP2   . DC C 3 3  ? -4.68823  12.23836  -16.72883 1.000 216.33000 ? 10 DC C OP2   1 
ATOM 617 O "O5'" . DC C 3 3  ? -5.87032  10.04597  -16.84085 1.000 154.85000 ? 10 DC C "O5'" 1 
ATOM 618 C "C5'" . DC C 3 3  ? -6.46924  9.44934   -17.97965 1.000 176.71000 ? 10 DC C "C5'" 1 
ATOM 619 C "C4'" . DC C 3 3  ? -6.08812  7.98069   -18.09701 1.000 164.51000 ? 10 DC C "C4'" 1 
ATOM 620 O "O4'" . DC C 3 3  ? -6.12204  7.35591   -16.78372 1.000 149.71000 ? 10 DC C "O4'" 1 
ATOM 621 C "C3'" . DC C 3 3  ? -7.00799  7.16480   -19.00340 1.000 165.86000 ? 10 DC C "C3'" 1 
ATOM 622 O "O3'" . DC C 3 3  ? -6.33823  6.86928   -20.23226 1.000 197.91000 ? 10 DC C "O3'" 1 
ATOM 623 C "C2'" . DC C 3 3  ? -7.30831  5.89332   -18.20450 1.000 150.36000 ? 10 DC C "C2'" 1 
ATOM 624 C "C1'" . DC C 3 3  ? -7.08347  6.32422   -16.75456 1.000 148.67000 ? 10 DC C "C1'" 1 
ATOM 625 N N1    . DC C 3 3  ? -8.31400  6.83868   -16.03832 1.000 140.52000 ? 10 DC C N1    1 
ATOM 626 C C2    . DC C 3 3  ? -9.46532  6.03892   -15.92507 1.000 156.63000 ? 10 DC C C2    1 
ATOM 627 O O2    . DC C 3 3  ? -9.48324  4.90711   -16.42027 1.000 153.52000 ? 10 DC C O2    1 
ATOM 628 N N3    . DC C 3 3  ? -10.54002 6.53204   -15.26529 1.000 154.91000 ? 10 DC C N3    1 
ATOM 629 C C4    . DC C 3 3  ? -10.49913 7.75345   -14.73256 1.000 146.10000 ? 10 DC C C4    1 
ATOM 630 N N4    . DC C 3 3  ? -11.58687 8.18764   -14.09049 1.000 149.96000 ? 10 DC C N4    1 
ATOM 631 C C5    . DC C 3 3  ? -9.34223  8.57639   -14.82749 1.000 128.13000 ? 10 DC C C5    1 
ATOM 632 C C6    . DC C 3 3  ? -8.28453  8.08242   -15.47391 1.000 137.27000 ? 10 DC C C6    1 
ATOM 633 P P     . DT C 3 4  ? -7.10726  7.05157   -21.63044 1.000 207.89000 ? 11 DT C P     1 
ATOM 634 O OP1   . DT C 3 4  ? -7.18677  5.72212   -22.27928 1.000 203.29000 ? 11 DT C OP1   1 
ATOM 635 O OP2   . DT C 3 4  ? -6.47747  8.18048   -22.35153 1.000 251.45000 ? 11 DT C OP2   1 
ATOM 636 O "O5'" . DT C 3 4  ? -8.56710  7.52953   -21.18871 1.000 186.05000 ? 11 DT C "O5'" 1 
ATOM 637 C "C5'" . DT C 3 4  ? -9.63743  7.47738   -22.10668 1.000 205.44000 ? 11 DT C "C5'" 1 
ATOM 638 C "C4'" . DT C 3 4  ? -10.31876 6.12619   -22.05176 1.000 196.58000 ? 11 DT C "C4'" 1 
ATOM 639 O "O4'" . DT C 3 4  ? -10.28774 5.62830   -20.69069 1.000 145.87000 ? 11 DT C "O4'" 1 
ATOM 640 C "C3'" . DT C 3 4  ? -11.78071 6.14729   -22.44674 1.000 186.01000 ? 11 DT C "C3'" 1 
ATOM 641 O "O3'" . DT C 3 4  ? -11.90883 5.95123   -23.87334 1.000 208.10000 ? 11 DT C "O3'" 1 
ATOM 642 C "C2'" . DT C 3 4  ? -12.37113 5.00341   -21.62748 1.000 165.87000 ? 11 DT C "C2'" 1 
ATOM 643 C "C1'" . DT C 3 4  ? -11.52925 5.03365   -20.35813 1.000 170.15000 ? 11 DT C "C1'" 1 
ATOM 644 N N1    . DT C 3 4  ? -12.14314 5.79920   -19.21541 1.000 175.25000 ? 11 DT C N1    1 
ATOM 645 C C2    . DT C 3 4  ? -13.16324 5.22815   -18.48539 1.000 195.94000 ? 11 DT C C2    1 
ATOM 646 O O2    . DT C 3 4  ? -13.62311 4.12749   -18.72742 1.000 242.69000 ? 11 DT C O2    1 
ATOM 647 N N3    . DT C 3 4  ? -13.63518 6.00192   -17.45670 1.000 161.42000 ? 11 DT C N3    1 
ATOM 648 C C4    . DT C 3 4  ? -13.19480 7.25912   -17.08907 1.000 179.60000 ? 11 DT C C4    1 
ATOM 649 O O4    . DT C 3 4  ? -13.68132 7.87834   -16.14920 1.000 203.18000 ? 11 DT C O4    1 
ATOM 650 C C5    . DT C 3 4  ? -12.12200 7.79421   -17.88922 1.000 146.54000 ? 11 DT C C5    1 
ATOM 651 C C7    . DT C 3 4  ? -11.56460 9.15001   -17.58685 1.000 117.09000 ? 11 DT C C7    1 
ATOM 652 C C6    . DT C 3 4  ? -11.65097 7.04729   -18.89776 1.000 144.75000 ? 11 DT C C6    1 
ATOM 653 P P     . DG C 3 5  ? -12.05935 4.48653   -24.53005 1.000 207.48000 ? 12 DG C P     1 
ATOM 654 O OP1   . DG C 3 5  ? -11.19940 3.50296   -23.83020 1.000 255.75000 ? 12 DG C OP1   1 
ATOM 655 O OP2   . DG C 3 5  ? -11.85316 4.66639   -25.98359 1.000 242.49000 ? 12 DG C OP2   1 
ATOM 656 O "O5'" . DG C 3 5  ? -13.60869 4.13959   -24.33460 1.000 179.59000 ? 12 DG C "O5'" 1 
ATOM 657 C "C5'" . DG C 3 5  ? -14.00146 2.87190   -23.82892 1.000 190.33000 ? 12 DG C "C5'" 1 
ATOM 658 C "C4'" . DG C 3 5  ? -15.33458 2.97831   -23.11090 1.000 202.88000 ? 12 DG C "C4'" 1 
ATOM 659 O "O4'" . DG C 3 5  ? -15.19758 3.81942   -21.93050 1.000 153.52000 ? 12 DG C "O4'" 1 
ATOM 660 C "C3'" . DG C 3 5  ? -16.45940 3.59343   -23.94419 1.000 194.50000 ? 12 DG C "C3'" 1 
ATOM 661 O "O3'" . DG C 3 5  ? -17.61409 2.77411   -23.87343 1.000 240.90000 ? 12 DG C "O3'" 1 
ATOM 662 C "C2'" . DG C 3 5  ? -16.68947 4.96353   -23.29529 1.000 170.89000 ? 12 DG C "C2'" 1 
ATOM 663 C "C1'" . DG C 3 5  ? -16.30054 4.69222   -21.85345 1.000 147.28000 ? 12 DG C "C1'" 1 
ATOM 664 N N9    . DG C 3 5  ? -15.91326 5.90076   -21.11583 1.000 155.51000 ? 12 DG C N9    1 
ATOM 665 C C8    . DG C 3 5  ? -14.95621 6.81722   -21.47442 1.000 154.57000 ? 12 DG C C8    1 
ATOM 666 N N7    . DG C 3 5  ? -14.82475 7.79821   -20.62667 1.000 173.11000 ? 12 DG C N7    1 
ATOM 667 C C5    . DG C 3 5  ? -15.76965 7.53010   -19.64777 1.000 194.50000 ? 12 DG C C5    1 
ATOM 668 C C6    . DG C 3 5  ? -16.09751 8.25401   -18.47689 1.000 184.22000 ? 12 DG C C6    1 
ATOM 669 O O6    . DG C 3 5  ? -15.59764 9.30836   -18.06080 1.000 193.57000 ? 12 DG C O6    1 
ATOM 670 N N1    . DG C 3 5  ? -17.11874 7.63806   -17.75994 1.000 156.77000 ? 12 DG C N1    1 
ATOM 671 C C2    . DG C 3 5  ? -17.74362 6.47019   -18.12759 1.000 201.11000 ? 12 DG C C2    1 
ATOM 672 N N2    . DG C 3 5  ? -18.70688 6.02930   -17.30634 1.000 238.38000 ? 12 DG C N2    1 
ATOM 673 N N3    . DG C 3 5  ? -17.44696 5.78102   -19.22326 1.000 180.14000 ? 12 DG C N3    1 
ATOM 674 C C4    . DG C 3 5  ? -16.45397 6.36780   -19.93416 1.000 182.31000 ? 12 DG C C4    1 
ATOM 675 P P     . DC C 3 6  ? -18.97146 3.23478   -24.59536 1.000 210.12000 ? 13 DC C P     1 
ATOM 676 O OP1   . DC C 3 6  ? -19.76898 2.02245   -24.88731 1.000 258.67000 ? 13 DC C OP1   1 
ATOM 677 O OP2   . DC C 3 6  ? -18.59656 4.14706   -25.70043 1.000 179.67000 ? 13 DC C OP2   1 
ATOM 678 O "O5'" . DC C 3 6  ? -19.71953 4.08881   -23.47053 1.000 156.55000 ? 13 DC C "O5'" 1 
ATOM 679 C "C5'" . DC C 3 6  ? -19.82896 3.57699   -22.14860 1.000 159.84000 ? 13 DC C "C5'" 1 
ATOM 680 C "C4'" . DC C 3 6  ? -20.75159 4.44786   -21.32310 1.000 190.97000 ? 13 DC C "C4'" 1 
ATOM 681 O "O4'" . DC C 3 6  ? -19.98348 5.47724   -20.66163 1.000 207.88000 ? 13 DC C "O4'" 1 
ATOM 682 C "C3'" . DC C 3 6  ? -21.82477 5.17629   -22.13749 1.000 168.54000 ? 13 DC C "C3'" 1 
ATOM 683 O "O3'" . DC C 3 6  ? -23.11810 4.71983   -21.77437 1.000 211.47000 ? 13 DC C "O3'" 1 
ATOM 684 C "C2'" . DC C 3 6  ? -21.63191 6.66017   -21.79927 1.000 171.45000 ? 13 DC C "C2'" 1 
ATOM 685 C "C1'" . DC C 3 6  ? -20.78488 6.61972   -20.53743 1.000 189.29000 ? 13 DC C "C1'" 1 
ATOM 686 N N1    . DC C 3 6  ? -19.89987 7.80880   -20.38611 1.000 223.87000 ? 13 DC C N1    1 
ATOM 687 C C2    . DC C 3 6  ? -20.06978 8.66651   -19.29139 1.000 226.23000 ? 13 DC C C2    1 
ATOM 688 O O2    . DC C 3 6  ? -20.95264 8.41281   -18.46149 1.000 138.53000 ? 13 DC C O2    1 
ATOM 689 N N3    . DC C 3 6  ? -19.25745 9.74875   -19.17223 1.000 222.82000 ? 13 DC C N3    1 
ATOM 690 C C4    . DC C 3 6  ? -18.31868 9.98071   -20.09470 1.000 218.16000 ? 13 DC C C4    1 
ATOM 691 N N4    . DC C 3 6  ? -17.53896 11.05671  -19.94097 1.000 224.28000 ? 13 DC C N4    1 
ATOM 692 C C5    . DC C 3 6  ? -18.13689 9.11925   -21.21692 1.000 187.11000 ? 13 DC C C5    1 
ATOM 693 C C6    . DC C 3 6  ? -18.93910 8.05627   -21.32062 1.000 190.61000 ? 13 DC C C6    1 
ATOM 694 P P     . DT C 3 7  ? -24.41310 5.29032   -22.53654 1.000 192.11000 ? 14 DT C P     1 
ATOM 695 O OP1   . DT C 3 7  ? -25.46968 4.25523   -22.45119 1.000 208.10000 ? 14 DT C OP1   1 
ATOM 696 O OP2   . DT C 3 7  ? -23.97640 5.78614   -23.86180 1.000 177.40000 ? 14 DT C OP2   1 
ATOM 697 O "O5'" . DT C 3 7  ? -24.84348 6.55299   -21.65495 1.000 149.53000 ? 14 DT C "O5'" 1 
ATOM 698 C "C5'" . DT C 3 7  ? -24.89873 6.43057   -20.24125 1.000 144.71000 ? 14 DT C "C5'" 1 
ATOM 699 C "C4'" . DT C 3 7  ? -25.70198 7.56044   -19.63447 1.000 170.26000 ? 14 DT C "C4'" 1 
ATOM 700 O "O4'" . DT C 3 7  ? -24.83567 8.36368   -18.79753 1.000 182.19000 ? 14 DT C "O4'" 1 
ATOM 701 C "C3'" . DT C 3 7  ? -26.30116 8.52497   -20.64073 1.000 200.24000 ? 14 DT C "C3'" 1 
ATOM 702 O "O3'" . DT C 3 7  ? -27.57896 8.06059   -21.05484 1.000 227.81000 ? 14 DT C "O3'" 1 
ATOM 703 C "C2'" . DT C 3 7  ? -26.40294 9.81345   -19.82903 1.000 190.87000 ? 14 DT C "C2'" 1 
ATOM 704 C "C1'" . DT C 3 7  ? -25.16495 9.73096   -18.92567 1.000 164.65000 ? 14 DT C "C1'" 1 
ATOM 705 N N1    . DT C 3 7  ? -23.94888 10.46617  -19.43787 1.000 164.19000 ? 14 DT C N1    1 
ATOM 706 C C2    . DT C 3 7  ? -23.49772 11.58060  -18.75671 1.000 166.96000 ? 14 DT C C2    1 
ATOM 707 O O2    . DT C 3 7  ? -24.04560 12.02810  -17.75992 1.000 159.26000 ? 14 DT C O2    1 
ATOM 708 N N3    . DT C 3 7  ? -22.37726 12.16368  -19.29520 1.000 167.22000 ? 14 DT C N3    1 
ATOM 709 C C4    . DT C 3 7  ? -21.67056 11.74784  -20.41422 1.000 160.59000 ? 14 DT C C4    1 
ATOM 710 O O4    . DT C 3 7  ? -20.67628 12.33943  -20.82284 1.000 149.82000 ? 14 DT C O4    1 
ATOM 711 C C5    . DT C 3 7  ? -22.18767 10.57443  -21.07279 1.000 144.09000 ? 14 DT C C5    1 
ATOM 712 C C7    . DT C 3 7  ? -21.50939 10.04581  -22.30062 1.000 121.29000 ? 14 DT C C7    1 
ATOM 713 C C6    . DT C 3 7  ? -23.26895 9.97838   -20.54369 1.000 148.88000 ? 14 DT C C6    1 
ATOM 714 O "O5'" . DT D 4 1  ? 9.57957   -21.44241 26.93443  1.000 217.85000 ? 1  DT D "O5'" 1 
ATOM 715 C "C5'" . DT D 4 1  ? 9.16731   -20.92901 28.20416  1.000 224.02000 ? 1  DT D "C5'" 1 
ATOM 716 C "C4'" . DT D 4 1  ? 9.76341   -19.55047 28.45767  1.000 224.14000 ? 1  DT D "C4'" 1 
ATOM 717 O "O4'" . DT D 4 1  ? 11.17906  -19.56513 28.08355  1.000 207.96000 ? 1  DT D "O4'" 1 
ATOM 718 C "C3'" . DT D 4 1  ? 9.13130   -18.40716 27.64283  1.000 164.23000 ? 1  DT D "C3'" 1 
ATOM 719 O "O3'" . DT D 4 1  ? 9.08126   -17.15544 28.42224  1.000 164.35000 ? 1  DT D "O3'" 1 
ATOM 720 C "C2'" . DT D 4 1  ? 10.09776  -18.30802 26.47336  1.000 176.70000 ? 1  DT D "C2'" 1 
ATOM 721 C "C1'" . DT D 4 1  ? 11.41162  -18.48502 27.21533  1.000 210.53000 ? 1  DT D "C1'" 1 
ATOM 722 N N1    . DT D 4 1  ? 12.61715  -18.73297 26.34839  1.000 20.00000  ? 1  DT D N1    1 
ATOM 723 C C2    . DT D 4 1  ? 13.69933  -17.79156 26.36526  1.000 20.00000  ? 1  DT D C2    1 
ATOM 724 O O2    . DT D 4 1  ? 13.71055  -16.75854 27.05277  1.000 20.00000  ? 1  DT D O2    1 
ATOM 725 N N3    . DT D 4 1  ? 14.76818  -18.11643 25.53926  1.000 20.00000  ? 1  DT D N3    1 
ATOM 726 C C4    . DT D 4 1  ? 14.87504  -19.24900 24.71138  1.000 20.00000  ? 1  DT D C4    1 
ATOM 727 O O4    . DT D 4 1  ? 15.86889  -19.44064 23.99856  1.000 20.00000  ? 1  DT D O4    1 
ATOM 728 C C5    . DT D 4 1  ? 13.71469  -20.19067 24.74427  1.000 20.00000  ? 1  DT D C5    1 
ATOM 729 C C7    . DT D 4 1  ? 13.69927  -21.43219 23.86863  1.000 20.00000  ? 1  DT D C7    1 
ATOM 730 C C6    . DT D 4 1  ? 12.65933  -19.88139 25.55085  1.000 20.00000  ? 1  DT D C6    1 
ATOM 731 P P     . DT D 4 2  ? 9.56447   -15.75991 27.76200  1.000 168.94000 ? 2  DT D P     1 
ATOM 732 O OP1   . DT D 4 2  ? 8.85251   -15.55160 26.47639  1.000 185.11000 ? 2  DT D OP1   1 
ATOM 733 O OP2   . DT D 4 2  ? 11.03355  -15.75897 27.89226  1.000 156.36000 ? 2  DT D OP2   1 
ATOM 734 O "O5'" . DT D 4 2  ? 9.13649   -14.59258 28.77116  1.000 229.28000 ? 2  DT D "O5'" 1 
ATOM 735 C "C5'" . DT D 4 2  ? 8.93332   -13.25402 28.25882  1.000 197.45000 ? 2  DT D "C5'" 1 
ATOM 736 C "C4'" . DT D 4 2  ? 10.24090  -12.45489 28.09723  1.000 169.30000 ? 2  DT D "C4'" 1 
ATOM 737 O "O4'" . DT D 4 2  ? 11.37693  -13.32244 27.85411  1.000 125.99000 ? 2  DT D "O4'" 1 
ATOM 738 C "C3'" . DT D 4 2  ? 10.24696  -11.47798 26.93297  1.000 185.13000 ? 2  DT D "C3'" 1 
ATOM 739 O "O3'" . DT D 4 2  ? 9.63807   -10.21441 27.32040  1.000 201.97000 ? 2  DT D "O3'" 1 
ATOM 740 C "C2'" . DT D 4 2  ? 11.73537  -11.33909 26.58290  1.000 166.88000 ? 2  DT D "C2'" 1 
ATOM 741 C "C1'" . DT D 4 2  ? 12.36257  -12.64458 27.08412  1.000 152.92000 ? 2  DT D "C1'" 1 
ATOM 742 N N1    . DT D 4 2  ? 12.87247  -13.58075 25.97750  1.000 165.92000 ? 2  DT D N1    1 
ATOM 743 C C2    . DT D 4 2  ? 14.16395  -13.44657 25.48624  1.000 168.85000 ? 2  DT D C2    1 
ATOM 744 O O2    . DT D 4 2  ? 14.94723  -12.59996 25.87905  1.000 144.56000 ? 2  DT D O2    1 
ATOM 745 N N3    . DT D 4 2  ? 14.49998  -14.36552 24.50893  1.000 158.79000 ? 2  DT D N3    1 
ATOM 746 C C4    . DT D 4 2  ? 13.70773  -15.36067 23.98248  1.000 131.71000 ? 2  DT D C4    1 
ATOM 747 O O4    . DT D 4 2  ? 14.09540  -16.13269 23.10655  1.000 100.77000 ? 2  DT D O4    1 
ATOM 748 C C5    . DT D 4 2  ? 12.38646  -15.44562 24.53777  1.000 124.18000 ? 2  DT D C5    1 
ATOM 749 C C7    . DT D 4 2  ? 11.44216  -16.49109 24.03654  1.000 116.12000 ? 2  DT D C7    1 
ATOM 750 C C6    . DT D 4 2  ? 12.03498  -14.56490 25.49164  1.000 135.59000 ? 2  DT D C6    1 
ATOM 751 P P     . DG D 4 3  ? 10.38907  -9.15307  28.27770  1.000 209.16000 ? 3  DG D P     1 
ATOM 752 O OP1   . DG D 4 3  ? 11.19082  -9.85045  29.30844  1.000 216.57000 ? 3  DG D OP1   1 
ATOM 753 O OP2   . DG D 4 3  ? 9.35306   -8.19284  28.71669  1.000 243.92000 ? 3  DG D OP2   1 
ATOM 754 O "O5'" . DG D 4 3  ? 11.37748  -8.36127  27.29796  1.000 130.32000 ? 3  DG D "O5'" 1 
ATOM 755 C "C5'" . DG D 4 3  ? 12.77728  -8.28846  27.59599  1.000 173.74000 ? 3  DG D "C5'" 1 
ATOM 756 C "C4'" . DG D 4 3  ? 13.57900  -8.02697  26.33622  1.000 150.79000 ? 3  DG D "C4'" 1 
ATOM 757 O "O4'" . DG D 4 3  ? 13.83172  -9.27629  25.61760  1.000 145.34000 ? 3  DG D "O4'" 1 
ATOM 758 C "C3'" . DG D 4 3  ? 12.88536  -7.10667  25.31791  1.000 162.81000 ? 3  DG D "C3'" 1 
ATOM 759 O "O3'" . DG D 4 3  ? 13.84121  -6.30743  24.69264  1.000 138.49000 ? 3  DG D "O3'" 1 
ATOM 760 C "C2'" . DG D 4 3  ? 12.35444  -8.10758  24.31880  1.000 205.33000 ? 3  DG D "C2'" 1 
ATOM 761 C "C1'" . DG D 4 3  ? 13.56444  -9.00829  24.26848  1.000 141.47000 ? 3  DG D "C1'" 1 
ATOM 762 N N9    . DG D 4 3  ? 13.36215  -10.21868 23.48798  1.000 131.00000 ? 3  DG D N9    1 
ATOM 763 C C8    . DG D 4 3  ? 12.23599  -11.00120 23.44130  1.000 137.50000 ? 3  DG D C8    1 
ATOM 764 N N7    . DG D 4 3  ? 12.32758  -11.99134 22.60099  1.000 134.42000 ? 3  DG D N7    1 
ATOM 765 C C5    . DG D 4 3  ? 13.58398  -11.83682 22.03067  1.000 143.80000 ? 3  DG D C5    1 
ATOM 766 C C6    . DG D 4 3  ? 14.23619  -12.61119 21.04953  1.000 155.61000 ? 3  DG D C6    1 
ATOM 767 O O6    . DG D 4 3  ? 13.81797  -13.62008 20.47471  1.000 154.73000 ? 3  DG D O6    1 
ATOM 768 N N1    . DG D 4 3  ? 15.49848  -12.11178 20.75359  1.000 167.10000 ? 3  DG D N1    1 
ATOM 769 C C2    . DG D 4 3  ? 16.05952  -10.99713 21.32612  1.000 160.48000 ? 3  DG D C2    1 
ATOM 770 N N2    . DG D 4 3  ? 17.29146  -10.67081 20.90806  1.000 194.46000 ? 3  DG D N2    1 
ATOM 771 N N3    . DG D 4 3  ? 15.46072  -10.26273 22.25428  1.000 118.24000 ? 3  DG D N3    1 
ATOM 772 C C4    . DG D 4 3  ? 14.22644  -10.74117 22.55429  1.000 121.44000 ? 3  DG D C4    1 
ATOM 773 P P     . DA D 4 4  ? 14.17238  -4.83698  25.23050  1.000 164.38000 ? 4  DA D P     1 
ATOM 774 O OP1   . DA D 4 4  ? 14.32221  -4.92754  26.70078  1.000 150.25000 ? 4  DA D OP1   1 
ATOM 775 O OP2   . DA D 4 4  ? 13.17264  -3.90539  24.65817  1.000 164.08000 ? 4  DA D OP2   1 
ATOM 776 O "O5'" . DA D 4 4  ? 15.59407  -4.53831  24.55635  1.000 168.57000 ? 4  DA D "O5'" 1 
ATOM 777 C "C5'" . DA D 4 4  ? 16.56977  -5.58834  24.47712  1.000 148.09000 ? 4  DA D "C5'" 1 
ATOM 778 C "C4'" . DA D 4 4  ? 17.10425  -5.75188  23.05944  1.000 175.64000 ? 4  DA D "C4'" 1 
ATOM 779 O "O4'" . DA D 4 4  ? 16.52248  -6.93210  22.43428  1.000 165.84000 ? 4  DA D "O4'" 1 
ATOM 780 C "C3'" . DA D 4 4  ? 16.82277  -4.58189  22.11099  1.000 136.77000 ? 4  DA D "C3'" 1 
ATOM 781 O "O3'" . DA D 4 4  ? 18.01324  -4.24442  21.40206  1.000 142.52000 ? 4  DA D "O3'" 1 
ATOM 782 C "C2'" . DA D 4 4  ? 15.74928  -5.14375  21.17923  1.000 122.59000 ? 4  DA D "C2'" 1 
ATOM 783 C "C1'" . DA D 4 4  ? 16.14101  -6.60548  21.11914  1.000 129.25000 ? 4  DA D "C1'" 1 
ATOM 784 N N9    . DA D 4 4  ? 15.04228  -7.47111  20.71607  1.000 139.68000 ? 4  DA D N9    1 
ATOM 785 C C8    . DA D 4 4  ? 13.79675  -7.52612  21.27269  1.000 143.01000 ? 4  DA D C8    1 
ATOM 786 N N7    . DA D 4 4  ? 12.99848  -8.39403  20.70160  1.000 104.75000 ? 4  DA D N7    1 
ATOM 787 C C5    . DA D 4 4  ? 13.77248  -8.94159  19.69364  1.000 116.56000 ? 4  DA D C5    1 
ATOM 788 C C6    . DA D 4 4  ? 13.50402  -9.92344  18.72501  1.000 121.47000 ? 4  DA D C6    1 
ATOM 789 N N6    . DA D 4 4  ? 12.32560  -10.54568 18.61964  1.000 122.09000 ? 4  DA D N6    1 
ATOM 790 N N1    . DA D 4 4  ? 14.49454  -10.24100 17.86571  1.000 163.61000 ? 4  DA D N1    1 
ATOM 791 C C2    . DA D 4 4  ? 15.67312  -9.61374  17.97708  1.000 172.89000 ? 4  DA D C2    1 
ATOM 792 N N3    . DA D 4 4  ? 16.04290  -8.67387  18.84645  1.000 145.99000 ? 4  DA D N3    1 
ATOM 793 C C4    . DA D 4 4  ? 15.03572  -8.38033  19.68438  1.000 139.64000 ? 4  DA D C4    1 
ATOM 794 P P     . DT D 4 5  ? 18.04955  -2.99798  20.38347  1.000 164.20000 ? 5  DT D P     1 
ATOM 795 O OP1   . DT D 4 5  ? 19.06553  -2.04957  20.88990  1.000 158.62000 ? 5  DT D OP1   1 
ATOM 796 O OP2   . DT D 4 5  ? 16.67327  -2.50049  20.15934  1.000 189.25000 ? 5  DT D OP2   1 
ATOM 797 O "O5'" . DT D 4 5  ? 18.58372  -3.65573  19.02278  1.000 146.07000 ? 5  DT D "O5'" 1 
ATOM 798 C "C5'" . DT D 4 5  ? 18.17471  -4.97607  18.68181  1.000 131.61000 ? 5  DT D "C5'" 1 
ATOM 799 C "C4'" . DT D 4 5  ? 18.84083  -5.46743  17.41222  1.000 141.45000 ? 5  DT D "C4'" 1 
ATOM 800 O "O4'" . DT D 4 5  ? 18.07650  -6.58093  16.89271  1.000 138.01000 ? 5  DT D "O4'" 1 
ATOM 801 C "C3'" . DT D 4 5  ? 18.89389  -4.46330  16.27117  1.000 140.32000 ? 5  DT D "C3'" 1 
ATOM 802 O "O3'" . DT D 4 5  ? 19.96032  -4.79878  15.38484  1.000 144.72000 ? 5  DT D "O3'" 1 
ATOM 803 C "C2'" . DT D 4 5  ? 17.53557  -4.65901  15.61428  1.000 98.74000  ? 5  DT D "C2'" 1 
ATOM 804 C "C1'" . DT D 4 5  ? 17.31588  -6.16030  15.77526  1.000 133.50000 ? 5  DT D "C1'" 1 
ATOM 805 N N1    . DT D 4 5  ? 15.89930  -6.50472  16.00778  1.000 125.77000 ? 5  DT D N1    1 
ATOM 806 C C2    . DT D 4 5  ? 15.27887  -7.37176  15.15027  1.000 122.29000 ? 5  DT D C2    1 
ATOM 807 O O2    . DT D 4 5  ? 15.84622  -7.89653  14.21380  1.000 133.28000 ? 5  DT D O2    1 
ATOM 808 N N3    . DT D 4 5  ? 13.96575  -7.61623  15.43234  1.000 115.47000 ? 5  DT D N3    1 
ATOM 809 C C4    . DT D 4 5  ? 13.22446  -7.08299  16.46526  1.000 111.74000 ? 5  DT D C4    1 
ATOM 810 O O4    . DT D 4 5  ? 12.04643  -7.36612  16.63636  1.000 117.74000 ? 5  DT D O4    1 
ATOM 811 C C5    . DT D 4 5  ? 13.93541  -6.17079  17.32863  1.000 123.92000 ? 5  DT D C5    1 
ATOM 812 C C7    . DT D 4 5  ? 13.23422  -5.52605  18.48629  1.000 111.18000 ? 5  DT D C7    1 
ATOM 813 C C6    . DT D 4 5  ? 15.22349  -5.92458  17.05814  1.000 124.13000 ? 5  DT D C6    1 
ATOM 814 P P     . DG D 4 6  ? 20.04842  -4.15140  13.91535  1.000 148.28000 ? 6  DG D P     1 
ATOM 815 O OP1   . DG D 4 6  ? 21.48677  -4.04920  13.58265  1.000 121.45000 ? 6  DG D OP1   1 
ATOM 816 O OP2   . DG D 4 6  ? 19.22789  -2.91909  13.87851  1.000 129.48000 ? 6  DG D OP2   1 
ATOM 817 O "O5'" . DG D 4 6  ? 19.37924  -5.25929  12.96607  1.000 113.96000 ? 6  DG D "O5'" 1 
ATOM 818 C "C5'" . DG D 4 6  ? 20.02021  -6.52558  12.78479  1.000 151.93000 ? 6  DG D "C5'" 1 
ATOM 819 C "C4'" . DG D 4 6  ? 19.34881  -7.33238  11.68173  1.000 119.88000 ? 6  DG D "C4'" 1 
ATOM 820 O "O4'" . DG D 4 6  ? 17.96443  -7.57789  12.03699  1.000 104.28000 ? 6  DG D "O4'" 1 
ATOM 821 C "C3'" . DG D 4 6  ? 19.33660  -6.67156  10.30414  1.000 97.83000  ? 6  DG D "C3'" 1 
ATOM 822 O "O3'" . DG D 4 6  ? 19.65012  -7.62981  9.28963   1.000 106.05000 ? 6  DG D "O3'" 1 
ATOM 823 C "C2'" . DG D 4 6  ? 17.90774  -6.14160  10.16903  1.000 83.37000  ? 6  DG D "C2'" 1 
ATOM 824 C "C1'" . DG D 4 6  ? 17.10042  -7.10798  11.02728  1.000 102.36000 ? 6  DG D "C1'" 1 
ATOM 825 N N9    . DG D 4 6  ? 15.94071  -6.47701  11.66924  1.000 109.45000 ? 6  DG D N9    1 
ATOM 826 C C8    . DG D 4 6  ? 15.91964  -5.28750  12.35957  1.000 140.83000 ? 6  DG D C8    1 
ATOM 827 N N7    . DG D 4 6  ? 14.73972  -4.97528  12.82740  1.000 162.35000 ? 6  DG D N7    1 
ATOM 828 C C5    . DG D 4 6  ? 13.92396  -6.02126  12.42239  1.000 109.79000 ? 6  DG D C5    1 
ATOM 829 C C6    . DG D 4 6  ? 12.53833  -6.23475  12.63772  1.000 104.63000 ? 6  DG D C6    1 
ATOM 830 O O6    . DG D 4 6  ? 11.73574  -5.51290  13.24624  1.000 134.14000 ? 6  DG D O6    1 
ATOM 831 N N1    . DG D 4 6  ? 12.10578  -7.42877  12.06301  1.000 108.78000 ? 6  DG D N1    1 
ATOM 832 C C2    . DG D 4 6  ? 12.91407  -8.29679  11.36251  1.000 119.01000 ? 6  DG D C2    1 
ATOM 833 N N2    . DG D 4 6  ? 12.32632  -9.39520  10.87058  1.000 181.38000 ? 6  DG D N2    1 
ATOM 834 N N3    . DG D 4 6  ? 14.21204  -8.10684  11.15721  1.000 94.35000  ? 6  DG D N3    1 
ATOM 835 C C4    . DG D 4 6  ? 14.64691  -6.95319  11.70775  1.000 96.62000  ? 6  DG D C4    1 
ATOM 836 P P     . DT D 4 7  ? 19.77108  -7.17698  7.74963   1.000 130.83000 ? 7  DT D P     1 
ATOM 837 O OP1   . DT D 4 7  ? 20.89841  -7.90890  7.13258   1.000 139.47000 ? 7  DT D OP1   1 
ATOM 838 O OP2   . DT D 4 7  ? 19.74356  -5.69873  7.69252   1.000 189.67000 ? 7  DT D OP2   1 
ATOM 839 O "O5'" . DT D 4 7  ? 18.42667  -7.72669  7.09404   1.000 80.60000  ? 7  DT D "O5'" 1 
ATOM 840 C "C5'" . DT D 4 7  ? 17.36588  -6.84778  6.78516   1.000 94.14000  ? 7  DT D "C5'" 1 
ATOM 841 C "C4'" . DT D 4 7  ? 16.11771  -7.65205  6.52174   1.000 81.66000  ? 7  DT D "C4'" 1 
ATOM 842 O "O4'" . DT D 4 7  ? 15.41023  -7.87060  7.76671   1.000 81.58000  ? 7  DT D "O4'" 1 
ATOM 843 C "C3'" . DT D 4 7  ? 15.07190  -6.99744  5.64345   1.000 70.97000  ? 7  DT D "C3'" 1 
ATOM 844 O "O3'" . DT D 4 7  ? 15.43340  -7.05951  4.27293   1.000 56.79000  ? 7  DT D "O3'" 1 
ATOM 845 C "C2'" . DT D 4 7  ? 13.88393  -7.88960  5.96780   1.000 74.96000  ? 7  DT D "C2'" 1 
ATOM 846 C "C1'" . DT D 4 7  ? 14.01472  -7.96654  7.48099   1.000 93.03000  ? 7  DT D "C1'" 1 
ATOM 847 N N1    . DT D 4 7  ? 13.28982  -6.86682  8.17870   1.000 90.15000  ? 7  DT D N1    1 
ATOM 848 C C2    . DT D 4 7  ? 11.92932  -6.96587  8.33530   1.000 117.49000 ? 7  DT D C2    1 
ATOM 849 O O2    . DT D 4 7  ? 11.27844  -7.91574  7.93592   1.000 241.65000 ? 7  DT D O2    1 
ATOM 850 N N3    . DT D 4 7  ? 11.35265  -5.91579  8.99102   1.000 92.72000  ? 7  DT D N3    1 
ATOM 851 C C4    . DT D 4 7  ? 11.98445  -4.79375  9.48537   1.000 85.19000  ? 7  DT D C4    1 
ATOM 852 O O4    . DT D 4 7  ? 11.37435  -3.89825  10.05953  1.000 177.19000 ? 7  DT D O4    1 
ATOM 853 C C5    . DT D 4 7  ? 13.41220  -4.74858  9.28056   1.000 75.32000  ? 7  DT D C5    1 
ATOM 854 C C7    . DT D 4 7  ? 14.20664  -3.58148  9.77503   1.000 111.66000 ? 7  DT D C7    1 
ATOM 855 C C6    . DT D 4 7  ? 13.98981  -5.77354  8.64513   1.000 70.50000  ? 7  DT D C6    1 
# 
loop_
_pdbx_poly_seq_scheme.asym_id 
_pdbx_poly_seq_scheme.entity_id 
_pdbx_poly_seq_scheme.seq_id 
_pdbx_poly_seq_scheme.mon_id 
_pdbx_poly_seq_scheme.ndb_seq_num 
_pdbx_poly_seq_scheme.pdb_seq_num 
_pdbx_poly_seq_scheme.auth_seq_num 
_pdbx_poly_seq_scheme.pdb_mon_id 
_pdbx_poly_seq_scheme.auth_mon_id 
_pdbx_poly_seq_scheme.pdb_strand_id 
_pdbx_poly_seq_scheme.pdb_ins_code 
_pdbx_poly_seq_scheme.hetero 
A 1 1  DA 1  1  1  DA DA A . n 
A 1 2  DA 2  2  2  DA DA A . n 
A 1 3  DG 3  3  3  DG DG A . n 
A 1 4  DC 4  4  4  DC DC A . n 
A 1 5  DA 5  5  5  DA DA A . n 
A 1 6  DG 6  6  6  DG DG A . n 
A 1 7  DC 7  7  7  DC DC A . n 
A 1 8  DC 8  8  8  DC DC A . n 
A 1 9  DT 9  9  9  DT DT A . n 
A 1 10 DG 10 10 10 DG DG A . n 
A 1 11 DT 11 11 11 DT DT A . n 
A 1 12 DA 12 12 12 DA DA A . n 
A 1 13 DC 13 13 13 DC DC A . n 
A 1 14 DG 14 14 14 DG DG A . n 
A 1 15 DG 15 15 15 DG DG A . n 
A 1 16 DA 16 16 16 DA DA A . n 
A 1 17 DC 17 17 17 DC DC A . n 
A 1 18 DA 18 18 18 DA DA A . n 
A 1 19 DT 19 19 19 DT DT A . n 
A 1 20 DC 20 20 20 DC DC A . n 
A 1 21 DA 21 21 21 DA DA A . n 
B 2 1  DC 1  1  1  DC DC B . n 
B 2 2  DC 2  2  2  DC DC B . n 
B 2 3  DG 3  3  3  DG DG B . n 
B 2 4  DT 4  4  4  DT DT B . n 
B 2 5  DA 5  5  5  DA DA B . n 
B 2 6  DC 6  6  6  DC DC B . n 
B 2 7  DA 7  7  7  DA DA B . n 
C 3 1  DG 1  8  8  DG DG C . n 
C 3 2  DG 2  9  9  DG DG C . n 
C 3 3  DC 3  10 10 DC DC C . n 
C 3 4  DT 4  11 11 DT DT C . n 
C 3 5  DG 5  12 12 DG DG C . n 
C 3 6  DC 6  13 13 DC DC C . n 
C 3 7  DT 7  14 14 DT DT C . n 
D 4 1  DT 1  1  1  DT DT D . n 
D 4 2  DT 2  2  2  DT DT D . n 
D 4 3  DG 3  3  3  DG DG D . n 
D 4 4  DA 4  4  4  DA DA D . n 
D 4 5  DT 5  5  5  DT DT D . n 
D 4 6  DG 6  6  6  DG DG D . n 
D 4 7  DT 7  7  7  DT DT D . n 
# 
_pdbx_contact_author.id                 2 
_pdbx_contact_author.email              ruojie.sha@nyu.edu 
_pdbx_contact_author.name_first         Ruojie 
_pdbx_contact_author.name_last          Sha 
_pdbx_contact_author.name_mi            ? 
_pdbx_contact_author.role               'principal investigator/group leader' 
_pdbx_contact_author.identifier_ORCID   0000-0002-0807-734X 
# 
_pdbx_struct_assembly.id                   1 
_pdbx_struct_assembly.details              author_defined_assembly 
_pdbx_struct_assembly.method_details       ? 
_pdbx_struct_assembly.oligomeric_details   dodecameric 
_pdbx_struct_assembly.oligomeric_count     12 
# 
_pdbx_struct_assembly_gen.assembly_id       1 
_pdbx_struct_assembly_gen.oper_expression   1,2,3 
_pdbx_struct_assembly_gen.asym_id_list      A,B,C,D 
# 
loop_
_pdbx_struct_oper_list.id 
_pdbx_struct_oper_list.type 
_pdbx_struct_oper_list.name 
_pdbx_struct_oper_list.symmetry_operation 
_pdbx_struct_oper_list.matrix[1][1] 
_pdbx_struct_oper_list.matrix[1][2] 
_pdbx_struct_oper_list.matrix[1][3] 
_pdbx_struct_oper_list.vector[1] 
_pdbx_struct_oper_list.matrix[2][1] 
_pdbx_struct_oper_list.matrix[2][2] 
_pdbx_struct_oper_list.matrix[2][3] 
_pdbx_struct_oper_list.vector[2] 
_pdbx_struct_oper_list.matrix[3][1] 
_pdbx_struct_oper_list.matrix[3][2] 
_pdbx_struct_oper_list.matrix[3][3] 
_pdbx_struct_oper_list.vector[3] 
1 'identity operation'         1_555 x,y,z     1.0000000000  0.0000000000  0.0000000000  0.0000000000  0.0000000000  1.0000000000  0.0000000000 0.0000000000  0.0000000000  0.0000000000 1.0000000000 0.0000000000  
2 'crystal symmetry operation' 2_555 -y,x-y,z  -0.4694935912 0.7910285295  -0.3922367059 8.9505771326  -0.8826817448 -0.4311594498 0.1870146152 23.9064234133 -0.0211826663 0.4340223432 0.9006530410 -3.9790119955 
3 'crystal symmetry operation' 3_555 -x+y,-x,z -0.4694935912 -0.8826817448 -0.0211826663 25.2197160469 0.7910285295  -0.4311594498 0.4340223432 4.9542986091  -0.3922367059 0.1870146152 0.9006530410 2.6236035692 
# 
loop_
_pdbx_audit_revision_history.ordinal 
_pdbx_audit_revision_history.data_content_type 
_pdbx_audit_revision_history.major_revision 
_pdbx_audit_revision_history.minor_revision 
_pdbx_audit_revision_history.revision_date 
1 'Structure model' 1 0 2023-01-18 
2 'Structure model' 1 1 2023-02-08 
3 'Structure model' 1 2 2023-10-25 
# 
_pdbx_audit_revision_details.ordinal             1 
_pdbx_audit_revision_details.revision_ordinal    1 
_pdbx_audit_revision_details.data_content_type   'Structure model' 
_pdbx_audit_revision_details.provider            repository 
_pdbx_audit_revision_details.type                'Initial release' 
_pdbx_audit_revision_details.description         ? 
_pdbx_audit_revision_details.details             ? 
# 
loop_
_pdbx_audit_revision_group.ordinal 
_pdbx_audit_revision_group.revision_ordinal 
_pdbx_audit_revision_group.data_content_type 
_pdbx_audit_revision_group.group 
1 2 'Structure model' 'Database references'    
2 3 'Structure model' 'Data collection'        
3 3 'Structure model' 'Refinement description' 
# 
loop_
_pdbx_audit_revision_category.ordinal 
_pdbx_audit_revision_category.revision_ordinal 
_pdbx_audit_revision_category.data_content_type 
_pdbx_audit_revision_category.category 
1 2 'Structure model' citation                      
2 3 'Structure model' chem_comp_atom                
3 3 'Structure model' chem_comp_bond                
4 3 'Structure model' pdbx_initial_refinement_model 
# 
loop_
_pdbx_audit_revision_item.ordinal 
_pdbx_audit_revision_item.revision_ordinal 
_pdbx_audit_revision_item.data_content_type 
_pdbx_audit_revision_item.item 
1 2 'Structure model' '_citation.journal_volume' 
2 2 'Structure model' '_citation.year'           
# 
loop_
_space_group_symop.id 
_space_group_symop.operation_xyz 
1 x,y,z                 
2 -y,x-y,z              
3 -x+y,-x,z             
4 x+1/3,y+2/3,z+2/3     
5 -y+1/3,x-y+2/3,z+2/3  
6 -x+y+1/3,-x+2/3,z+2/3 
7 x+2/3,y+1/3,z+1/3     
8 -y+2/3,x-y+1/3,z+1/3  
9 -x+y+2/3,-x+1/3,z+1/3 
# 
loop_
_software.citation_id 
_software.classification 
_software.compiler_name 
_software.compiler_version 
_software.contact_author 
_software.contact_author_email 
_software.date 
_software.description 
_software.dependencies 
_software.hardware 
_software.language 
_software.location 
_software.mods 
_software.name 
_software.os 
_software.os_version 
_software.type 
_software.version 
_software.pdbx_ordinal 
? refinement       ? ? ? ? ? ? ? ? ? ? ? PHENIX    ? ? ? 1.19.2_4158 1 
? 'data reduction' ? ? ? ? ? ? ? ? ? ? ? autoPROC  ? ? ? .           2 
? 'data scaling'   ? ? ? ? ? ? ? ? ? ? ? STARANISO ? ? ? .           3 
? phasing          ? ? ? ? ? ? ? ? ? ? ? PHASER    ? ? ? .           4 
# 
loop_
_pdbx_validate_rmsd_bond.id 
_pdbx_validate_rmsd_bond.PDB_model_num 
_pdbx_validate_rmsd_bond.auth_atom_id_1 
_pdbx_validate_rmsd_bond.auth_asym_id_1 
_pdbx_validate_rmsd_bond.auth_comp_id_1 
_pdbx_validate_rmsd_bond.auth_seq_id_1 
_pdbx_validate_rmsd_bond.PDB_ins_code_1 
_pdbx_validate_rmsd_bond.label_alt_id_1 
_pdbx_validate_rmsd_bond.auth_atom_id_2 
_pdbx_validate_rmsd_bond.auth_asym_id_2 
_pdbx_validate_rmsd_bond.auth_comp_id_2 
_pdbx_validate_rmsd_bond.auth_seq_id_2 
_pdbx_validate_rmsd_bond.PDB_ins_code_2 
_pdbx_validate_rmsd_bond.label_alt_id_2 
_pdbx_validate_rmsd_bond.bond_value 
_pdbx_validate_rmsd_bond.bond_target_value 
_pdbx_validate_rmsd_bond.bond_deviation 
_pdbx_validate_rmsd_bond.bond_standard_deviation 
_pdbx_validate_rmsd_bond.linker_flag 
1 1 N9 A DA 1 ? ? C4 A DA 1 ? ? 1.414 1.374 0.040 0.006 N 
2 1 N1 D DT 1 ? ? C2 D DT 1 ? ? 1.434 1.376 0.058 0.008 N 
# 
loop_
_pdbx_validate_rmsd_angle.id 
_pdbx_validate_rmsd_angle.PDB_model_num 
_pdbx_validate_rmsd_angle.auth_atom_id_1 
_pdbx_validate_rmsd_angle.auth_asym_id_1 
_pdbx_validate_rmsd_angle.auth_comp_id_1 
_pdbx_validate_rmsd_angle.auth_seq_id_1 
_pdbx_validate_rmsd_angle.PDB_ins_code_1 
_pdbx_validate_rmsd_angle.label_alt_id_1 
_pdbx_validate_rmsd_angle.auth_atom_id_2 
_pdbx_validate_rmsd_angle.auth_asym_id_2 
_pdbx_validate_rmsd_angle.auth_comp_id_2 
_pdbx_validate_rmsd_angle.auth_seq_id_2 
_pdbx_validate_rmsd_angle.PDB_ins_code_2 
_pdbx_validate_rmsd_angle.label_alt_id_2 
_pdbx_validate_rmsd_angle.auth_atom_id_3 
_pdbx_validate_rmsd_angle.auth_asym_id_3 
_pdbx_validate_rmsd_angle.auth_comp_id_3 
_pdbx_validate_rmsd_angle.auth_seq_id_3 
_pdbx_validate_rmsd_angle.PDB_ins_code_3 
_pdbx_validate_rmsd_angle.label_alt_id_3 
_pdbx_validate_rmsd_angle.angle_value 
_pdbx_validate_rmsd_angle.angle_target_value 
_pdbx_validate_rmsd_angle.angle_deviation 
_pdbx_validate_rmsd_angle.angle_standard_deviation 
_pdbx_validate_rmsd_angle.linker_flag 
1 1 "O4'" A DA 2  ? ? "C1'" A DA 2  ? ? N9    A DA 2  ? ? 111.38 108.30 3.08  0.30 N 
2 1 "O4'" A DC 7  ? ? "C1'" A DC 7  ? ? N1    A DC 7  ? ? 110.76 108.30 2.46  0.30 N 
3 1 "O4'" A DT 11 ? ? "C1'" A DT 11 ? ? N1    A DT 11 ? ? 113.00 108.30 4.70  0.30 N 
4 1 "C3'" B DA 7  ? ? "C2'" B DA 7  ? ? "C1'" B DA 7  ? ? 96.49  102.40 -5.91 0.80 N 
5 1 "O4'" B DA 7  ? ? "C1'" B DA 7  ? ? N9    B DA 7  ? ? 112.78 108.30 4.48  0.30 N 
6 1 "O4'" D DT 1  ? ? "C1'" D DT 1  ? ? N1    D DT 1  ? ? 111.21 108.30 2.91  0.30 N 
7 1 "O4'" D DG 3  ? ? "C1'" D DG 3  ? ? N9    D DG 3  ? ? 112.59 108.30 4.29  0.30 N 
# 
loop_
_chem_comp_atom.comp_id 
_chem_comp_atom.atom_id 
_chem_comp_atom.type_symbol 
_chem_comp_atom.pdbx_aromatic_flag 
_chem_comp_atom.pdbx_stereo_config 
_chem_comp_atom.pdbx_ordinal 
DA OP3    O N N 1   
DA P      P N N 2   
DA OP1    O N N 3   
DA OP2    O N N 4   
DA "O5'"  O N N 5   
DA "C5'"  C N N 6   
DA "C4'"  C N R 7   
DA "O4'"  O N N 8   
DA "C3'"  C N S 9   
DA "O3'"  O N N 10  
DA "C2'"  C N N 11  
DA "C1'"  C N R 12  
DA N9     N Y N 13  
DA C8     C Y N 14  
DA N7     N Y N 15  
DA C5     C Y N 16  
DA C6     C Y N 17  
DA N6     N N N 18  
DA N1     N Y N 19  
DA C2     C Y N 20  
DA N3     N Y N 21  
DA C4     C Y N 22  
DA HOP3   H N N 23  
DA HOP2   H N N 24  
DA "H5'"  H N N 25  
DA "H5''" H N N 26  
DA "H4'"  H N N 27  
DA "H3'"  H N N 28  
DA "HO3'" H N N 29  
DA "H2'"  H N N 30  
DA "H2''" H N N 31  
DA "H1'"  H N N 32  
DA H8     H N N 33  
DA H61    H N N 34  
DA H62    H N N 35  
DA H2     H N N 36  
DC OP3    O N N 37  
DC P      P N N 38  
DC OP1    O N N 39  
DC OP2    O N N 40  
DC "O5'"  O N N 41  
DC "C5'"  C N N 42  
DC "C4'"  C N R 43  
DC "O4'"  O N N 44  
DC "C3'"  C N S 45  
DC "O3'"  O N N 46  
DC "C2'"  C N N 47  
DC "C1'"  C N R 48  
DC N1     N N N 49  
DC C2     C N N 50  
DC O2     O N N 51  
DC N3     N N N 52  
DC C4     C N N 53  
DC N4     N N N 54  
DC C5     C N N 55  
DC C6     C N N 56  
DC HOP3   H N N 57  
DC HOP2   H N N 58  
DC "H5'"  H N N 59  
DC "H5''" H N N 60  
DC "H4'"  H N N 61  
DC "H3'"  H N N 62  
DC "HO3'" H N N 63  
DC "H2'"  H N N 64  
DC "H2''" H N N 65  
DC "H1'"  H N N 66  
DC H41    H N N 67  
DC H42    H N N 68  
DC H5     H N N 69  
DC H6     H N N 70  
DG OP3    O N N 71  
DG P      P N N 72  
DG OP1    O N N 73  
DG OP2    O N N 74  
DG "O5'"  O N N 75  
DG "C5'"  C N N 76  
DG "C4'"  C N R 77  
DG "O4'"  O N N 78  
DG "C3'"  C N S 79  
DG "O3'"  O N N 80  
DG "C2'"  C N N 81  
DG "C1'"  C N R 82  
DG N9     N Y N 83  
DG C8     C Y N 84  
DG N7     N Y N 85  
DG C5     C Y N 86  
DG C6     C N N 87  
DG O6     O N N 88  
DG N1     N N N 89  
DG C2     C N N 90  
DG N2     N N N 91  
DG N3     N N N 92  
DG C4     C Y N 93  
DG HOP3   H N N 94  
DG HOP2   H N N 95  
DG "H5'"  H N N 96  
DG "H5''" H N N 97  
DG "H4'"  H N N 98  
DG "H3'"  H N N 99  
DG "HO3'" H N N 100 
DG "H2'"  H N N 101 
DG "H2''" H N N 102 
DG "H1'"  H N N 103 
DG H8     H N N 104 
DG H1     H N N 105 
DG H21    H N N 106 
DG H22    H N N 107 
DT OP3    O N N 108 
DT P      P N N 109 
DT OP1    O N N 110 
DT OP2    O N N 111 
DT "O5'"  O N N 112 
DT "C5'"  C N N 113 
DT "C4'"  C N R 114 
DT "O4'"  O N N 115 
DT "C3'"  C N S 116 
DT "O3'"  O N N 117 
DT "C2'"  C N N 118 
DT "C1'"  C N R 119 
DT N1     N N N 120 
DT C2     C N N 121 
DT O2     O N N 122 
DT N3     N N N 123 
DT C4     C N N 124 
DT O4     O N N 125 
DT C5     C N N 126 
DT C7     C N N 127 
DT C6     C N N 128 
DT HOP3   H N N 129 
DT HOP2   H N N 130 
DT "H5'"  H N N 131 
DT "H5''" H N N 132 
DT "H4'"  H N N 133 
DT "H3'"  H N N 134 
DT "HO3'" H N N 135 
DT "H2'"  H N N 136 
DT "H2''" H N N 137 
DT "H1'"  H N N 138 
DT H3     H N N 139 
DT H71    H N N 140 
DT H72    H N N 141 
DT H73    H N N 142 
DT H6     H N N 143 
# 
loop_
_chem_comp_bond.comp_id 
_chem_comp_bond.atom_id_1 
_chem_comp_bond.atom_id_2 
_chem_comp_bond.value_order 
_chem_comp_bond.pdbx_aromatic_flag 
_chem_comp_bond.pdbx_stereo_config 
_chem_comp_bond.pdbx_ordinal 
DA OP3   P      sing N N 1   
DA OP3   HOP3   sing N N 2   
DA P     OP1    doub N N 3   
DA P     OP2    sing N N 4   
DA P     "O5'"  sing N N 5   
DA OP2   HOP2   sing N N 6   
DA "O5'" "C5'"  sing N N 7   
DA "C5'" "C4'"  sing N N 8   
DA "C5'" "H5'"  sing N N 9   
DA "C5'" "H5''" sing N N 10  
DA "C4'" "O4'"  sing N N 11  
DA "C4'" "C3'"  sing N N 12  
DA "C4'" "H4'"  sing N N 13  
DA "O4'" "C1'"  sing N N 14  
DA "C3'" "O3'"  sing N N 15  
DA "C3'" "C2'"  sing N N 16  
DA "C3'" "H3'"  sing N N 17  
DA "O3'" "HO3'" sing N N 18  
DA "C2'" "C1'"  sing N N 19  
DA "C2'" "H2'"  sing N N 20  
DA "C2'" "H2''" sing N N 21  
DA "C1'" N9     sing N N 22  
DA "C1'" "H1'"  sing N N 23  
DA N9    C8     sing Y N 24  
DA N9    C4     sing Y N 25  
DA C8    N7     doub Y N 26  
DA C8    H8     sing N N 27  
DA N7    C5     sing Y N 28  
DA C5    C6     sing Y N 29  
DA C5    C4     doub Y N 30  
DA C6    N6     sing N N 31  
DA C6    N1     doub Y N 32  
DA N6    H61    sing N N 33  
DA N6    H62    sing N N 34  
DA N1    C2     sing Y N 35  
DA C2    N3     doub Y N 36  
DA C2    H2     sing N N 37  
DA N3    C4     sing Y N 38  
DC OP3   P      sing N N 39  
DC OP3   HOP3   sing N N 40  
DC P     OP1    doub N N 41  
DC P     OP2    sing N N 42  
DC P     "O5'"  sing N N 43  
DC OP2   HOP2   sing N N 44  
DC "O5'" "C5'"  sing N N 45  
DC "C5'" "C4'"  sing N N 46  
DC "C5'" "H5'"  sing N N 47  
DC "C5'" "H5''" sing N N 48  
DC "C4'" "O4'"  sing N N 49  
DC "C4'" "C3'"  sing N N 50  
DC "C4'" "H4'"  sing N N 51  
DC "O4'" "C1'"  sing N N 52  
DC "C3'" "O3'"  sing N N 53  
DC "C3'" "C2'"  sing N N 54  
DC "C3'" "H3'"  sing N N 55  
DC "O3'" "HO3'" sing N N 56  
DC "C2'" "C1'"  sing N N 57  
DC "C2'" "H2'"  sing N N 58  
DC "C2'" "H2''" sing N N 59  
DC "C1'" N1     sing N N 60  
DC "C1'" "H1'"  sing N N 61  
DC N1    C2     sing N N 62  
DC N1    C6     sing N N 63  
DC C2    O2     doub N N 64  
DC C2    N3     sing N N 65  
DC N3    C4     doub N N 66  
DC C4    N4     sing N N 67  
DC C4    C5     sing N N 68  
DC N4    H41    sing N N 69  
DC N4    H42    sing N N 70  
DC C5    C6     doub N N 71  
DC C5    H5     sing N N 72  
DC C6    H6     sing N N 73  
DG OP3   P      sing N N 74  
DG OP3   HOP3   sing N N 75  
DG P     OP1    doub N N 76  
DG P     OP2    sing N N 77  
DG P     "O5'"  sing N N 78  
DG OP2   HOP2   sing N N 79  
DG "O5'" "C5'"  sing N N 80  
DG "C5'" "C4'"  sing N N 81  
DG "C5'" "H5'"  sing N N 82  
DG "C5'" "H5''" sing N N 83  
DG "C4'" "O4'"  sing N N 84  
DG "C4'" "C3'"  sing N N 85  
DG "C4'" "H4'"  sing N N 86  
DG "O4'" "C1'"  sing N N 87  
DG "C3'" "O3'"  sing N N 88  
DG "C3'" "C2'"  sing N N 89  
DG "C3'" "H3'"  sing N N 90  
DG "O3'" "HO3'" sing N N 91  
DG "C2'" "C1'"  sing N N 92  
DG "C2'" "H2'"  sing N N 93  
DG "C2'" "H2''" sing N N 94  
DG "C1'" N9     sing N N 95  
DG "C1'" "H1'"  sing N N 96  
DG N9    C8     sing Y N 97  
DG N9    C4     sing Y N 98  
DG C8    N7     doub Y N 99  
DG C8    H8     sing N N 100 
DG N7    C5     sing Y N 101 
DG C5    C6     sing N N 102 
DG C5    C4     doub Y N 103 
DG C6    O6     doub N N 104 
DG C6    N1     sing N N 105 
DG N1    C2     sing N N 106 
DG N1    H1     sing N N 107 
DG C2    N2     sing N N 108 
DG C2    N3     doub N N 109 
DG N2    H21    sing N N 110 
DG N2    H22    sing N N 111 
DG N3    C4     sing N N 112 
DT OP3   P      sing N N 113 
DT OP3   HOP3   sing N N 114 
DT P     OP1    doub N N 115 
DT P     OP2    sing N N 116 
DT P     "O5'"  sing N N 117 
DT OP2   HOP2   sing N N 118 
DT "O5'" "C5'"  sing N N 119 
DT "C5'" "C4'"  sing N N 120 
DT "C5'" "H5'"  sing N N 121 
DT "C5'" "H5''" sing N N 122 
DT "C4'" "O4'"  sing N N 123 
DT "C4'" "C3'"  sing N N 124 
DT "C4'" "H4'"  sing N N 125 
DT "O4'" "C1'"  sing N N 126 
DT "C3'" "O3'"  sing N N 127 
DT "C3'" "C2'"  sing N N 128 
DT "C3'" "H3'"  sing N N 129 
DT "O3'" "HO3'" sing N N 130 
DT "C2'" "C1'"  sing N N 131 
DT "C2'" "H2'"  sing N N 132 
DT "C2'" "H2''" sing N N 133 
DT "C1'" N1     sing N N 134 
DT "C1'" "H1'"  sing N N 135 
DT N1    C2     sing N N 136 
DT N1    C6     sing N N 137 
DT C2    O2     doub N N 138 
DT C2    N3     sing N N 139 
DT N3    C4     sing N N 140 
DT N3    H3     sing N N 141 
DT C4    O4     doub N N 142 
DT C4    C5     sing N N 143 
DT C5    C7     sing N N 144 
DT C5    C6     doub N N 145 
DT C7    H71    sing N N 146 
DT C7    H72    sing N N 147 
DT C7    H73    sing N N 148 
DT C6    H6     sing N N 149 
# 
loop_
_ndb_struct_conf_na.entry_id 
_ndb_struct_conf_na.feature 
8DCJ 'double helix'        
8DCJ 'a-form double helix' 
8DCJ 'b-form double helix' 
# 
loop_
_ndb_struct_na_base_pair.model_number 
_ndb_struct_na_base_pair.i_label_asym_id 
_ndb_struct_na_base_pair.i_label_comp_id 
_ndb_struct_na_base_pair.i_label_seq_id 
_ndb_struct_na_base_pair.i_symmetry 
_ndb_struct_na_base_pair.j_label_asym_id 
_ndb_struct_na_base_pair.j_label_comp_id 
_ndb_struct_na_base_pair.j_label_seq_id 
_ndb_struct_na_base_pair.j_symmetry 
_ndb_struct_na_base_pair.shear 
_ndb_struct_na_base_pair.stretch 
_ndb_struct_na_base_pair.stagger 
_ndb_struct_na_base_pair.buckle 
_ndb_struct_na_base_pair.propeller 
_ndb_struct_na_base_pair.opening 
_ndb_struct_na_base_pair.pair_number 
_ndb_struct_na_base_pair.pair_name 
_ndb_struct_na_base_pair.i_auth_asym_id 
_ndb_struct_na_base_pair.i_auth_seq_id 
_ndb_struct_na_base_pair.i_PDB_ins_code 
_ndb_struct_na_base_pair.j_auth_asym_id 
_ndb_struct_na_base_pair.j_auth_seq_id 
_ndb_struct_na_base_pair.j_PDB_ins_code 
_ndb_struct_na_base_pair.hbond_type_28 
_ndb_struct_na_base_pair.hbond_type_12 
1 A DA 2  1_555 C DT 7 1_555 1.300  0.063  0.492  2.533  -2.145  -6.950  1  A_DA2:DT14_C A 2  ? C 14 ? 20 1 
1 A DG 3  1_555 C DC 6 1_555 -0.199 -0.105 0.435  -0.946 -5.069  -1.226  2  A_DG3:DC13_C A 3  ? C 13 ? 19 1 
1 A DC 4  1_555 C DG 5 1_555 -1.016 0.119  0.532  -7.299 -7.113  -19.842 3  A_DC4:DG12_C A 4  ? C 12 ? ?  1 
1 A DA 5  1_555 C DT 4 1_555 1.636  0.028  0.458  -2.493 -3.922  -12.995 4  A_DA5:DT11_C A 5  ? C 11 ? 20 1 
1 A DG 6  1_555 C DC 3 1_555 -0.009 -0.355 1.307  12.422 -7.219  -4.202  5  A_DG6:DC10_C A 6  ? C 10 ? 19 1 
1 A DC 7  1_555 C DG 2 1_555 0.236  -0.343 0.940  6.775  -8.285  1.205   6  A_DC7:DG9_C  A 7  ? C 9  ? 19 1 
1 A DC 8  1_555 C DG 1 1_555 0.134  -0.168 0.242  -5.690 -18.213 -0.171  7  A_DC8:DG8_C  A 8  ? C 8  ? 19 1 
1 A DT 9  1_555 B DA 7 1_555 -0.427 -0.216 0.091  -4.922 -2.063  -0.952  8  A_DT9:DA7_B  A 9  ? B 7  ? 20 1 
1 A DG 10 1_555 B DC 6 1_555 -0.235 -0.061 0.326  -4.148 0.691   9.119   9  A_DG10:DC6_B A 10 ? B 6  ? 19 1 
1 A DT 11 1_555 B DA 5 1_555 -2.069 0.251  -0.265 7.927  5.689   -6.930  10 A_DT11:DA5_B A 11 ? B 5  ? 20 1 
1 A DA 12 1_555 B DT 4 1_555 0.105  -0.033 0.225  -0.483 -2.120  -3.964  11 A_DA12:DT4_B A 12 ? B 4  ? 20 1 
1 A DC 13 1_555 B DG 3 1_555 0.212  -0.289 0.694  -1.448 -1.125  1.852   12 A_DC13:DG3_B A 13 ? B 3  ? 19 1 
1 A DG 14 1_555 B DC 2 1_555 -0.141 -0.154 0.646  -4.395 -14.323 -5.328  13 A_DG14:DC2_B A 14 ? B 2  ? 19 1 
1 A DG 15 1_555 B DC 1 1_555 -0.157 -0.207 0.382  -3.904 -13.375 -5.167  14 A_DG15:DC1_B A 15 ? B 1  ? 19 1 
1 A DC 17 1_555 D DG 6 1_555 0.181  -0.328 1.225  1.122  -9.919  0.980   15 A_DC17:DG6_D A 17 ? D 6  ? 19 1 
1 A DA 18 1_555 D DT 5 1_555 0.218  -0.323 1.107  11.243 -3.638  -3.540  16 A_DA18:DT5_D A 18 ? D 5  ? 20 1 
1 A DT 19 1_555 D DA 4 1_555 -0.101 -0.141 0.287  6.847  -9.708  -2.686  17 A_DT19:DA4_D A 19 ? D 4  ? 20 1 
1 A DC 20 1_555 D DG 3 1_555 0.171  -0.244 -0.361 -4.110 -8.035  -0.158  18 A_DC20:DG3_D A 20 ? D 3  ? 19 1 
1 A DA 21 1_555 D DT 2 1_555 0.456  -0.172 -0.445 -4.928 -7.616  -2.770  19 A_DA21:DT2_D A 21 ? D 2  ? 20 1 
# 
loop_
_ndb_struct_na_base_pair_step.model_number 
_ndb_struct_na_base_pair_step.i_label_asym_id_1 
_ndb_struct_na_base_pair_step.i_label_comp_id_1 
_ndb_struct_na_base_pair_step.i_label_seq_id_1 
_ndb_struct_na_base_pair_step.i_symmetry_1 
_ndb_struct_na_base_pair_step.j_label_asym_id_1 
_ndb_struct_na_base_pair_step.j_label_comp_id_1 
_ndb_struct_na_base_pair_step.j_label_seq_id_1 
_ndb_struct_na_base_pair_step.j_symmetry_1 
_ndb_struct_na_base_pair_step.i_label_asym_id_2 
_ndb_struct_na_base_pair_step.i_label_comp_id_2 
_ndb_struct_na_base_pair_step.i_label_seq_id_2 
_ndb_struct_na_base_pair_step.i_symmetry_2 
_ndb_struct_na_base_pair_step.j_label_asym_id_2 
_ndb_struct_na_base_pair_step.j_label_comp_id_2 
_ndb_struct_na_base_pair_step.j_label_seq_id_2 
_ndb_struct_na_base_pair_step.j_symmetry_2 
_ndb_struct_na_base_pair_step.shift 
_ndb_struct_na_base_pair_step.slide 
_ndb_struct_na_base_pair_step.rise 
_ndb_struct_na_base_pair_step.tilt 
_ndb_struct_na_base_pair_step.roll 
_ndb_struct_na_base_pair_step.twist 
_ndb_struct_na_base_pair_step.x_displacement 
_ndb_struct_na_base_pair_step.y_displacement 
_ndb_struct_na_base_pair_step.helical_rise 
_ndb_struct_na_base_pair_step.inclination 
_ndb_struct_na_base_pair_step.tip 
_ndb_struct_na_base_pair_step.helical_twist 
_ndb_struct_na_base_pair_step.step_number 
_ndb_struct_na_base_pair_step.step_name 
_ndb_struct_na_base_pair_step.i_auth_asym_id_1 
_ndb_struct_na_base_pair_step.i_auth_seq_id_1 
_ndb_struct_na_base_pair_step.i_PDB_ins_code_1 
_ndb_struct_na_base_pair_step.j_auth_asym_id_1 
_ndb_struct_na_base_pair_step.j_auth_seq_id_1 
_ndb_struct_na_base_pair_step.j_PDB_ins_code_1 
_ndb_struct_na_base_pair_step.i_auth_asym_id_2 
_ndb_struct_na_base_pair_step.i_auth_seq_id_2 
_ndb_struct_na_base_pair_step.i_PDB_ins_code_2 
_ndb_struct_na_base_pair_step.j_auth_asym_id_2 
_ndb_struct_na_base_pair_step.j_auth_seq_id_2 
_ndb_struct_na_base_pair_step.j_PDB_ins_code_2 
1 A DA 2  1_555 C DT 7 1_555 A DG 3  1_555 C DC 6 1_555 -0.060 -0.946 3.242 -1.076  4.380   35.175 -2.180 -0.056 3.106 7.211   
1.771   35.454 1  AA_DA2DG3:DC13DT14_CC A 2  ? C 14 ? A 3  ? C 13 ? 
1 A DG 3  1_555 C DC 6 1_555 A DC 4  1_555 C DG 5 1_555 -0.765 -1.927 3.285 -1.807  0.302   22.370 -5.063 1.291  3.310 0.776   
4.646   22.444 2  AA_DG3DC4:DG12DC13_CC A 3  ? C 13 ? A 4  ? C 12 ? 
1 A DC 4  1_555 C DG 5 1_555 A DA 5  1_555 C DT 4 1_555 -0.237 -0.271 3.141 -1.637  5.607   48.413 -0.739 0.167  3.099 6.808   
1.988   48.743 3  AA_DC4DA5:DT11DG12_CC A 4  ? C 12 ? A 5  ? C 11 ? 
1 A DA 5  1_555 C DT 4 1_555 A DG 6  1_555 C DC 3 1_555 -0.017 -1.699 2.595 -12.487 9.154   25.233 -4.719 -1.860 1.713 18.859  
25.725  29.539 4  AA_DA5DG6:DC10DT11_CC A 5  ? C 11 ? A 6  ? C 10 ? 
1 A DG 6  1_555 C DC 3 1_555 A DC 7  1_555 C DG 2 1_555 0.445  -2.134 3.444 -2.641  -1.418  27.942 -4.041 -1.577 3.489 -2.927  
5.449   28.099 5  AA_DG6DC7:DG9DC10_CC  A 6  ? C 10 ? A 7  ? C 9  ? 
1 A DC 7  1_555 C DG 2 1_555 A DC 8  1_555 C DG 1 1_555 -0.512 -1.036 3.600 -0.953  -9.979  44.350 -0.339 0.567  3.746 -13.022 
1.243   45.413 6  AA_DC7DC8:DG8DG9_CC   A 7  ? C 9  ? A 8  ? C 8  ? 
1 A DC 8  1_555 C DG 1 1_555 A DT 9  1_555 B DA 7 1_555 -2.039 -0.794 3.569 -2.147  -8.823  22.773 1.317  4.030  3.780 -21.290 
5.180   24.495 7  AA_DC8DT9:DA7DG8_BC   A 8  ? C 8  ? A 9  ? B 7  ? 
1 A DT 9  1_555 B DA 7 1_555 A DG 10 1_555 B DC 6 1_555 0.126  -0.300 3.599 -1.589  4.151   28.079 -1.653 -0.656 3.507 8.487   
3.250   28.422 8  AA_DT9DG10:DC6DA7_BB  A 9  ? B 7  ? A 10 ? B 6  ? 
1 A DG 10 1_555 B DC 6 1_555 A DT 11 1_555 B DA 5 1_555 -1.000 -0.210 3.110 6.433   6.240   19.800 -2.767 4.932  2.486 17.062  
-17.588 21.715 9  AA_DG10DT11:DA5DC6_BB A 10 ? B 6  ? A 11 ? B 5  ? 
1 A DT 11 1_555 B DA 5 1_555 A DA 12 1_555 B DT 4 1_555 -0.523 -0.164 3.568 -3.590  3.224   50.363 -0.442 0.334  3.578 3.778   
4.208   50.578 10 AA_DT11DA12:DT4DA5_BB A 11 ? B 5  ? A 12 ? B 4  ? 
1 A DA 12 1_555 B DT 4 1_555 A DC 13 1_555 B DG 3 1_555 0.175  -0.701 3.411 -0.249  0.754   31.948 -1.416 -0.365 3.393 1.369   
0.453   31.957 11 AA_DA12DC13:DG3DT4_BB A 12 ? B 4  ? A 13 ? B 3  ? 
1 A DC 13 1_555 B DG 3 1_555 A DG 14 1_555 B DC 2 1_555 -0.616 2.565  3.595 -2.064  -5.105  42.853 4.014  0.623  3.307 -6.953  
2.811   43.189 12 AA_DC13DG14:DC2DG3_BB A 13 ? B 3  ? A 14 ? B 2  ? 
1 A DG 14 1_555 B DC 2 1_555 A DG 15 1_555 B DC 1 1_555 0.127  1.125  3.626 -4.566  1.888   45.096 1.273  -0.616 3.639 2.452   
5.932   45.352 13 AA_DG14DG15:DC1DC2_BB A 14 ? B 2  ? A 15 ? B 1  ? 
1 A DG 15 1_555 B DC 1 1_555 A DC 17 1_555 D DG 6 1_555 -0.966 -0.960 6.272 -16.972 -0.411  51.049 -1.013 -1.031 6.284 -0.463  
19.099  53.618 14 AA_DG15DC17:DG6DC1_DB A 15 ? B 1  ? A 17 ? D 6  ? 
1 A DC 17 1_555 D DG 6 1_555 A DA 18 1_555 D DT 5 1_555 -0.355 0.048  2.841 -2.896  -14.757 41.051 1.305  0.234  2.689 -20.243 
3.973   43.607 15 AA_DC17DA18:DT5DG6_DD A 17 ? D 6  ? A 18 ? D 5  ? 
1 A DA 18 1_555 D DT 5 1_555 A DT 19 1_555 D DA 4 1_555 0.226  -1.142 3.394 4.586   -1.806  35.056 -1.599 0.338  3.448 -2.981  
-7.568  35.390 16 AA_DA18DT19:DA4DT5_DD A 18 ? D 5  ? A 19 ? D 4  ? 
1 A DT 19 1_555 D DA 4 1_555 A DC 20 1_555 D DG 3 1_555 0.151  -0.132 3.350 4.434   -6.501  41.559 0.503  0.258  3.331 -9.065  
-6.183  42.265 17 AA_DT19DC20:DG3DA4_DD A 19 ? D 4  ? A 20 ? D 3  ? 
1 A DC 20 1_555 D DG 3 1_555 A DA 21 1_555 D DT 2 1_555 -0.069 -0.587 3.636 3.454   3.513   28.296 -2.053 0.994  3.505 7.118   
-6.999  28.713 18 AA_DC20DA21:DT2DG3_DD A 20 ? D 3  ? A 21 ? D 2  ? 
# 
loop_
_pdbx_audit_support.funding_organization 
_pdbx_audit_support.country 
_pdbx_audit_support.grant_number 
_pdbx_audit_support.ordinal 
'National Science Foundation (NSF, United States)' 'United States' CTS1120890    1 
'National Science Foundation (NSF, United States)' 'United States' CCF-1117210   2 
'National Science Foundation (NSF, United States)' 'United States' EFRI-1332411  3 
'National Science Foundation (NSF, United States)' 'United States' CHE-1708776   4 
'Office of Naval Research (ONR)'                   'United States' N000141110729 5 
'Office of Naval Research (ONR)'                   'United States' N000140911118 6 
'Department of Energy (DOE, United States)'        'United States' DESC0007991   7 
# 
_pdbx_initial_refinement_model.id               1 
_pdbx_initial_refinement_model.entity_id_list   ? 
_pdbx_initial_refinement_model.type             'experimental model' 
_pdbx_initial_refinement_model.source_name      PDB 
_pdbx_initial_refinement_model.accession_code   5W6W 
_pdbx_initial_refinement_model.details          ? 
# 
_pdbx_struct_assembly_auth_evidence.id                     1 
_pdbx_struct_assembly_auth_evidence.assembly_id            1 
_pdbx_struct_assembly_auth_evidence.experimental_support   'native gel electrophoresis' 
_pdbx_struct_assembly_auth_evidence.details                ? 
# 
_space_group.name_H-M_alt     'R 3 :H' 
_space_group.name_Hall        'R 3' 
_space_group.IT_number        146 
_space_group.crystal_system   trigonal 
_space_group.id               1 
# 
